data_4WY8
#
_entry.id   4WY8
#
_cell.length_a   151.125
_cell.length_b   49.675
_cell.length_c   183.214
_cell.angle_alpha   90.00
_cell.angle_beta   111.57
_cell.angle_gamma   90.00
#
_symmetry.space_group_name_H-M   'C 1 2 1'
#
loop_
_entity.id
_entity.type
_entity.pdbx_description
1 polymer esterase
2 water water
#
_entity_poly.entity_id   1
_entity_poly.type   'polypeptide(L)'
_entity_poly.pdbx_seq_one_letter_code
;MAPTVKLKPYCQNIADAATIDSTQYPPEVVRKAEAASIIDDPKALEGLPDVYLEEKTINRKNGSKIELTITRPLDTENQV
LPPIVFFHGGGWVVGSKLTHRRTVYELTVRARAAVIFVNYSLSPEVRFPTALEECLDAVVWVAKEENAKSINVDPTKLVV
AGDSAGGNLSAVVCIRAKQLGLNIIKGQVLIYPVTDDNFETDSYKQFAENYYLTRKLMVWFFDHYIPDKKDRQSIFACPL
KASIDDLRVLPRALVITAEADVLREEGEAYARKLIEAGNDVTAVRYLGIIHGIFNLATLSPTGSEILDHIVAWLQKTWKL
EHHHHHH
;
_entity_poly.pdbx_strand_id   A,B,C,D
#
# COMPACT_ATOMS: atom_id res chain seq x y z
N PRO A 3 30.82 25.05 8.73
CA PRO A 3 29.46 25.37 9.18
C PRO A 3 29.07 24.65 10.46
N THR A 4 28.23 25.28 11.28
CA THR A 4 27.76 24.65 12.49
C THR A 4 26.57 23.73 12.15
N VAL A 5 26.60 22.53 12.69
CA VAL A 5 25.61 21.52 12.37
C VAL A 5 24.24 21.91 12.91
N LYS A 6 23.23 21.85 12.05
CA LYS A 6 21.87 22.04 12.51
C LYS A 6 21.20 20.68 12.40
N LEU A 7 20.91 20.07 13.54
CA LEU A 7 20.22 18.79 13.54
C LEU A 7 18.74 19.00 13.32
N LYS A 8 18.10 18.01 12.72
CA LYS A 8 16.64 17.97 12.69
C LYS A 8 16.12 17.62 14.09
N PRO A 9 14.90 18.10 14.42
CA PRO A 9 14.25 17.92 15.72
C PRO A 9 14.34 16.50 16.30
N TYR A 10 13.95 15.48 15.55
CA TYR A 10 13.98 14.11 16.04
C TYR A 10 15.39 13.71 16.49
N CYS A 11 16.36 13.98 15.63
CA CYS A 11 17.76 13.60 15.85
C CYS A 11 18.37 14.40 17.01
N GLN A 12 17.95 15.66 17.13
CA GLN A 12 18.34 16.46 18.29
C GLN A 12 17.85 15.78 19.57
N ASN A 13 16.55 15.47 19.57
CA ASN A 13 15.94 14.82 20.69
C ASN A 13 16.69 13.56 21.11
N ILE A 14 17.00 12.70 20.13
CA ILE A 14 17.75 11.48 20.39
C ILE A 14 19.11 11.81 20.99
N ALA A 15 19.81 12.77 20.39
CA ALA A 15 21.13 13.11 20.86
C ALA A 15 21.11 13.51 22.33
N ASP A 16 20.11 14.28 22.74
CA ASP A 16 20.05 14.73 24.14
C ASP A 16 19.50 13.64 25.07
N ALA A 17 18.74 12.71 24.51
CA ALA A 17 18.13 11.64 25.29
C ALA A 17 19.16 10.64 25.80
N ALA A 18 20.20 10.41 24.99
CA ALA A 18 21.24 9.46 25.36
C ALA A 18 21.92 9.90 26.65
N THR A 19 21.54 9.26 27.75
CA THR A 19 21.95 9.67 29.09
C THR A 19 22.29 8.49 29.97
N ILE A 20 23.15 7.59 29.49
CA ILE A 20 23.62 6.46 30.28
C ILE A 20 24.83 5.86 29.57
N ASP A 21 25.88 5.58 30.33
CA ASP A 21 27.10 5.04 29.75
C ASP A 21 27.04 3.53 29.64
N SER A 22 26.87 3.02 28.43
CA SER A 22 26.85 1.58 28.25
C SER A 22 28.22 0.93 28.47
N THR A 23 29.29 1.72 28.31
CA THR A 23 30.64 1.18 28.46
C THR A 23 30.93 0.80 29.90
N GLN A 24 30.04 1.16 30.82
CA GLN A 24 30.26 0.85 32.24
C GLN A 24 29.61 -0.46 32.64
N TYR A 25 28.92 -1.09 31.69
CA TYR A 25 28.19 -2.31 31.98
C TYR A 25 28.64 -3.48 31.13
N PRO A 26 28.40 -4.71 31.61
CA PRO A 26 28.60 -5.90 30.79
C PRO A 26 27.61 -5.99 29.62
N PRO A 27 28.06 -6.52 28.47
CA PRO A 27 27.21 -6.58 27.27
C PRO A 27 25.82 -7.22 27.46
N GLU A 28 25.67 -8.32 28.22
CA GLU A 28 24.34 -8.92 28.44
C GLU A 28 23.36 -7.92 29.12
N VAL A 29 23.89 -7.10 30.02
CA VAL A 29 23.09 -6.10 30.72
C VAL A 29 22.64 -4.99 29.78
N VAL A 30 23.58 -4.52 28.97
CA VAL A 30 23.31 -3.52 27.95
C VAL A 30 22.23 -4.02 26.97
N ARG A 31 22.37 -5.26 26.50
CA ARG A 31 21.39 -5.85 25.58
C ARG A 31 20.00 -5.95 26.18
N LYS A 32 19.93 -6.36 27.46
CA LYS A 32 18.63 -6.45 28.13
C LYS A 32 17.99 -5.06 28.30
N ALA A 33 18.80 -4.06 28.66
CA ALA A 33 18.31 -2.68 28.77
C ALA A 33 17.81 -2.16 27.42
N GLU A 34 18.51 -2.51 26.35
CA GLU A 34 18.15 -2.13 24.99
C GLU A 34 16.80 -2.71 24.60
N ALA A 35 16.66 -4.02 24.83
CA ALA A 35 15.40 -4.71 24.57
C ALA A 35 14.26 -4.04 25.33
N ALA A 36 14.51 -3.72 26.60
CA ALA A 36 13.49 -3.07 27.42
C ALA A 36 13.11 -1.71 26.86
N SER A 37 14.10 -0.94 26.42
CA SER A 37 13.85 0.38 25.85
C SER A 37 13.00 0.27 24.58
N ILE A 38 13.12 -0.82 23.83
CA ILE A 38 12.19 -0.97 22.72
C ILE A 38 10.77 -1.38 23.19
N ILE A 39 10.68 -2.43 24.02
CA ILE A 39 9.38 -2.94 24.43
C ILE A 39 8.56 -1.90 25.21
N ASP A 40 9.25 -1.10 26.02
CA ASP A 40 8.63 -0.08 26.86
C ASP A 40 8.37 1.27 26.17
N ASP A 41 8.84 1.42 24.93
CA ASP A 41 8.52 2.64 24.19
C ASP A 41 7.04 2.57 23.81
N PRO A 42 6.27 3.60 24.16
CA PRO A 42 4.82 3.57 23.91
C PRO A 42 4.46 3.75 22.43
N LYS A 43 5.43 4.18 21.64
CA LYS A 43 5.25 4.43 20.22
C LYS A 43 5.77 3.27 19.36
N ALA A 44 6.36 2.28 20.03
CA ALA A 44 7.09 1.21 19.34
C ALA A 44 6.27 0.44 18.33
N LEU A 45 4.96 0.34 18.58
CA LEU A 45 4.06 -0.45 17.74
C LEU A 45 3.20 0.45 16.83
N GLU A 46 3.20 1.75 17.11
CA GLU A 46 2.37 2.67 16.33
C GLU A 46 2.82 2.75 14.89
N GLY A 47 1.88 2.49 13.97
CA GLY A 47 2.15 2.58 12.54
C GLY A 47 3.09 1.51 12.03
N LEU A 48 3.31 0.49 12.85
CA LEU A 48 4.15 -0.62 12.45
C LEU A 48 3.43 -1.44 11.36
N PRO A 49 4.07 -1.61 10.19
CA PRO A 49 3.47 -2.38 9.09
C PRO A 49 3.27 -3.83 9.46
N ASP A 50 2.28 -4.46 8.86
CA ASP A 50 2.03 -5.89 9.01
C ASP A 50 2.90 -6.71 8.08
N VAL A 51 3.53 -7.76 8.61
CA VAL A 51 4.37 -8.60 7.77
C VAL A 51 4.11 -10.05 8.08
N TYR A 52 4.37 -10.89 7.10
CA TYR A 52 4.44 -12.32 7.30
C TYR A 52 5.84 -12.64 7.79
N LEU A 53 5.97 -13.22 8.99
CA LEU A 53 7.30 -13.50 9.55
C LEU A 53 7.52 -15.00 9.73
N GLU A 54 8.73 -15.44 9.40
CA GLU A 54 9.14 -16.83 9.52
C GLU A 54 10.50 -16.93 10.19
N GLU A 55 10.63 -17.84 11.14
CA GLU A 55 11.93 -18.05 11.78
C GLU A 55 12.50 -19.32 11.14
N LYS A 56 13.72 -19.20 10.63
CA LYS A 56 14.34 -20.27 9.84
C LYS A 56 15.74 -20.59 10.32
N THR A 57 16.04 -21.86 10.51
CA THR A 57 17.37 -22.24 10.95
C THR A 57 18.10 -22.91 9.83
N ILE A 58 19.30 -22.43 9.49
CA ILE A 58 20.08 -23.18 8.53
C ILE A 58 21.17 -23.88 9.35
N ASN A 59 21.29 -25.18 9.11
CA ASN A 59 22.21 -26.08 9.81
C ASN A 59 23.50 -26.33 9.05
N ARG A 60 24.63 -25.89 9.60
CA ARG A 60 25.92 -26.15 8.93
C ARG A 60 26.37 -27.59 9.12
N LYS A 61 27.58 -27.86 8.62
CA LYS A 61 28.08 -29.21 8.41
C LYS A 61 28.28 -29.98 9.71
N ASN A 62 28.76 -29.27 10.73
CA ASN A 62 29.15 -29.90 11.98
C ASN A 62 28.03 -29.99 12.99
N GLY A 63 26.96 -29.23 12.78
CA GLY A 63 25.80 -29.30 13.63
C GLY A 63 25.46 -27.93 14.18
N SER A 64 26.21 -26.92 13.74
CA SER A 64 25.99 -25.56 14.24
C SER A 64 24.87 -24.90 13.44
N LYS A 65 24.29 -23.85 14.02
CA LYS A 65 23.14 -23.20 13.42
C LYS A 65 23.32 -21.70 13.17
N ILE A 66 22.78 -21.25 12.05
CA ILE A 66 22.60 -19.83 11.81
C ILE A 66 21.10 -19.56 11.88
N GLU A 67 20.71 -18.61 12.73
CA GLU A 67 19.31 -18.21 12.81
C GLU A 67 18.98 -17.05 11.89
N LEU A 68 18.00 -17.30 11.01
CA LEU A 68 17.46 -16.31 10.08
C LEU A 68 16.06 -15.91 10.48
N THR A 69 15.77 -14.61 10.40
CA THR A 69 14.40 -14.09 10.54
C THR A 69 13.98 -13.53 9.18
N ILE A 70 12.98 -14.14 8.56
CA ILE A 70 12.56 -13.73 7.23
C ILE A 70 11.21 -13.03 7.25
N THR A 71 11.17 -11.78 6.80
CA THR A 71 9.89 -11.06 6.76
C THR A 71 9.47 -10.79 5.32
N ARG A 72 8.18 -10.90 5.02
CA ARG A 72 7.70 -10.52 3.69
C ARG A 72 6.34 -9.83 3.77
N PRO A 73 5.94 -9.10 2.72
CA PRO A 73 4.62 -8.47 2.79
C PRO A 73 3.53 -9.54 2.86
N LEU A 74 2.40 -9.22 3.48
CA LEU A 74 1.23 -10.10 3.47
C LEU A 74 0.74 -10.26 2.05
N ASP A 75 0.06 -11.37 1.77
CA ASP A 75 -0.49 -11.60 0.42
C ASP A 75 0.61 -11.69 -0.66
N THR A 76 1.71 -12.34 -0.32
CA THR A 76 2.78 -12.67 -1.29
C THR A 76 3.08 -14.18 -1.22
N GLU A 77 2.13 -14.96 -0.70
CA GLU A 77 2.33 -16.38 -0.40
C GLU A 77 2.85 -17.23 -1.58
N ASN A 78 2.35 -16.97 -2.77
CA ASN A 78 2.79 -17.72 -3.94
C ASN A 78 3.59 -16.84 -4.90
N GLN A 79 4.19 -15.79 -4.36
CA GLN A 79 5.01 -14.88 -5.17
C GLN A 79 6.49 -15.05 -4.88
N VAL A 80 7.31 -14.99 -5.92
CA VAL A 80 8.75 -15.03 -5.73
C VAL A 80 9.25 -13.58 -5.59
N LEU A 81 9.94 -13.29 -4.49
CA LEU A 81 10.35 -11.92 -4.18
C LEU A 81 11.87 -11.73 -4.27
N PRO A 82 12.32 -10.49 -4.51
CA PRO A 82 13.77 -10.27 -4.35
C PRO A 82 14.20 -10.42 -2.90
N PRO A 83 15.36 -11.03 -2.68
CA PRO A 83 15.81 -11.19 -1.30
C PRO A 83 16.78 -10.10 -0.91
N ILE A 84 16.55 -9.54 0.27
CA ILE A 84 17.47 -8.59 0.86
C ILE A 84 18.04 -9.23 2.11
N VAL A 85 19.32 -9.54 2.10
CA VAL A 85 19.96 -10.09 3.26
C VAL A 85 20.49 -8.94 4.10
N PHE A 86 20.00 -8.84 5.33
CA PHE A 86 20.19 -7.65 6.14
C PHE A 86 21.07 -7.96 7.35
N PHE A 87 22.08 -7.12 7.56
CA PHE A 87 22.96 -7.22 8.72
C PHE A 87 22.83 -5.98 9.62
N HIS A 88 22.40 -6.22 10.85
CA HIS A 88 22.06 -5.13 11.74
C HIS A 88 23.27 -4.52 12.41
N GLY A 89 23.12 -3.27 12.83
CA GLY A 89 24.17 -2.57 13.53
C GLY A 89 24.08 -2.86 15.02
N GLY A 90 24.92 -2.19 15.80
CA GLY A 90 24.98 -2.47 17.21
C GLY A 90 26.42 -2.71 17.63
N GLY A 91 27.34 -2.24 16.81
CA GLY A 91 28.76 -2.30 17.15
C GLY A 91 29.32 -3.70 17.33
N TRP A 92 28.65 -4.68 16.72
CA TRP A 92 28.96 -6.12 16.82
C TRP A 92 28.69 -6.67 18.23
N VAL A 93 28.08 -5.87 19.09
CA VAL A 93 27.95 -6.25 20.49
C VAL A 93 26.48 -6.30 20.93
N VAL A 94 25.69 -5.35 20.42
CA VAL A 94 24.26 -5.29 20.71
C VAL A 94 23.42 -5.27 19.41
N GLY A 95 22.13 -4.99 19.53
CA GLY A 95 21.26 -4.99 18.36
C GLY A 95 20.57 -6.34 18.19
N SER A 96 19.39 -6.31 17.60
CA SER A 96 18.58 -7.54 17.47
C SER A 96 17.50 -7.32 16.44
N LYS A 97 16.71 -8.35 16.21
CA LYS A 97 15.53 -8.22 15.37
C LYS A 97 14.51 -7.26 15.96
N LEU A 98 14.61 -7.01 17.26
CA LEU A 98 13.70 -6.11 17.95
C LEU A 98 14.14 -4.65 17.76
N THR A 99 15.43 -4.37 17.93
CA THR A 99 15.88 -2.99 17.74
C THR A 99 15.67 -2.55 16.30
N HIS A 100 15.74 -3.49 15.37
CA HIS A 100 15.66 -3.13 13.96
C HIS A 100 14.33 -3.52 13.35
N ARG A 101 13.39 -3.89 14.21
CA ARG A 101 12.07 -4.29 13.75
C ARG A 101 11.43 -3.20 12.90
N ARG A 102 11.49 -1.97 13.38
CA ARG A 102 10.85 -0.88 12.65
C ARG A 102 11.43 -0.76 11.23
N THR A 103 12.76 -0.63 11.17
CA THR A 103 13.47 -0.50 9.92
C THR A 103 13.18 -1.66 8.96
N VAL A 104 13.26 -2.88 9.48
CA VAL A 104 13.08 -4.09 8.69
C VAL A 104 11.64 -4.25 8.19
N TYR A 105 10.65 -4.02 9.05
CA TYR A 105 9.25 -4.13 8.60
C TYR A 105 8.95 -3.10 7.53
N GLU A 106 9.43 -1.86 7.74
CA GLU A 106 9.21 -0.81 6.72
C GLU A 106 9.88 -1.14 5.38
N LEU A 107 11.13 -1.58 5.43
CA LEU A 107 11.85 -1.95 4.23
C LEU A 107 11.13 -3.09 3.50
N THR A 108 10.69 -4.07 4.28
CA THR A 108 9.93 -5.20 3.77
C THR A 108 8.74 -4.74 2.97
N VAL A 109 7.88 -3.88 3.55
CA VAL A 109 6.67 -3.56 2.79
C VAL A 109 6.89 -2.49 1.72
N ARG A 110 7.87 -1.62 1.91
CA ARG A 110 8.11 -0.59 0.89
C ARG A 110 8.79 -1.19 -0.33
N ALA A 111 9.72 -2.11 -0.13
CA ALA A 111 10.44 -2.72 -1.24
C ALA A 111 9.67 -3.90 -1.82
N ARG A 112 8.67 -4.37 -1.07
CA ARG A 112 7.95 -5.61 -1.41
C ARG A 112 8.97 -6.72 -1.64
N ALA A 113 9.79 -6.96 -0.63
CA ALA A 113 10.89 -7.89 -0.71
C ALA A 113 10.82 -8.84 0.44
N ALA A 114 11.55 -9.95 0.35
CA ALA A 114 11.79 -10.78 1.52
C ALA A 114 13.05 -10.27 2.19
N VAL A 115 12.91 -9.75 3.40
CA VAL A 115 14.11 -9.33 4.12
C VAL A 115 14.59 -10.51 4.97
N ILE A 116 15.82 -10.91 4.70
CA ILE A 116 16.42 -12.02 5.40
C ILE A 116 17.43 -11.49 6.42
N PHE A 117 16.97 -11.48 7.66
CA PHE A 117 17.68 -10.92 8.79
C PHE A 117 18.56 -11.97 9.46
N VAL A 118 19.86 -11.78 9.41
CA VAL A 118 20.76 -12.75 9.99
C VAL A 118 20.99 -12.42 11.45
N ASN A 119 20.58 -13.34 12.33
CA ASN A 119 20.86 -13.15 13.75
C ASN A 119 22.26 -13.65 14.06
N TYR A 120 23.28 -12.88 13.69
CA TYR A 120 24.66 -13.35 13.84
C TYR A 120 25.13 -13.31 15.31
N SER A 121 26.21 -14.03 15.60
CA SER A 121 26.74 -14.12 16.96
C SER A 121 27.39 -12.82 17.37
N LEU A 122 26.99 -12.34 18.54
CA LEU A 122 27.49 -11.05 19.02
C LEU A 122 28.79 -11.20 19.82
N SER A 123 29.57 -10.12 19.85
CA SER A 123 30.80 -10.06 20.64
C SER A 123 30.49 -9.49 22.04
N PRO A 124 31.34 -9.74 23.04
CA PRO A 124 32.62 -10.46 23.03
C PRO A 124 32.48 -11.97 23.15
N GLU A 125 31.27 -12.53 23.24
CA GLU A 125 31.15 -13.97 23.37
C GLU A 125 31.81 -14.68 22.18
N VAL A 126 31.76 -14.06 21.00
CA VAL A 126 32.63 -14.49 19.92
C VAL A 126 33.43 -13.26 19.50
N ARG A 127 34.53 -13.47 18.79
CA ARG A 127 35.31 -12.36 18.29
C ARG A 127 35.22 -12.38 16.76
N PHE A 128 35.69 -11.32 16.14
CA PHE A 128 36.03 -11.35 14.73
C PHE A 128 36.88 -12.61 14.49
N PRO A 129 36.63 -13.34 13.38
CA PRO A 129 35.68 -13.07 12.30
C PRO A 129 34.48 -14.00 12.25
N THR A 130 33.99 -14.40 13.41
CA THR A 130 32.93 -15.38 13.47
C THR A 130 31.63 -14.89 12.83
N ALA A 131 31.21 -13.68 13.20
CA ALA A 131 29.97 -13.11 12.66
C ALA A 131 30.03 -13.00 11.14
N LEU A 132 31.15 -12.51 10.63
CA LEU A 132 31.38 -12.37 9.19
C LEU A 132 31.16 -13.67 8.43
N GLU A 133 31.70 -14.74 8.98
CA GLU A 133 31.55 -16.06 8.40
C GLU A 133 30.11 -16.56 8.47
N GLU A 134 29.42 -16.26 9.56
CA GLU A 134 27.99 -16.57 9.60
C GLU A 134 27.21 -15.84 8.49
N CYS A 135 27.53 -14.57 8.28
CA CYS A 135 26.81 -13.75 7.30
C CYS A 135 27.05 -14.22 5.86
N LEU A 136 28.31 -14.52 5.59
CA LEU A 136 28.70 -15.05 4.31
C LEU A 136 27.99 -16.36 4.08
N ASP A 137 28.01 -17.23 5.09
CA ASP A 137 27.29 -18.49 4.98
C ASP A 137 25.79 -18.32 4.70
N ALA A 138 25.19 -17.30 5.31
CA ALA A 138 23.78 -17.00 5.07
C ALA A 138 23.51 -16.55 3.63
N VAL A 139 24.33 -15.64 3.12
CA VAL A 139 24.20 -15.22 1.71
C VAL A 139 24.37 -16.41 0.76
N VAL A 140 25.41 -17.21 1.01
CA VAL A 140 25.67 -18.40 0.18
C VAL A 140 24.48 -19.35 0.21
N TRP A 141 23.88 -19.50 1.39
CA TRP A 141 22.69 -20.34 1.53
C TRP A 141 21.52 -19.78 0.70
N VAL A 142 21.25 -18.48 0.82
CA VAL A 142 20.14 -17.87 0.09
C VAL A 142 20.34 -17.93 -1.44
N ALA A 143 21.58 -17.74 -1.90
CA ALA A 143 21.85 -17.70 -3.35
C ALA A 143 21.68 -19.06 -4.06
N LYS A 144 21.71 -20.14 -3.28
CA LYS A 144 21.60 -21.48 -3.81
C LYS A 144 20.16 -21.75 -4.30
N GLU A 145 20.03 -22.23 -5.54
CA GLU A 145 18.73 -22.31 -6.21
C GLU A 145 17.61 -23.00 -5.44
N GLU A 146 17.90 -24.19 -4.95
CA GLU A 146 16.90 -24.98 -4.26
C GLU A 146 16.48 -24.36 -2.93
N ASN A 147 17.44 -23.72 -2.25
CA ASN A 147 17.13 -22.97 -1.04
C ASN A 147 16.23 -21.77 -1.34
N ALA A 148 16.56 -21.02 -2.38
CA ALA A 148 15.77 -19.87 -2.77
C ALA A 148 14.35 -20.29 -3.14
N LYS A 149 14.22 -21.42 -3.85
CA LYS A 149 12.87 -21.93 -4.11
C LYS A 149 12.15 -22.25 -2.83
N SER A 150 12.86 -22.82 -1.88
CA SER A 150 12.23 -23.19 -0.62
C SER A 150 11.67 -22.00 0.15
N ILE A 151 12.26 -20.81 -0.02
CA ILE A 151 11.69 -19.65 0.69
C ILE A 151 11.07 -18.63 -0.27
N ASN A 152 10.74 -19.08 -1.49
CA ASN A 152 10.12 -18.21 -2.50
C ASN A 152 10.78 -16.86 -2.72
N VAL A 153 12.10 -16.88 -2.91
CA VAL A 153 12.84 -15.68 -3.33
C VAL A 153 13.61 -15.97 -4.62
N ASP A 154 13.96 -14.92 -5.34
CA ASP A 154 14.71 -14.99 -6.58
C ASP A 154 16.17 -14.65 -6.39
N PRO A 155 17.02 -15.67 -6.40
CA PRO A 155 18.44 -15.45 -6.09
C PRO A 155 19.14 -14.55 -7.10
N THR A 156 18.56 -14.31 -8.26
CA THR A 156 19.20 -13.39 -9.22
C THR A 156 19.07 -11.91 -8.81
N LYS A 157 18.32 -11.65 -7.74
CA LYS A 157 18.16 -10.27 -7.27
C LYS A 157 18.70 -10.05 -5.84
N LEU A 158 19.44 -11.02 -5.33
CA LEU A 158 19.97 -10.93 -3.99
C LEU A 158 20.80 -9.65 -3.78
N VAL A 159 20.49 -8.92 -2.72
CA VAL A 159 21.27 -7.76 -2.31
CA VAL A 159 21.23 -7.73 -2.31
C VAL A 159 21.59 -7.87 -0.83
N VAL A 160 22.74 -7.32 -0.42
CA VAL A 160 23.05 -7.27 1.01
C VAL A 160 22.88 -5.83 1.47
N ALA A 161 22.46 -5.65 2.71
CA ALA A 161 22.24 -4.33 3.24
C ALA A 161 22.45 -4.36 4.73
N GLY A 162 22.97 -3.28 5.28
CA GLY A 162 23.21 -3.25 6.70
C GLY A 162 23.55 -1.88 7.21
N ASP A 163 23.32 -1.69 8.50
CA ASP A 163 23.57 -0.35 9.08
C ASP A 163 24.72 -0.35 10.06
N SER A 164 25.57 0.67 10.01
CA SER A 164 26.61 0.80 11.01
C SER A 164 27.59 -0.41 10.97
N ALA A 165 27.69 -1.16 12.07
CA ALA A 165 28.51 -2.38 12.06
C ALA A 165 27.96 -3.42 11.05
N GLY A 166 26.66 -3.39 10.80
CA GLY A 166 26.05 -4.20 9.75
C GLY A 166 26.44 -3.74 8.34
N GLY A 167 26.72 -2.45 8.18
CA GLY A 167 27.25 -1.93 6.92
C GLY A 167 28.67 -2.43 6.70
N ASN A 168 29.47 -2.45 7.77
CA ASN A 168 30.78 -3.08 7.74
C ASN A 168 30.61 -4.52 7.25
N LEU A 169 29.75 -5.28 7.94
CA LEU A 169 29.54 -6.67 7.54
C LEU A 169 29.12 -6.79 6.06
N SER A 170 28.23 -5.94 5.58
CA SER A 170 27.81 -5.99 4.17
C SER A 170 29.03 -5.80 3.24
N ALA A 171 29.80 -4.75 3.53
CA ALA A 171 30.99 -4.45 2.70
C ALA A 171 31.97 -5.63 2.61
N VAL A 172 32.31 -6.16 3.79
CA VAL A 172 33.33 -7.20 3.83
C VAL A 172 32.80 -8.57 3.37
N VAL A 173 31.51 -8.83 3.55
CA VAL A 173 30.92 -10.02 2.95
C VAL A 173 31.03 -9.90 1.42
N CYS A 174 30.83 -8.70 0.87
CA CYS A 174 31.04 -8.53 -0.57
C CYS A 174 32.49 -8.83 -1.00
N ILE A 175 33.47 -8.21 -0.32
CA ILE A 175 34.89 -8.49 -0.67
C ILE A 175 35.20 -10.00 -0.57
N ARG A 176 34.69 -10.61 0.50
CA ARG A 176 34.92 -12.02 0.72
C ARG A 176 34.31 -12.92 -0.37
N ALA A 177 33.07 -12.65 -0.76
CA ALA A 177 32.45 -13.43 -1.82
C ALA A 177 33.23 -13.25 -3.13
N LYS A 178 33.73 -12.04 -3.36
CA LYS A 178 34.57 -11.83 -4.53
C LYS A 178 35.80 -12.73 -4.50
N GLN A 179 36.46 -12.79 -3.34
CA GLN A 179 37.65 -13.65 -3.21
C GLN A 179 37.36 -15.15 -3.40
N LEU A 180 36.13 -15.57 -3.12
CA LEU A 180 35.71 -16.96 -3.36
C LEU A 180 35.16 -17.19 -4.79
N GLY A 181 35.32 -16.19 -5.65
CA GLY A 181 34.89 -16.29 -7.04
C GLY A 181 33.38 -16.38 -7.23
N LEU A 182 32.62 -15.88 -6.26
CA LEU A 182 31.16 -15.93 -6.35
C LEU A 182 30.57 -14.64 -6.95
N ASN A 183 29.57 -14.79 -7.80
CA ASN A 183 28.89 -13.65 -8.37
C ASN A 183 27.44 -13.66 -7.94
N ILE A 184 27.23 -13.86 -6.64
CA ILE A 184 25.90 -14.10 -6.13
C ILE A 184 25.25 -12.89 -5.46
N ILE A 185 26.03 -11.84 -5.23
CA ILE A 185 25.50 -10.60 -4.65
C ILE A 185 25.38 -9.53 -5.72
N LYS A 186 24.17 -9.01 -5.95
CA LYS A 186 23.94 -8.05 -7.02
C LYS A 186 23.98 -6.59 -6.62
N GLY A 187 24.05 -6.32 -5.32
CA GLY A 187 24.05 -4.95 -4.85
C GLY A 187 24.36 -4.91 -3.39
N GLN A 188 24.97 -3.82 -2.95
CA GLN A 188 25.28 -3.68 -1.54
C GLN A 188 24.78 -2.31 -1.11
N VAL A 189 24.07 -2.25 0.00
CA VAL A 189 23.63 -0.98 0.59
C VAL A 189 24.29 -0.72 1.92
N LEU A 190 25.13 0.31 1.97
CA LEU A 190 25.90 0.60 3.19
C LEU A 190 25.40 1.87 3.88
N ILE A 191 24.73 1.68 5.01
CA ILE A 191 24.16 2.79 5.76
C ILE A 191 25.08 3.15 6.90
N TYR A 192 25.59 4.38 6.85
CA TYR A 192 26.68 4.88 7.69
C TYR A 192 27.55 3.77 8.27
N PRO A 193 28.34 3.12 7.39
CA PRO A 193 29.15 1.95 7.81
C PRO A 193 30.38 2.27 8.64
N VAL A 194 30.82 1.29 9.45
CA VAL A 194 32.16 1.30 10.02
C VAL A 194 33.10 0.74 8.96
N THR A 195 34.15 1.48 8.60
CA THR A 195 35.09 1.01 7.59
C THR A 195 36.55 1.11 8.04
N ASP A 196 36.80 1.71 9.20
CA ASP A 196 38.18 1.88 9.64
C ASP A 196 38.26 1.97 11.16
N ASP A 197 39.49 2.03 11.68
CA ASP A 197 39.70 2.12 13.11
C ASP A 197 40.53 3.36 13.46
N ASN A 198 40.51 4.36 12.60
CA ASN A 198 41.15 5.59 13.01
C ASN A 198 40.15 6.45 13.77
N PHE A 199 40.39 6.60 15.08
CA PHE A 199 39.45 7.31 15.94
C PHE A 199 39.79 8.78 16.05
N GLU A 200 40.62 9.27 15.15
CA GLU A 200 40.93 10.70 15.12
C GLU A 200 40.75 11.34 13.74
N THR A 201 39.81 10.82 12.94
CA THR A 201 39.43 11.50 11.71
C THR A 201 38.73 12.79 12.11
N ASP A 202 38.55 13.70 11.18
CA ASP A 202 37.91 14.99 11.49
C ASP A 202 36.48 14.85 12.04
N SER A 203 35.72 13.87 11.51
CA SER A 203 34.35 13.69 11.96
C SER A 203 34.38 13.10 13.36
N TYR A 204 35.34 12.23 13.62
CA TYR A 204 35.54 11.68 14.98
C TYR A 204 35.82 12.78 15.99
N LYS A 205 36.69 13.74 15.62
CA LYS A 205 36.97 14.91 16.47
C LYS A 205 35.75 15.79 16.68
N GLN A 206 35.07 16.10 15.59
CA GLN A 206 33.96 17.05 15.66
C GLN A 206 32.76 16.48 16.42
N PHE A 207 32.52 15.18 16.27
CA PHE A 207 31.31 14.61 16.85
C PHE A 207 31.61 13.60 17.95
N ALA A 208 32.81 13.72 18.53
CA ALA A 208 33.24 12.74 19.54
C ALA A 208 32.23 12.56 20.66
N GLU A 209 31.50 13.62 21.03
CA GLU A 209 30.51 13.48 22.11
C GLU A 209 29.16 14.13 21.78
N ASN A 210 28.13 13.71 22.50
CA ASN A 210 26.79 14.32 22.42
C ASN A 210 26.04 14.13 21.11
N TYR A 211 26.45 13.17 20.28
CA TYR A 211 25.65 12.82 19.10
C TYR A 211 25.30 11.32 19.05
N TYR A 212 24.96 10.78 20.22
CA TYR A 212 24.45 9.42 20.40
C TYR A 212 25.52 8.34 20.20
N LEU A 213 26.07 8.21 19.00
CA LEU A 213 27.23 7.36 18.79
C LEU A 213 28.47 8.17 19.13
N THR A 214 29.25 7.73 20.12
CA THR A 214 30.41 8.48 20.58
C THR A 214 31.70 7.74 20.24
N ARG A 215 32.83 8.43 20.33
CA ARG A 215 34.13 7.81 20.13
C ARG A 215 34.32 6.75 21.19
N LYS A 216 33.95 7.08 22.42
CA LYS A 216 34.09 6.15 23.53
C LYS A 216 33.43 4.82 23.24
N LEU A 217 32.19 4.90 22.76
CA LEU A 217 31.42 3.74 22.37
C LEU A 217 32.08 2.98 21.20
N MET A 218 32.62 3.68 20.22
CA MET A 218 33.28 3.00 19.11
C MET A 218 34.48 2.19 19.62
N VAL A 219 35.25 2.79 20.56
CA VAL A 219 36.38 2.12 21.15
C VAL A 219 35.97 0.87 21.89
N TRP A 220 34.91 1.00 22.69
CA TRP A 220 34.36 -0.13 23.40
C TRP A 220 33.93 -1.29 22.46
N PHE A 221 33.22 -0.92 21.40
CA PHE A 221 32.80 -1.88 20.38
C PHE A 221 33.99 -2.61 19.76
N PHE A 222 34.96 -1.86 19.26
CA PHE A 222 36.16 -2.45 18.66
C PHE A 222 36.93 -3.36 19.65
N ASP A 223 37.00 -2.94 20.92
CA ASP A 223 37.74 -3.72 21.91
C ASP A 223 37.04 -5.05 22.18
N HIS A 224 35.71 -5.05 22.18
CA HIS A 224 35.03 -6.36 22.28
C HIS A 224 35.14 -7.22 21.01
N TYR A 225 35.10 -6.60 19.84
CA TYR A 225 35.06 -7.33 18.55
C TYR A 225 36.43 -7.88 18.13
N ILE A 226 37.44 -7.02 18.24
CA ILE A 226 38.81 -7.32 17.84
C ILE A 226 39.77 -6.85 18.93
N PRO A 227 39.94 -7.68 19.99
CA PRO A 227 40.76 -7.30 21.14
C PRO A 227 42.21 -6.96 20.81
N ASP A 228 42.80 -7.76 19.94
CA ASP A 228 44.19 -7.54 19.60
C ASP A 228 44.28 -6.68 18.34
N LYS A 229 44.75 -5.47 18.56
CA LYS A 229 44.77 -4.37 17.58
C LYS A 229 45.44 -4.67 16.23
N LYS A 230 46.44 -5.54 16.22
CA LYS A 230 47.06 -5.92 14.97
C LYS A 230 46.08 -6.56 14.00
N ASP A 231 45.14 -7.33 14.53
CA ASP A 231 44.13 -7.97 13.69
C ASP A 231 43.23 -6.96 13.00
N ARG A 232 43.21 -5.74 13.50
CA ARG A 232 42.39 -4.69 12.88
C ARG A 232 42.95 -4.32 11.52
N GLN A 233 44.13 -4.83 11.19
CA GLN A 233 44.72 -4.50 9.90
C GLN A 233 44.14 -5.39 8.78
N SER A 234 43.39 -6.43 9.13
CA SER A 234 42.72 -7.20 8.08
C SER A 234 41.68 -6.35 7.32
N ILE A 235 41.60 -6.50 6.01
CA ILE A 235 40.66 -5.70 5.22
C ILE A 235 39.22 -6.16 5.48
N PHE A 236 39.08 -7.35 6.07
CA PHE A 236 37.81 -7.93 6.44
C PHE A 236 37.30 -7.41 7.79
N ALA A 237 38.14 -6.62 8.44
CA ALA A 237 37.75 -5.87 9.63
C ALA A 237 37.51 -4.41 9.24
N CYS A 238 38.50 -3.83 8.58
CA CYS A 238 38.51 -2.43 8.18
C CYS A 238 38.70 -2.36 6.67
N PRO A 239 37.59 -2.41 5.92
CA PRO A 239 37.70 -2.45 4.46
C PRO A 239 38.28 -1.18 3.84
N LEU A 240 38.38 -0.10 4.60
CA LEU A 240 39.01 1.13 4.08
C LEU A 240 40.51 0.96 3.86
N LYS A 241 41.11 0.01 4.56
CA LYS A 241 42.54 -0.26 4.42
C LYS A 241 42.82 -1.08 3.15
N ALA A 242 41.78 -1.55 2.48
CA ALA A 242 41.96 -2.34 1.27
C ALA A 242 42.59 -1.52 0.15
N SER A 243 43.34 -2.17 -0.72
CA SER A 243 43.87 -1.50 -1.90
C SER A 243 42.76 -1.38 -2.95
N ILE A 244 42.98 -0.50 -3.92
CA ILE A 244 42.04 -0.31 -5.01
C ILE A 244 41.80 -1.62 -5.76
N ASP A 245 42.87 -2.38 -6.00
CA ASP A 245 42.71 -3.67 -6.66
C ASP A 245 41.91 -4.69 -5.83
N ASP A 246 42.04 -4.62 -4.51
CA ASP A 246 41.24 -5.50 -3.66
C ASP A 246 39.73 -5.26 -3.86
N LEU A 247 39.36 -4.03 -4.23
CA LEU A 247 37.97 -3.58 -4.23
C LEU A 247 37.32 -3.58 -5.63
N ARG A 248 38.11 -3.94 -6.65
CA ARG A 248 37.61 -4.00 -8.03
C ARG A 248 36.52 -5.06 -8.14
N VAL A 249 35.66 -4.92 -9.14
CA VAL A 249 34.55 -5.85 -9.40
C VAL A 249 33.78 -6.25 -8.11
N LEU A 250 33.34 -5.23 -7.39
CA LEU A 250 32.42 -5.45 -6.27
C LEU A 250 30.99 -5.13 -6.72
N PRO A 251 29.98 -5.57 -5.94
CA PRO A 251 28.61 -5.29 -6.40
C PRO A 251 28.24 -3.80 -6.39
N ARG A 252 27.40 -3.41 -7.33
CA ARG A 252 26.78 -2.09 -7.38
C ARG A 252 26.41 -1.59 -5.96
N ALA A 253 26.84 -0.38 -5.62
CA ALA A 253 26.83 0.06 -4.21
C ALA A 253 26.09 1.35 -3.98
N LEU A 254 25.37 1.41 -2.86
CA LEU A 254 24.78 2.65 -2.34
C LEU A 254 25.36 2.89 -0.95
N VAL A 255 26.08 3.99 -0.80
CA VAL A 255 26.73 4.32 0.47
C VAL A 255 26.09 5.59 1.01
N ILE A 256 25.46 5.45 2.17
CA ILE A 256 24.74 6.57 2.78
C ILE A 256 25.43 7.00 4.06
N THR A 257 25.78 8.28 4.17
CA THR A 257 26.44 8.76 5.39
C THR A 257 25.61 9.86 6.06
N ALA A 258 25.85 10.03 7.36
CA ALA A 258 25.19 11.07 8.13
C ALA A 258 26.13 12.24 8.34
N GLU A 259 25.60 13.45 8.23
CA GLU A 259 26.41 14.64 8.41
C GLU A 259 27.02 14.72 9.82
N ALA A 260 26.22 14.50 10.86
CA ALA A 260 26.75 14.60 12.22
C ALA A 260 27.04 13.23 12.82
N ASP A 261 28.15 12.61 12.39
CA ASP A 261 28.44 11.20 12.71
C ASP A 261 29.95 11.04 12.74
N VAL A 262 30.48 10.39 13.78
CA VAL A 262 31.91 10.16 13.85
C VAL A 262 32.41 9.31 12.68
N LEU A 263 31.53 8.47 12.13
CA LEU A 263 31.90 7.56 11.04
C LEU A 263 31.77 8.20 9.67
N ARG A 264 31.42 9.48 9.62
CA ARG A 264 31.14 10.11 8.33
C ARG A 264 32.32 10.04 7.37
N GLU A 265 33.48 10.47 7.85
CA GLU A 265 34.65 10.59 6.96
C GLU A 265 35.12 9.25 6.41
N GLU A 266 35.15 8.20 7.22
CA GLU A 266 35.61 6.89 6.74
C GLU A 266 34.62 6.24 5.76
N GLY A 267 33.32 6.47 5.95
CA GLY A 267 32.29 5.99 5.04
C GLY A 267 32.43 6.67 3.69
N GLU A 268 32.56 8.00 3.72
CA GLU A 268 32.76 8.71 2.47
C GLU A 268 34.11 8.36 1.77
N ALA A 269 35.19 8.20 2.53
CA ALA A 269 36.47 7.76 1.94
C ALA A 269 36.36 6.35 1.35
N TYR A 270 35.59 5.47 1.98
CA TYR A 270 35.39 4.13 1.43
C TYR A 270 34.63 4.22 0.13
N ALA A 271 33.64 5.12 0.08
CA ALA A 271 32.95 5.34 -1.20
C ALA A 271 33.90 5.85 -2.31
N ARG A 272 34.75 6.81 -1.97
CA ARG A 272 35.76 7.28 -2.95
C ARG A 272 36.66 6.14 -3.45
N LYS A 273 37.15 5.29 -2.54
CA LYS A 273 37.91 4.12 -2.97
C LYS A 273 37.12 3.18 -3.90
N LEU A 274 35.84 2.98 -3.60
CA LEU A 274 35.04 2.11 -4.48
C LEU A 274 34.91 2.72 -5.86
N ILE A 275 34.80 4.05 -5.91
CA ILE A 275 34.75 4.75 -7.19
C ILE A 275 36.08 4.61 -7.95
N GLU A 276 37.22 4.87 -7.28
CA GLU A 276 38.52 4.65 -7.93
C GLU A 276 38.64 3.26 -8.51
N ALA A 277 38.09 2.27 -7.82
CA ALA A 277 38.18 0.89 -8.27
C ALA A 277 37.21 0.55 -9.42
N GLY A 278 36.53 1.57 -9.97
CA GLY A 278 35.69 1.36 -11.15
C GLY A 278 34.34 0.72 -10.86
N ASN A 279 33.88 0.82 -9.61
CA ASN A 279 32.60 0.23 -9.29
C ASN A 279 31.45 1.17 -9.59
N ASP A 280 30.24 0.63 -9.70
CA ASP A 280 29.00 1.42 -9.80
C ASP A 280 28.58 1.89 -8.38
N VAL A 281 28.93 3.13 -8.03
CA VAL A 281 28.80 3.59 -6.64
C VAL A 281 27.95 4.86 -6.57
N THR A 282 26.92 4.83 -5.73
CA THR A 282 26.14 6.03 -5.44
C THR A 282 26.42 6.37 -3.97
N ALA A 283 26.99 7.55 -3.72
CA ALA A 283 27.37 7.95 -2.34
C ALA A 283 26.71 9.26 -2.00
N VAL A 284 25.96 9.27 -0.91
CA VAL A 284 25.18 10.45 -0.54
C VAL A 284 25.30 10.72 0.94
N ARG A 285 25.48 11.99 1.29
CA ARG A 285 25.49 12.41 2.69
C ARG A 285 24.15 13.08 3.01
N TYR A 286 23.44 12.61 4.02
CA TYR A 286 22.20 13.28 4.42
C TYR A 286 22.50 14.34 5.46
N LEU A 287 21.97 15.54 5.24
CA LEU A 287 22.25 16.63 6.17
C LEU A 287 21.28 16.63 7.35
N GLY A 288 21.79 17.10 8.48
CA GLY A 288 21.02 17.29 9.69
C GLY A 288 20.66 16.04 10.48
N ILE A 289 21.31 14.91 10.18
CA ILE A 289 21.00 13.70 10.92
C ILE A 289 22.20 13.13 11.67
N ILE A 290 21.89 12.28 12.64
CA ILE A 290 22.91 11.59 13.38
C ILE A 290 22.88 10.12 13.11
N HIS A 291 23.93 9.46 13.56
CA HIS A 291 24.01 8.02 13.56
C HIS A 291 22.93 7.42 14.47
N GLY A 292 22.36 6.29 14.05
CA GLY A 292 21.50 5.49 14.90
C GLY A 292 19.99 5.60 14.68
N ILE A 293 19.59 6.23 13.59
CA ILE A 293 18.17 6.40 13.37
C ILE A 293 17.48 5.09 12.97
N PHE A 294 18.25 4.07 12.59
CA PHE A 294 17.63 2.81 12.14
C PHE A 294 17.62 1.66 13.16
N ASN A 295 18.04 1.95 14.40
CA ASN A 295 17.99 0.93 15.46
C ASN A 295 17.13 1.33 16.66
N LEU A 296 16.04 2.05 16.39
CA LEU A 296 15.18 2.56 17.46
C LEU A 296 13.75 2.04 17.30
N ALA A 297 12.92 2.31 18.30
CA ALA A 297 11.54 1.79 18.30
C ALA A 297 10.71 2.45 17.22
N THR A 298 11.05 3.70 16.93
CA THR A 298 10.37 4.51 15.92
C THR A 298 11.33 4.90 14.80
N LEU A 299 10.79 5.52 13.76
CA LEU A 299 11.58 5.93 12.62
C LEU A 299 11.42 7.41 12.35
N SER A 300 12.53 8.16 12.36
CA SER A 300 12.48 9.60 12.14
C SER A 300 11.95 9.90 10.74
N PRO A 301 11.41 11.11 10.53
CA PRO A 301 10.96 11.49 9.17
C PRO A 301 12.09 11.30 8.12
N THR A 302 13.29 11.76 8.45
CA THR A 302 14.38 11.62 7.50
C THR A 302 14.75 10.15 7.31
N GLY A 303 14.63 9.35 8.38
CA GLY A 303 14.85 7.91 8.25
C GLY A 303 13.94 7.33 7.18
N SER A 304 12.68 7.78 7.20
CA SER A 304 11.70 7.32 6.21
C SER A 304 12.03 7.78 4.80
N GLU A 305 12.46 9.03 4.67
CA GLU A 305 12.87 9.50 3.35
C GLU A 305 14.00 8.61 2.82
N ILE A 306 14.95 8.32 3.71
CA ILE A 306 16.11 7.53 3.35
C ILE A 306 15.68 6.16 2.90
N LEU A 307 14.73 5.55 3.60
CA LEU A 307 14.21 4.25 3.15
C LEU A 307 13.52 4.34 1.77
N ASP A 308 12.79 5.42 1.50
CA ASP A 308 12.19 5.57 0.17
C ASP A 308 13.29 5.65 -0.93
N HIS A 309 14.37 6.35 -0.61
CA HIS A 309 15.53 6.43 -1.47
C HIS A 309 16.17 5.05 -1.74
N ILE A 310 16.47 4.34 -0.67
CA ILE A 310 17.01 2.99 -0.77
C ILE A 310 16.13 2.10 -1.64
N VAL A 311 14.83 2.21 -1.46
CA VAL A 311 13.91 1.41 -2.24
C VAL A 311 13.95 1.79 -3.71
N ALA A 312 14.00 3.08 -4.02
CA ALA A 312 14.11 3.51 -5.43
C ALA A 312 15.38 2.94 -6.08
N TRP A 313 16.48 3.00 -5.35
CA TRP A 313 17.75 2.48 -5.83
C TRP A 313 17.76 0.97 -6.02
N LEU A 314 17.14 0.24 -5.09
CA LEU A 314 16.95 -1.20 -5.21
C LEU A 314 16.12 -1.54 -6.44
N GLN A 315 15.06 -0.76 -6.67
CA GLN A 315 14.20 -0.99 -7.80
C GLN A 315 15.00 -0.80 -9.10
N LYS A 316 15.83 0.24 -9.16
CA LYS A 316 16.69 0.37 -10.33
C LYS A 316 17.69 -0.82 -10.47
N THR A 317 18.32 -1.21 -9.37
CA THR A 317 19.24 -2.36 -9.37
C THR A 317 18.57 -3.62 -9.97
N TRP A 318 17.38 -3.94 -9.48
CA TRP A 318 16.63 -5.11 -9.95
C TRP A 318 16.22 -4.95 -11.41
N LYS A 319 15.89 -3.73 -11.84
CA LYS A 319 15.58 -3.52 -13.25
C LYS A 319 16.79 -3.81 -14.12
N LEU A 320 17.98 -3.47 -13.67
CA LEU A 320 19.19 -3.71 -14.38
C LEU A 320 19.42 -5.17 -14.62
N GLU A 321 19.04 -6.00 -13.66
CA GLU A 321 19.24 -7.41 -13.69
C GLU A 321 18.28 -8.08 -14.68
N HIS A 322 17.05 -7.64 -14.60
CA HIS A 322 15.97 -8.29 -15.21
C HIS A 322 16.20 -8.29 -16.67
N HIS A 323 17.09 -7.38 -17.07
CA HIS A 323 17.48 -7.03 -18.41
C HIS A 323 18.90 -6.57 -18.42
N HIS A 324 19.89 -7.38 -18.84
CA HIS A 324 19.69 -8.61 -19.61
C HIS A 324 19.34 -9.86 -18.77
N HIS A 325 18.20 -10.39 -19.16
CA HIS A 325 17.48 -11.40 -18.52
C HIS A 325 18.18 -12.64 -18.04
N HIS A 326 18.15 -12.82 -16.75
CA HIS A 326 17.47 -13.80 -16.06
C HIS A 326 16.11 -13.55 -16.61
N HIS A 327 15.10 -14.33 -16.34
CA HIS A 327 13.78 -13.97 -16.90
C HIS A 327 13.82 -13.05 -18.05
N PRO B 3 39.50 16.17 2.79
CA PRO B 3 39.77 15.06 1.86
C PRO B 3 39.85 15.55 0.44
N THR B 4 40.61 14.84 -0.39
CA THR B 4 40.70 15.19 -1.79
C THR B 4 39.50 14.62 -2.55
N VAL B 5 38.90 15.45 -3.40
CA VAL B 5 37.71 15.08 -4.17
C VAL B 5 38.04 14.04 -5.23
N LYS B 6 37.25 12.98 -5.29
CA LYS B 6 37.37 12.00 -6.37
C LYS B 6 36.14 12.12 -7.24
N LEU B 7 36.29 12.64 -8.46
CA LEU B 7 35.15 12.74 -9.37
C LEU B 7 34.90 11.39 -10.00
N LYS B 8 33.64 11.11 -10.33
CA LYS B 8 33.29 9.94 -11.14
C LYS B 8 33.75 10.20 -12.58
N PRO B 9 34.05 9.13 -13.34
CA PRO B 9 34.58 9.20 -14.72
C PRO B 9 33.84 10.18 -15.63
N TYR B 10 32.52 10.09 -15.75
CA TYR B 10 31.74 10.97 -16.62
C TYR B 10 31.97 12.44 -16.25
N CYS B 11 31.92 12.73 -14.96
CA CYS B 11 32.10 14.10 -14.48
C CYS B 11 33.57 14.54 -14.64
N GLN B 12 34.50 13.60 -14.46
CA GLN B 12 35.92 13.90 -14.70
C GLN B 12 36.13 14.35 -16.14
N ASN B 13 35.67 13.53 -17.09
CA ASN B 13 35.69 13.85 -18.51
C ASN B 13 35.05 15.19 -18.85
N ILE B 14 33.87 15.45 -18.29
CA ILE B 14 33.22 16.75 -18.51
C ILE B 14 34.15 17.88 -18.03
N ALA B 15 34.68 17.72 -16.83
CA ALA B 15 35.56 18.71 -16.20
C ALA B 15 36.85 19.01 -16.99
N ASP B 16 37.45 17.95 -17.54
CA ASP B 16 38.70 18.03 -18.31
C ASP B 16 38.57 18.64 -19.71
N ALA B 17 37.34 18.74 -20.21
CA ALA B 17 37.10 19.10 -21.61
C ALA B 17 37.55 20.49 -22.02
N ALA B 18 37.89 20.59 -23.31
CA ALA B 18 38.27 21.84 -23.97
C ALA B 18 37.15 22.85 -23.83
N THR B 19 37.44 23.97 -23.17
CA THR B 19 36.39 24.90 -22.82
C THR B 19 36.76 26.29 -23.33
N ILE B 20 35.74 27.03 -23.73
CA ILE B 20 35.92 28.38 -24.25
C ILE B 20 35.33 29.37 -23.27
N ASP B 21 36.01 30.49 -23.09
CA ASP B 21 35.54 31.47 -22.14
C ASP B 21 34.28 32.14 -22.66
N SER B 22 33.14 31.76 -22.09
CA SER B 22 31.86 32.29 -22.51
C SER B 22 31.72 33.74 -22.08
N THR B 23 32.45 34.11 -21.02
CA THR B 23 32.35 35.46 -20.49
C THR B 23 32.94 36.47 -21.48
N GLN B 24 33.59 35.98 -22.53
CA GLN B 24 34.21 36.84 -23.55
C GLN B 24 33.29 37.08 -24.72
N TYR B 25 32.14 36.41 -24.72
CA TYR B 25 31.22 36.53 -25.84
C TYR B 25 29.90 37.12 -25.38
N PRO B 26 29.17 37.72 -26.32
CA PRO B 26 27.81 38.20 -26.02
C PRO B 26 26.87 37.03 -25.79
N PRO B 27 25.92 37.19 -24.86
CA PRO B 27 25.01 36.11 -24.46
C PRO B 27 24.34 35.43 -25.65
N GLU B 28 23.84 36.19 -26.60
CA GLU B 28 23.18 35.59 -27.74
C GLU B 28 24.07 34.61 -28.51
N VAL B 29 25.36 34.94 -28.58
CA VAL B 29 26.31 34.06 -29.26
C VAL B 29 26.51 32.82 -28.43
N VAL B 30 26.63 33.00 -27.12
CA VAL B 30 26.73 31.89 -26.18
C VAL B 30 25.57 30.93 -26.33
N ARG B 31 24.36 31.47 -26.40
CA ARG B 31 23.16 30.67 -26.57
C ARG B 31 23.15 29.90 -27.89
N LYS B 32 23.48 30.55 -29.01
CA LYS B 32 23.46 29.80 -30.28
C LYS B 32 24.53 28.70 -30.27
N ALA B 33 25.69 29.01 -29.72
CA ALA B 33 26.74 28.00 -29.59
C ALA B 33 26.32 26.83 -28.69
N GLU B 34 25.58 27.14 -27.62
CA GLU B 34 25.05 26.16 -26.67
C GLU B 34 24.09 25.19 -27.36
N ALA B 35 23.14 25.79 -28.06
CA ALA B 35 22.15 25.03 -28.81
C ALA B 35 22.84 24.12 -29.81
N ALA B 36 23.83 24.68 -30.51
CA ALA B 36 24.59 23.92 -31.50
C ALA B 36 25.28 22.75 -30.84
N SER B 37 25.81 22.98 -29.64
CA SER B 37 26.48 21.91 -28.89
C SER B 37 25.53 20.76 -28.59
N ILE B 38 24.26 21.06 -28.36
CA ILE B 38 23.30 19.95 -28.19
C ILE B 38 22.95 19.26 -29.53
N ILE B 39 22.60 20.05 -30.55
CA ILE B 39 22.17 19.47 -31.81
C ILE B 39 23.22 18.61 -32.54
N ASP B 40 24.49 19.01 -32.49
CA ASP B 40 25.54 18.29 -33.23
C ASP B 40 26.05 17.07 -32.51
N ASP B 41 25.63 16.89 -31.27
CA ASP B 41 25.94 15.67 -30.54
C ASP B 41 25.14 14.54 -31.17
N PRO B 42 25.82 13.46 -31.58
CA PRO B 42 25.05 12.40 -32.25
C PRO B 42 24.22 11.63 -31.24
N LYS B 43 24.54 11.80 -29.96
CA LYS B 43 23.91 11.03 -28.91
C LYS B 43 22.77 11.82 -28.26
N ALA B 44 22.60 13.07 -28.65
CA ALA B 44 21.59 13.92 -28.01
C ALA B 44 20.19 13.30 -28.15
N LEU B 45 19.97 12.55 -29.22
CA LEU B 45 18.66 11.95 -29.50
C LEU B 45 18.58 10.45 -29.23
N GLU B 46 19.72 9.78 -29.11
CA GLU B 46 19.75 8.35 -28.87
C GLU B 46 19.26 7.98 -27.46
N GLY B 47 18.31 7.04 -27.39
CA GLY B 47 17.78 6.54 -26.13
C GLY B 47 16.89 7.54 -25.39
N LEU B 48 16.52 8.61 -26.10
CA LEU B 48 15.62 9.62 -25.59
C LEU B 48 14.20 9.04 -25.47
N PRO B 49 13.57 9.21 -24.30
CA PRO B 49 12.21 8.68 -24.15
C PRO B 49 11.24 9.31 -25.13
N ASP B 50 10.25 8.56 -25.59
CA ASP B 50 9.20 9.17 -26.38
C ASP B 50 8.15 9.76 -25.43
N VAL B 51 7.70 10.97 -25.73
CA VAL B 51 6.72 11.67 -24.89
C VAL B 51 5.62 12.33 -25.72
N TYR B 52 4.46 12.56 -25.08
CA TYR B 52 3.44 13.43 -25.64
C TYR B 52 3.77 14.86 -25.23
N LEU B 53 3.94 15.72 -26.23
CA LEU B 53 4.32 17.10 -26.01
C LEU B 53 3.23 18.05 -26.50
N GLU B 54 2.98 19.09 -25.71
CA GLU B 54 2.00 20.11 -26.06
C GLU B 54 2.61 21.48 -25.72
N GLU B 55 2.50 22.42 -26.65
CA GLU B 55 3.04 23.77 -26.45
C GLU B 55 1.88 24.71 -26.11
N LYS B 56 2.00 25.43 -25.01
CA LYS B 56 0.89 26.25 -24.51
C LYS B 56 1.36 27.67 -24.23
N THR B 57 0.59 28.66 -24.63
CA THR B 57 0.97 30.04 -24.35
C THR B 57 0.10 30.64 -23.24
N ILE B 58 0.76 31.23 -22.25
CA ILE B 58 0.06 31.94 -21.20
C ILE B 58 0.05 33.41 -21.58
N ASN B 59 -1.12 34.04 -21.51
CA ASN B 59 -1.17 35.47 -21.68
C ASN B 59 -1.19 36.09 -20.28
N ARG B 60 -0.10 36.76 -19.89
CA ARG B 60 -0.01 37.36 -18.55
C ARG B 60 -0.90 38.60 -18.50
N LYS B 61 -1.11 39.16 -17.31
CA LYS B 61 -2.05 40.28 -17.17
C LYS B 61 -1.50 41.52 -17.89
N ASN B 62 -0.18 41.66 -17.95
CA ASN B 62 0.40 42.86 -18.54
C ASN B 62 0.66 42.75 -20.04
N GLY B 63 0.08 41.74 -20.69
CA GLY B 63 0.20 41.63 -22.14
C GLY B 63 1.41 40.89 -22.69
N SER B 64 2.33 40.49 -21.81
CA SER B 64 3.46 39.69 -22.26
C SER B 64 3.04 38.22 -22.14
N LYS B 65 3.79 37.35 -22.78
CA LYS B 65 3.42 35.95 -22.86
C LYS B 65 4.47 35.08 -22.21
N ILE B 66 4.04 33.96 -21.66
CA ILE B 66 4.96 32.91 -21.22
C ILE B 66 4.77 31.71 -22.12
N GLU B 67 5.81 31.21 -22.76
CA GLU B 67 5.65 29.93 -23.48
C GLU B 67 5.94 28.75 -22.55
N LEU B 68 4.97 27.85 -22.49
CA LEU B 68 5.06 26.62 -21.72
C LEU B 68 5.26 25.43 -22.63
N THR B 69 6.20 24.55 -22.28
CA THR B 69 6.34 23.29 -22.97
C THR B 69 5.96 22.16 -22.03
N ILE B 70 4.87 21.48 -22.33
CA ILE B 70 4.33 20.46 -21.43
C ILE B 70 4.55 19.06 -21.98
N THR B 71 5.27 18.23 -21.21
CA THR B 71 5.52 16.86 -21.63
C THR B 71 4.85 15.89 -20.67
N ARG B 72 4.24 14.85 -21.21
CA ARG B 72 3.65 13.80 -20.39
C ARG B 72 3.96 12.46 -21.06
N PRO B 73 3.80 11.34 -20.35
CA PRO B 73 4.02 10.02 -20.97
C PRO B 73 3.01 9.71 -22.05
N LEU B 74 3.38 8.86 -23.01
CA LEU B 74 2.44 8.36 -24.02
C LEU B 74 1.27 7.61 -23.36
N ASP B 75 0.12 7.65 -24.03
CA ASP B 75 -1.18 7.10 -23.59
C ASP B 75 -1.71 7.76 -22.30
N THR B 76 -1.44 9.04 -22.09
CA THR B 76 -1.95 9.73 -20.91
C THR B 76 -2.75 10.98 -21.27
N GLU B 77 -3.24 11.03 -22.52
CA GLU B 77 -4.00 12.16 -23.03
C GLU B 77 -5.22 12.43 -22.15
N ASN B 78 -5.89 11.37 -21.74
CA ASN B 78 -7.11 11.53 -20.99
C ASN B 78 -7.07 11.02 -19.55
N GLN B 79 -5.85 10.97 -19.00
CA GLN B 79 -5.59 10.64 -17.61
C GLN B 79 -5.18 11.92 -16.89
N VAL B 80 -5.61 12.11 -15.65
CA VAL B 80 -5.19 13.27 -14.89
C VAL B 80 -3.88 12.96 -14.17
N LEU B 81 -2.85 13.77 -14.44
CA LEU B 81 -1.50 13.51 -13.89
C LEU B 81 -1.05 14.58 -12.92
N PRO B 82 -0.12 14.24 -12.03
CA PRO B 82 0.47 15.31 -11.21
C PRO B 82 1.28 16.29 -12.05
N PRO B 83 1.22 17.59 -11.76
CA PRO B 83 2.02 18.58 -12.49
C PRO B 83 3.31 18.95 -11.77
N ILE B 84 4.41 18.94 -12.52
CA ILE B 84 5.69 19.44 -12.05
C ILE B 84 5.99 20.70 -12.84
N VAL B 85 6.10 21.84 -12.18
CA VAL B 85 6.46 23.04 -12.90
C VAL B 85 7.97 23.16 -12.81
N PHE B 86 8.62 23.24 -13.96
CA PHE B 86 10.08 23.11 -14.02
C PHE B 86 10.75 24.40 -14.47
N PHE B 87 11.77 24.81 -13.71
CA PHE B 87 12.59 25.98 -14.03
C PHE B 87 14.05 25.55 -14.30
N HIS B 88 14.46 25.79 -15.55
CA HIS B 88 15.75 25.30 -16.00
C HIS B 88 16.88 26.20 -15.53
N GLY B 89 18.09 25.63 -15.51
CA GLY B 89 19.26 26.38 -15.13
C GLY B 89 19.93 27.04 -16.33
N GLY B 90 21.07 27.67 -16.07
CA GLY B 90 21.78 28.39 -17.11
C GLY B 90 22.16 29.79 -16.66
N GLY B 91 22.20 29.98 -15.34
CA GLY B 91 22.62 31.26 -14.78
C GLY B 91 21.73 32.45 -15.12
N TRP B 92 20.46 32.17 -15.45
CA TRP B 92 19.47 33.17 -15.84
C TRP B 92 19.78 33.84 -17.19
N VAL B 93 20.79 33.34 -17.88
CA VAL B 93 21.29 33.96 -19.11
C VAL B 93 21.20 32.99 -20.26
N VAL B 94 21.49 31.71 -19.99
CA VAL B 94 21.39 30.65 -20.99
C VAL B 94 20.50 29.47 -20.54
N GLY B 95 20.58 28.34 -21.25
CA GLY B 95 19.73 27.20 -20.97
C GLY B 95 18.45 27.26 -21.80
N SER B 96 17.86 26.11 -22.11
CA SER B 96 16.67 26.08 -22.98
C SER B 96 15.90 24.77 -22.85
N LYS B 97 14.78 24.65 -23.55
CA LYS B 97 14.07 23.38 -23.60
C LYS B 97 14.93 22.32 -24.27
N LEU B 98 15.96 22.76 -24.99
CA LEU B 98 16.82 21.82 -25.69
C LEU B 98 17.93 21.26 -24.79
N THR B 99 18.59 22.13 -24.03
CA THR B 99 19.66 21.72 -23.12
C THR B 99 19.14 20.82 -22.01
N HIS B 100 17.89 21.01 -21.63
CA HIS B 100 17.32 20.24 -20.53
C HIS B 100 16.37 19.19 -21.07
N ARG B 101 16.36 19.03 -22.39
CA ARG B 101 15.44 18.07 -23.00
C ARG B 101 15.65 16.70 -22.41
N ARG B 102 16.90 16.28 -22.32
CA ARG B 102 17.19 14.94 -21.80
C ARG B 102 16.63 14.76 -20.37
N THR B 103 16.97 15.69 -19.49
CA THR B 103 16.53 15.64 -18.11
C THR B 103 15.01 15.64 -18.00
N VAL B 104 14.37 16.55 -18.74
CA VAL B 104 12.94 16.73 -18.65
C VAL B 104 12.18 15.51 -19.17
N TYR B 105 12.64 14.94 -20.27
CA TYR B 105 11.97 13.76 -20.82
C TYR B 105 12.11 12.60 -19.84
N GLU B 106 13.32 12.43 -19.28
CA GLU B 106 13.48 11.34 -18.31
C GLU B 106 12.59 11.54 -17.07
N LEU B 107 12.54 12.76 -16.52
CA LEU B 107 11.67 13.05 -15.37
C LEU B 107 10.21 12.75 -15.73
N THR B 108 9.83 13.18 -16.92
CA THR B 108 8.49 12.96 -17.43
C THR B 108 8.10 11.48 -17.38
N VAL B 109 8.93 10.60 -17.96
CA VAL B 109 8.48 9.20 -18.03
C VAL B 109 8.76 8.44 -16.74
N ARG B 110 9.71 8.90 -15.94
CA ARG B 110 9.97 8.23 -14.69
C ARG B 110 8.94 8.58 -13.62
N ALA B 111 8.56 9.85 -13.54
CA ALA B 111 7.59 10.28 -12.53
C ALA B 111 6.18 10.07 -13.04
N ARG B 112 6.06 9.86 -14.36
CA ARG B 112 4.77 9.72 -15.02
C ARG B 112 3.91 10.90 -14.60
N ALA B 113 4.44 12.09 -14.86
CA ALA B 113 3.84 13.35 -14.46
C ALA B 113 3.80 14.24 -15.68
N ALA B 114 3.01 15.30 -15.64
CA ALA B 114 3.08 16.35 -16.64
C ALA B 114 4.12 17.36 -16.21
N VAL B 115 5.20 17.45 -16.96
CA VAL B 115 6.24 18.42 -16.66
C VAL B 115 5.96 19.66 -17.47
N ILE B 116 5.78 20.76 -16.75
CA ILE B 116 5.46 22.03 -17.37
C ILE B 116 6.68 22.93 -17.32
N PHE B 117 7.35 22.98 -18.46
CA PHE B 117 8.62 23.64 -18.61
C PHE B 117 8.42 25.10 -18.95
N VAL B 118 8.88 26.00 -18.08
CA VAL B 118 8.65 27.43 -18.30
C VAL B 118 9.77 28.06 -19.08
N ASN B 119 9.48 28.47 -20.31
CA ASN B 119 10.51 29.18 -21.09
C ASN B 119 10.51 30.64 -20.71
N TYR B 120 11.09 30.93 -19.55
CA TYR B 120 11.07 32.28 -19.00
C TYR B 120 12.08 33.15 -19.74
N SER B 121 11.91 34.46 -19.64
CA SER B 121 12.76 35.41 -20.33
C SER B 121 14.15 35.45 -19.71
N LEU B 122 15.17 35.35 -20.56
CA LEU B 122 16.55 35.30 -20.10
C LEU B 122 17.18 36.69 -19.97
N SER B 123 18.24 36.80 -19.17
CA SER B 123 19.02 38.03 -19.01
C SER B 123 20.18 38.04 -20.03
N PRO B 124 20.70 39.23 -20.39
CA PRO B 124 20.40 40.59 -19.94
C PRO B 124 19.22 41.29 -20.62
N GLU B 125 18.57 40.62 -21.56
CA GLU B 125 17.43 41.23 -22.25
C GLU B 125 16.37 41.67 -21.25
N VAL B 126 16.18 40.90 -20.18
CA VAL B 126 15.42 41.36 -19.03
C VAL B 126 16.32 41.26 -17.80
N ARG B 127 15.92 41.89 -16.70
CA ARG B 127 16.65 41.75 -15.45
C ARG B 127 15.76 41.15 -14.37
N PHE B 128 16.40 40.74 -13.28
CA PHE B 128 15.67 40.50 -12.06
C PHE B 128 14.76 41.70 -11.80
N PRO B 129 13.50 41.46 -11.43
CA PRO B 129 12.88 40.15 -11.17
C PRO B 129 11.88 39.65 -12.23
N THR B 130 12.12 39.91 -13.50
CA THR B 130 11.13 39.61 -14.53
C THR B 130 10.87 38.11 -14.64
N ALA B 131 11.94 37.32 -14.67
CA ALA B 131 11.80 35.85 -14.72
C ALA B 131 11.04 35.32 -13.51
N LEU B 132 11.38 35.82 -12.33
CA LEU B 132 10.65 35.40 -11.12
C LEU B 132 9.15 35.65 -11.26
N GLU B 133 8.78 36.81 -11.80
CA GLU B 133 7.38 37.15 -11.98
C GLU B 133 6.71 36.21 -13.00
N GLU B 134 7.42 35.91 -14.08
CA GLU B 134 6.91 34.94 -15.05
C GLU B 134 6.68 33.55 -14.45
N CYS B 135 7.64 33.08 -13.65
CA CYS B 135 7.54 31.74 -13.07
C CYS B 135 6.40 31.67 -12.07
N LEU B 136 6.25 32.72 -11.27
CA LEU B 136 5.13 32.77 -10.35
C LEU B 136 3.81 32.75 -11.11
N ASP B 137 3.71 33.57 -12.16
CA ASP B 137 2.47 33.60 -12.95
C ASP B 137 2.16 32.23 -13.53
N ALA B 138 3.19 31.50 -13.95
CA ALA B 138 3.02 30.16 -14.48
C ALA B 138 2.49 29.18 -13.43
N VAL B 139 3.02 29.25 -12.22
CA VAL B 139 2.46 28.41 -11.13
C VAL B 139 1.01 28.75 -10.81
N VAL B 140 0.71 30.04 -10.70
CA VAL B 140 -0.68 30.46 -10.44
C VAL B 140 -1.59 29.97 -11.56
N TRP B 141 -1.10 30.05 -12.79
CA TRP B 141 -1.88 29.58 -13.93
C TRP B 141 -2.19 28.09 -13.82
N VAL B 142 -1.18 27.28 -13.51
CA VAL B 142 -1.39 25.82 -13.40
C VAL B 142 -2.32 25.49 -12.25
N ALA B 143 -2.21 26.25 -11.15
CA ALA B 143 -3.03 25.97 -9.97
C ALA B 143 -4.50 26.30 -10.16
N LYS B 144 -4.79 27.15 -11.16
CA LYS B 144 -6.16 27.57 -11.47
C LYS B 144 -6.93 26.39 -12.05
N GLU B 145 -8.08 26.11 -11.46
CA GLU B 145 -8.78 24.87 -11.72
C GLU B 145 -9.19 24.61 -13.17
N GLU B 146 -9.58 25.64 -13.91
CA GLU B 146 -10.06 25.40 -15.29
C GLU B 146 -8.86 25.19 -16.22
N ASN B 147 -7.75 25.83 -15.86
CA ASN B 147 -6.51 25.63 -16.57
C ASN B 147 -5.99 24.23 -16.33
N ALA B 148 -5.99 23.79 -15.06
CA ALA B 148 -5.54 22.46 -14.71
C ALA B 148 -6.37 21.39 -15.38
N LYS B 149 -7.69 21.60 -15.41
CA LYS B 149 -8.59 20.68 -16.10
C LYS B 149 -8.32 20.65 -17.61
N SER B 150 -8.00 21.81 -18.17
CA SER B 150 -7.71 21.90 -19.61
C SER B 150 -6.47 21.10 -20.05
N ILE B 151 -5.49 20.93 -19.16
CA ILE B 151 -4.32 20.11 -19.49
C ILE B 151 -4.24 18.83 -18.67
N ASN B 152 -5.37 18.46 -18.08
CA ASN B 152 -5.51 17.22 -17.31
C ASN B 152 -4.40 17.01 -16.25
N VAL B 153 -4.21 17.99 -15.38
CA VAL B 153 -3.33 17.83 -14.22
C VAL B 153 -4.12 18.06 -12.93
N ASP B 154 -3.63 17.47 -11.85
CA ASP B 154 -4.25 17.61 -10.53
C ASP B 154 -3.47 18.65 -9.75
N PRO B 155 -4.01 19.86 -9.66
CA PRO B 155 -3.35 20.99 -8.99
C PRO B 155 -3.12 20.74 -7.48
N THR B 156 -3.77 19.71 -6.90
CA THR B 156 -3.50 19.41 -5.50
C THR B 156 -2.11 18.77 -5.31
N LYS B 157 -1.43 18.47 -6.42
CA LYS B 157 -0.11 17.83 -6.36
C LYS B 157 0.98 18.69 -6.97
N LEU B 158 0.69 19.97 -7.22
CA LEU B 158 1.67 20.83 -7.87
C LEU B 158 2.97 20.91 -7.06
N VAL B 159 4.08 20.62 -7.72
CA VAL B 159 5.38 20.84 -7.12
C VAL B 159 6.21 21.70 -8.06
N VAL B 160 7.14 22.48 -7.53
CA VAL B 160 8.06 23.21 -8.38
C VAL B 160 9.41 22.53 -8.31
N ALA B 161 10.16 22.62 -9.39
CA ALA B 161 11.47 21.99 -9.44
C ALA B 161 12.40 22.76 -10.34
N GLY B 162 13.67 22.79 -9.97
CA GLY B 162 14.58 23.52 -10.82
C GLY B 162 16.04 23.26 -10.55
N ASP B 163 16.85 23.45 -11.59
CA ASP B 163 18.28 23.20 -11.38
C ASP B 163 19.03 24.53 -11.45
N SER B 164 20.01 24.68 -10.56
CA SER B 164 20.92 25.83 -10.56
C SER B 164 20.19 27.16 -10.37
N ALA B 165 20.23 28.03 -11.39
CA ALA B 165 19.43 29.26 -11.34
C ALA B 165 17.95 28.92 -11.29
N GLY B 166 17.59 27.81 -11.92
CA GLY B 166 16.22 27.27 -11.85
C GLY B 166 15.89 26.77 -10.45
N GLY B 167 16.91 26.38 -9.70
CA GLY B 167 16.75 26.07 -8.28
C GLY B 167 16.49 27.35 -7.52
N ASN B 168 17.25 28.39 -7.86
CA ASN B 168 17.03 29.71 -7.26
C ASN B 168 15.56 30.13 -7.43
N LEU B 169 15.13 30.12 -8.69
CA LEU B 169 13.76 30.48 -9.03
C LEU B 169 12.75 29.65 -8.24
N SER B 170 12.97 28.33 -8.17
CA SER B 170 12.00 27.51 -7.45
C SER B 170 11.86 28.03 -6.03
N ALA B 171 13.01 28.20 -5.38
CA ALA B 171 13.04 28.60 -3.99
C ALA B 171 12.29 29.90 -3.82
N VAL B 172 12.63 30.88 -4.64
CA VAL B 172 12.11 32.20 -4.35
C VAL B 172 10.65 32.27 -4.77
N VAL B 173 10.27 31.45 -5.75
CA VAL B 173 8.88 31.47 -6.16
C VAL B 173 8.06 31.03 -4.97
N CYS B 174 8.58 30.05 -4.24
CA CYS B 174 7.89 29.59 -3.05
C CYS B 174 7.73 30.75 -2.07
N ILE B 175 8.84 31.44 -1.80
CA ILE B 175 8.76 32.53 -0.85
C ILE B 175 7.74 33.58 -1.34
N ARG B 176 7.79 33.90 -2.63
CA ARG B 176 6.85 34.91 -3.13
C ARG B 176 5.40 34.45 -2.95
N ALA B 177 5.15 33.16 -3.22
CA ALA B 177 3.79 32.65 -3.12
C ALA B 177 3.33 32.76 -1.68
N LYS B 178 4.26 32.52 -0.74
CA LYS B 178 3.93 32.65 0.66
C LYS B 178 3.52 34.09 0.97
N GLN B 179 4.28 35.05 0.46
CA GLN B 179 3.95 36.45 0.73
C GLN B 179 2.60 36.85 0.18
N LEU B 180 2.19 36.21 -0.90
CA LEU B 180 0.91 36.57 -1.50
C LEU B 180 -0.21 35.75 -0.89
N GLY B 181 0.10 35.00 0.16
CA GLY B 181 -0.92 34.22 0.85
C GLY B 181 -1.47 33.07 0.03
N LEU B 182 -0.67 32.61 -0.92
CA LEU B 182 -1.09 31.51 -1.81
C LEU B 182 -0.64 30.15 -1.24
N ASN B 183 -1.52 29.16 -1.31
CA ASN B 183 -1.19 27.83 -0.81
C ASN B 183 -1.20 26.80 -1.93
N ILE B 184 -0.55 27.09 -3.04
CA ILE B 184 -0.70 26.25 -4.23
C ILE B 184 0.51 25.36 -4.57
N ILE B 185 1.62 25.53 -3.86
CA ILE B 185 2.80 24.69 -4.09
C ILE B 185 2.95 23.66 -2.99
N LYS B 186 2.95 22.38 -3.35
CA LYS B 186 2.98 21.32 -2.35
C LYS B 186 4.37 20.77 -2.08
N GLY B 187 5.34 21.21 -2.88
CA GLY B 187 6.70 20.71 -2.76
C GLY B 187 7.66 21.51 -3.62
N GLN B 188 8.92 21.58 -3.18
CA GLN B 188 9.96 22.22 -3.98
C GLN B 188 11.20 21.30 -4.06
N VAL B 189 11.70 21.13 -5.28
CA VAL B 189 12.90 20.34 -5.55
C VAL B 189 13.99 21.28 -6.04
N LEU B 190 15.02 21.44 -5.23
CA LEU B 190 16.09 22.39 -5.52
C LEU B 190 17.36 21.62 -5.85
N ILE B 191 17.71 21.63 -7.13
CA ILE B 191 18.89 20.89 -7.58
C ILE B 191 20.07 21.83 -7.72
N TYR B 192 21.09 21.56 -6.91
CA TYR B 192 22.21 22.46 -6.67
C TYR B 192 21.89 23.91 -7.03
N PRO B 193 21.04 24.55 -6.21
CA PRO B 193 20.50 25.90 -6.43
C PRO B 193 21.51 27.03 -6.17
N VAL B 194 21.34 28.17 -6.84
CA VAL B 194 22.02 29.40 -6.44
C VAL B 194 21.22 30.03 -5.31
N THR B 195 21.85 30.35 -4.19
CA THR B 195 21.05 30.93 -3.11
C THR B 195 21.62 32.22 -2.53
N ASP B 196 22.82 32.58 -2.98
CA ASP B 196 23.52 33.75 -2.41
C ASP B 196 24.53 34.33 -3.41
N ASP B 197 25.13 35.47 -3.05
CA ASP B 197 26.13 36.12 -3.91
C ASP B 197 27.51 36.28 -3.26
N ASN B 198 27.81 35.45 -2.27
CA ASN B 198 29.14 35.45 -1.70
C ASN B 198 30.04 34.53 -2.52
N PHE B 199 30.95 35.14 -3.27
CA PHE B 199 31.77 34.39 -4.20
C PHE B 199 33.02 33.92 -3.52
N GLU B 200 33.01 33.99 -2.19
CA GLU B 200 34.16 33.55 -1.41
C GLU B 200 33.81 32.51 -0.32
N THR B 201 32.76 31.71 -0.51
CA THR B 201 32.58 30.58 0.39
C THR B 201 33.69 29.54 0.13
N ASP B 202 33.81 28.56 1.03
CA ASP B 202 34.81 27.50 0.92
C ASP B 202 34.71 26.68 -0.35
N SER B 203 33.47 26.40 -0.80
CA SER B 203 33.31 25.63 -2.02
C SER B 203 33.63 26.53 -3.24
N TYR B 204 33.27 27.81 -3.16
CA TYR B 204 33.67 28.74 -4.23
C TYR B 204 35.18 28.78 -4.39
N LYS B 205 35.90 28.91 -3.29
CA LYS B 205 37.37 28.88 -3.33
C LYS B 205 37.92 27.53 -3.87
N GLN B 206 37.41 26.44 -3.33
CA GLN B 206 37.95 25.13 -3.68
C GLN B 206 37.65 24.69 -5.12
N PHE B 207 36.50 25.08 -5.68
CA PHE B 207 36.11 24.60 -7.01
C PHE B 207 35.97 25.74 -8.01
N ALA B 208 36.66 26.84 -7.73
CA ALA B 208 36.59 28.05 -8.56
C ALA B 208 36.87 27.81 -10.03
N GLU B 209 37.79 26.88 -10.31
CA GLU B 209 38.13 26.60 -11.69
C GLU B 209 38.18 25.11 -11.90
N ASN B 210 38.02 24.69 -13.15
CA ASN B 210 38.21 23.30 -13.60
C ASN B 210 37.14 22.33 -13.15
N TYR B 211 35.96 22.84 -12.80
CA TYR B 211 34.83 21.94 -12.51
C TYR B 211 33.57 22.30 -13.30
N TYR B 212 33.80 22.73 -14.55
CA TYR B 212 32.76 23.10 -15.53
C TYR B 212 32.07 24.42 -15.16
N LEU B 213 31.36 24.46 -14.05
CA LEU B 213 30.82 25.73 -13.57
C LEU B 213 31.92 26.48 -12.81
N THR B 214 32.27 27.69 -13.24
CA THR B 214 33.36 28.42 -12.59
C THR B 214 32.88 29.63 -11.80
N ARG B 215 33.73 30.15 -10.91
CA ARG B 215 33.41 31.36 -10.17
C ARG B 215 33.27 32.53 -11.15
N LYS B 216 34.14 32.54 -12.15
CA LYS B 216 34.10 33.54 -13.21
C LYS B 216 32.71 33.61 -13.87
N LEU B 217 32.24 32.43 -14.28
CA LEU B 217 30.93 32.29 -14.92
C LEU B 217 29.79 32.77 -14.01
N MET B 218 29.86 32.45 -12.72
CA MET B 218 28.84 32.91 -11.77
C MET B 218 28.82 34.44 -11.67
N VAL B 219 30.01 35.03 -11.63
CA VAL B 219 30.10 36.50 -11.55
C VAL B 219 29.46 37.11 -12.80
N TRP B 220 29.80 36.57 -13.96
CA TRP B 220 29.21 36.96 -15.23
C TRP B 220 27.66 36.85 -15.23
N PHE B 221 27.16 35.72 -14.71
CA PHE B 221 25.71 35.50 -14.57
C PHE B 221 25.02 36.57 -13.71
N PHE B 222 25.53 36.77 -12.52
CA PHE B 222 25.00 37.77 -11.60
C PHE B 222 25.07 39.17 -12.23
N ASP B 223 26.11 39.41 -13.02
CA ASP B 223 26.23 40.73 -13.69
C ASP B 223 25.14 40.93 -14.71
N HIS B 224 24.80 39.90 -15.48
CA HIS B 224 23.68 40.06 -16.41
C HIS B 224 22.30 40.10 -15.74
N TYR B 225 22.09 39.31 -14.69
CA TYR B 225 20.77 39.16 -14.04
C TYR B 225 20.41 40.33 -13.13
N ILE B 226 21.36 40.71 -12.28
CA ILE B 226 21.14 41.81 -11.36
C ILE B 226 22.32 42.75 -11.39
N PRO B 227 22.32 43.67 -12.38
CA PRO B 227 23.38 44.68 -12.51
C PRO B 227 23.47 45.59 -11.29
N ASP B 228 22.33 46.06 -10.78
CA ASP B 228 22.37 46.97 -9.63
C ASP B 228 22.42 46.19 -8.32
N LYS B 229 23.63 46.20 -7.75
CA LYS B 229 24.00 45.38 -6.61
C LYS B 229 23.12 45.56 -5.37
N LYS B 230 22.49 46.72 -5.23
CA LYS B 230 21.53 46.94 -4.15
C LYS B 230 20.46 45.85 -4.18
N ASP B 231 20.01 45.51 -5.39
CA ASP B 231 18.93 44.53 -5.55
C ASP B 231 19.34 43.11 -5.14
N ARG B 232 20.65 42.85 -5.09
CA ARG B 232 21.12 41.54 -4.67
C ARG B 232 20.81 41.31 -3.19
N GLN B 233 20.38 42.37 -2.50
CA GLN B 233 20.06 42.21 -1.09
C GLN B 233 18.65 41.69 -0.89
N SER B 234 17.86 41.65 -1.96
CA SER B 234 16.52 41.06 -1.87
C SER B 234 16.56 39.56 -1.56
N ILE B 235 15.63 39.10 -0.75
CA ILE B 235 15.61 37.67 -0.50
C ILE B 235 15.12 36.96 -1.76
N PHE B 236 14.50 37.72 -2.68
CA PHE B 236 13.99 37.14 -3.93
C PHE B 236 15.10 37.01 -4.97
N ALA B 237 16.27 37.55 -4.65
CA ALA B 237 17.47 37.34 -5.45
C ALA B 237 18.33 36.28 -4.76
N CYS B 238 18.57 36.50 -3.48
CA CYS B 238 19.40 35.60 -2.68
C CYS B 238 18.63 35.14 -1.45
N PRO B 239 17.91 34.02 -1.58
CA PRO B 239 17.06 33.59 -0.48
C PRO B 239 17.85 33.14 0.76
N LEU B 240 19.16 32.97 0.64
CA LEU B 240 19.98 32.65 1.81
C LEU B 240 20.01 33.82 2.81
N LYS B 241 19.75 35.03 2.31
CA LYS B 241 19.74 36.24 3.14
C LYS B 241 18.45 36.44 3.94
N ALA B 242 17.47 35.58 3.70
CA ALA B 242 16.21 35.67 4.40
C ALA B 242 16.40 35.30 5.87
N SER B 243 15.54 35.84 6.72
CA SER B 243 15.56 35.52 8.13
C SER B 243 14.86 34.18 8.37
N ILE B 244 15.11 33.56 9.52
CA ILE B 244 14.43 32.30 9.82
C ILE B 244 12.90 32.46 9.82
N ASP B 245 12.40 33.56 10.37
CA ASP B 245 10.95 33.80 10.40
C ASP B 245 10.39 33.90 8.98
N ASP B 246 11.16 34.54 8.09
CA ASP B 246 10.77 34.66 6.69
C ASP B 246 10.55 33.31 6.05
N LEU B 247 11.28 32.29 6.49
CA LEU B 247 11.34 31.02 5.77
C LEU B 247 10.39 30.00 6.34
N ARG B 248 9.66 30.40 7.39
CA ARG B 248 8.68 29.51 8.02
C ARG B 248 7.55 29.14 7.07
N VAL B 249 6.95 27.97 7.32
CA VAL B 249 5.86 27.37 6.55
C VAL B 249 6.03 27.51 5.02
N LEU B 250 7.18 27.06 4.53
CA LEU B 250 7.41 26.92 3.09
C LEU B 250 7.05 25.48 2.67
N PRO B 251 6.89 25.23 1.35
CA PRO B 251 6.54 23.86 0.97
C PRO B 251 7.64 22.83 1.27
N ARG B 252 7.22 21.61 1.56
CA ARG B 252 8.09 20.45 1.70
C ARG B 252 9.22 20.47 0.64
N ALA B 253 10.46 20.31 1.09
CA ALA B 253 11.59 20.60 0.20
C ALA B 253 12.56 19.44 0.06
N LEU B 254 13.08 19.27 -1.17
CA LEU B 254 14.21 18.36 -1.43
C LEU B 254 15.33 19.19 -2.00
N VAL B 255 16.46 19.23 -1.27
CA VAL B 255 17.60 20.03 -1.67
C VAL B 255 18.78 19.12 -1.97
N ILE B 256 19.22 19.14 -3.22
CA ILE B 256 20.27 18.26 -3.68
C ILE B 256 21.49 19.10 -4.03
N THR B 257 22.65 18.77 -3.44
CA THR B 257 23.88 19.48 -3.76
C THR B 257 24.92 18.53 -4.33
N ALA B 258 25.86 19.08 -5.09
CA ALA B 258 26.95 18.28 -5.63
C ALA B 258 28.20 18.50 -4.78
N GLU B 259 28.97 17.44 -4.57
CA GLU B 259 30.18 17.60 -3.78
C GLU B 259 31.20 18.59 -4.41
N ALA B 260 31.46 18.48 -5.71
CA ALA B 260 32.49 19.33 -6.35
C ALA B 260 31.88 20.49 -7.11
N ASP B 261 31.41 21.49 -6.38
CA ASP B 261 30.60 22.56 -6.94
C ASP B 261 30.76 23.82 -6.13
N VAL B 262 30.95 24.95 -6.82
CA VAL B 262 31.11 26.21 -6.10
C VAL B 262 29.88 26.59 -5.27
N LEU B 263 28.71 26.12 -5.69
CA LEU B 263 27.47 26.49 -4.99
C LEU B 263 27.13 25.57 -3.84
N ARG B 264 27.98 24.59 -3.59
CA ARG B 264 27.68 23.56 -2.59
C ARG B 264 27.34 24.14 -1.21
N GLU B 265 28.17 25.07 -0.73
CA GLU B 265 28.01 25.62 0.62
C GLU B 265 26.74 26.43 0.81
N GLU B 266 26.39 27.26 -0.17
CA GLU B 266 25.19 28.08 -0.02
C GLU B 266 23.93 27.23 -0.15
N GLY B 267 23.98 26.19 -0.97
CA GLY B 267 22.83 25.29 -1.07
C GLY B 267 22.62 24.61 0.27
N GLU B 268 23.68 24.03 0.81
CA GLU B 268 23.54 23.40 2.12
C GLU B 268 23.17 24.41 3.24
N ALA B 269 23.69 25.63 3.18
CA ALA B 269 23.31 26.63 4.18
C ALA B 269 21.81 26.97 4.07
N TYR B 270 21.30 27.04 2.84
CA TYR B 270 19.89 27.34 2.68
C TYR B 270 19.06 26.19 3.23
N ALA B 271 19.48 24.95 3.01
CA ALA B 271 18.78 23.80 3.62
C ALA B 271 18.77 23.87 5.15
N ARG B 272 19.91 24.20 5.75
CA ARG B 272 19.95 24.39 7.20
C ARG B 272 18.97 25.47 7.68
N LYS B 273 18.93 26.61 7.01
CA LYS B 273 17.94 27.63 7.37
C LYS B 273 16.51 27.09 7.25
N LEU B 274 16.22 26.36 6.19
CA LEU B 274 14.87 25.78 6.05
C LEU B 274 14.57 24.81 7.20
N ILE B 275 15.59 24.07 7.67
CA ILE B 275 15.41 23.19 8.83
C ILE B 275 15.17 23.97 10.12
N GLU B 276 15.95 25.02 10.33
CA GLU B 276 15.78 25.94 11.46
C GLU B 276 14.36 26.51 11.53
N ALA B 277 13.80 26.80 10.35
CA ALA B 277 12.46 27.38 10.24
C ALA B 277 11.32 26.37 10.43
N GLY B 278 11.67 25.12 10.75
CA GLY B 278 10.69 24.08 11.06
C GLY B 278 10.04 23.41 9.87
N ASN B 279 10.67 23.52 8.70
CA ASN B 279 10.10 22.91 7.51
C ASN B 279 10.45 21.43 7.36
N ASP B 280 9.68 20.76 6.51
CA ASP B 280 9.95 19.39 6.09
C ASP B 280 11.02 19.42 4.98
N VAL B 281 12.28 19.20 5.36
CA VAL B 281 13.41 19.36 4.45
C VAL B 281 14.30 18.13 4.38
N THR B 282 14.54 17.66 3.16
CA THR B 282 15.52 16.60 2.90
C THR B 282 16.62 17.23 2.09
N ALA B 283 17.83 17.18 2.63
CA ALA B 283 18.99 17.79 2.00
C ALA B 283 20.05 16.70 1.85
N VAL B 284 20.52 16.50 0.62
CA VAL B 284 21.47 15.44 0.34
C VAL B 284 22.60 15.98 -0.51
N ARG B 285 23.81 15.60 -0.16
CA ARG B 285 24.97 15.93 -0.96
C ARG B 285 25.40 14.67 -1.68
N TYR B 286 25.45 14.71 -3.01
CA TYR B 286 25.95 13.58 -3.78
C TYR B 286 27.45 13.71 -3.99
N LEU B 287 28.16 12.64 -3.67
CA LEU B 287 29.61 12.67 -3.74
C LEU B 287 30.11 12.32 -5.13
N GLY B 288 31.26 12.90 -5.49
CA GLY B 288 31.95 12.62 -6.73
C GLY B 288 31.37 13.23 -7.99
N ILE B 289 30.47 14.20 -7.85
CA ILE B 289 29.90 14.81 -9.04
C ILE B 289 30.14 16.30 -9.07
N ILE B 290 29.94 16.88 -10.26
CA ILE B 290 29.99 18.32 -10.49
C ILE B 290 28.63 18.91 -10.86
N HIS B 291 28.58 20.24 -10.81
CA HIS B 291 27.47 21.02 -11.32
C HIS B 291 27.30 20.83 -12.82
N GLY B 292 26.05 20.81 -13.29
CA GLY B 292 25.76 20.89 -14.71
C GLY B 292 25.48 19.59 -15.42
N ILE B 293 25.25 18.52 -14.65
CA ILE B 293 24.98 17.24 -15.27
C ILE B 293 23.55 17.21 -15.86
N PHE B 294 22.72 18.17 -15.48
CA PHE B 294 21.33 18.15 -15.93
C PHE B 294 21.01 19.09 -17.10
N ASN B 295 22.02 19.73 -17.68
CA ASN B 295 21.81 20.58 -18.85
C ASN B 295 22.62 20.15 -20.09
N LEU B 296 22.78 18.83 -20.28
CA LEU B 296 23.62 18.31 -21.35
C LEU B 296 22.85 17.39 -22.30
N ALA B 297 23.50 16.95 -23.39
CA ALA B 297 22.83 16.13 -24.39
C ALA B 297 22.48 14.76 -23.85
N THR B 298 23.33 14.30 -22.94
CA THR B 298 23.20 13.00 -22.32
C THR B 298 23.00 13.15 -20.81
N LEU B 299 22.73 12.05 -20.13
CA LEU B 299 22.55 12.11 -18.68
C LEU B 299 23.54 11.16 -18.03
N SER B 300 24.38 11.68 -17.13
CA SER B 300 25.39 10.83 -16.48
C SER B 300 24.72 9.73 -15.66
N PRO B 301 25.45 8.62 -15.40
CA PRO B 301 24.89 7.57 -14.51
C PRO B 301 24.38 8.12 -13.17
N THR B 302 25.14 9.03 -12.56
CA THR B 302 24.72 9.59 -11.28
C THR B 302 23.48 10.47 -11.46
N GLY B 303 23.43 11.18 -12.58
CA GLY B 303 22.25 11.95 -12.93
C GLY B 303 21.03 11.05 -12.96
N SER B 304 21.18 9.86 -13.50
CA SER B 304 20.06 8.93 -13.56
C SER B 304 19.65 8.47 -12.14
N GLU B 305 20.63 8.15 -11.30
CA GLU B 305 20.32 7.75 -9.92
C GLU B 305 19.58 8.86 -9.17
N ILE B 306 20.05 10.08 -9.34
CA ILE B 306 19.43 11.25 -8.73
C ILE B 306 18.00 11.45 -9.19
N LEU B 307 17.73 11.29 -10.48
CA LEU B 307 16.34 11.36 -10.93
C LEU B 307 15.49 10.29 -10.28
N ASP B 308 16.02 9.09 -10.13
CA ASP B 308 15.24 8.07 -9.41
C ASP B 308 14.94 8.47 -7.95
N HIS B 309 15.93 9.09 -7.31
CA HIS B 309 15.76 9.64 -5.96
C HIS B 309 14.62 10.68 -5.91
N ILE B 310 14.69 11.66 -6.81
CA ILE B 310 13.68 12.70 -6.89
C ILE B 310 12.29 12.11 -7.10
N VAL B 311 12.20 11.15 -7.99
CA VAL B 311 10.92 10.54 -8.26
C VAL B 311 10.36 9.86 -7.01
N ALA B 312 11.21 9.14 -6.27
CA ALA B 312 10.73 8.52 -5.03
C ALA B 312 10.22 9.57 -4.03
N TRP B 313 10.98 10.65 -3.90
CA TRP B 313 10.58 11.73 -3.02
C TRP B 313 9.26 12.38 -3.43
N LEU B 314 9.07 12.58 -4.74
CA LEU B 314 7.84 13.12 -5.29
C LEU B 314 6.65 12.22 -5.00
N GLN B 315 6.85 10.92 -5.18
CA GLN B 315 5.76 9.99 -4.90
C GLN B 315 5.39 10.06 -3.43
N LYS B 316 6.38 10.16 -2.55
CA LYS B 316 6.03 10.31 -1.13
C LYS B 316 5.24 11.62 -0.93
N THR B 317 5.71 12.71 -1.53
CA THR B 317 4.99 13.99 -1.45
C THR B 317 3.52 13.89 -1.85
N TRP B 318 3.28 13.27 -3.01
CA TRP B 318 1.94 13.10 -3.54
C TRP B 318 1.08 12.21 -2.65
N LYS B 319 1.70 11.21 -2.03
CA LYS B 319 0.96 10.39 -1.05
C LYS B 319 0.59 11.16 0.22
N LEU B 320 1.52 11.95 0.73
CA LEU B 320 1.26 12.75 1.93
C LEU B 320 0.10 13.71 1.70
N GLU B 321 0.10 14.36 0.54
CA GLU B 321 -0.98 15.32 0.27
C GLU B 321 -2.36 14.66 0.22
N HIS B 322 -2.44 13.45 -0.31
CA HIS B 322 -3.73 12.77 -0.46
C HIS B 322 -4.12 11.97 0.79
N HIS B 323 -3.28 12.04 1.83
CA HIS B 323 -3.39 11.13 2.98
C HIS B 323 -4.72 11.22 3.73
N HIS B 324 -5.14 12.44 4.09
CA HIS B 324 -6.40 12.67 4.81
C HIS B 324 -7.68 12.19 4.10
N HIS B 325 -7.57 11.83 2.82
CA HIS B 325 -8.69 11.22 2.11
C HIS B 325 -8.82 9.73 2.47
N HIS B 326 -9.06 9.48 3.75
CA HIS B 326 -9.18 8.14 4.28
C HIS B 326 -9.82 8.19 5.68
N PRO C 3 -39.22 -16.24 -2.91
CA PRO C 3 -38.53 -17.30 -3.65
C PRO C 3 -38.29 -18.52 -2.78
N THR C 4 -38.27 -19.70 -3.39
CA THR C 4 -37.97 -20.92 -2.66
C THR C 4 -36.45 -21.21 -2.59
N VAL C 5 -35.98 -21.53 -1.39
CA VAL C 5 -34.56 -21.69 -1.13
C VAL C 5 -33.89 -22.91 -1.77
N LYS C 6 -32.72 -22.68 -2.37
CA LYS C 6 -31.84 -23.76 -2.79
C LYS C 6 -30.59 -23.79 -1.92
N LEU C 7 -30.45 -24.85 -1.12
CA LEU C 7 -29.25 -25.03 -0.30
C LEU C 7 -28.12 -25.59 -1.14
N LYS C 8 -26.90 -25.25 -0.71
CA LYS C 8 -25.69 -25.84 -1.26
C LYS C 8 -25.55 -27.30 -0.77
N PRO C 9 -24.85 -28.14 -1.55
CA PRO C 9 -24.65 -29.59 -1.32
C PRO C 9 -24.26 -29.92 0.14
N TYR C 10 -23.23 -29.26 0.65
CA TYR C 10 -22.78 -29.46 2.03
C TYR C 10 -23.89 -29.18 3.04
N CYS C 11 -24.51 -28.01 2.91
CA CYS C 11 -25.57 -27.59 3.82
C CYS C 11 -26.83 -28.43 3.67
N GLN C 12 -27.09 -28.90 2.44
CA GLN C 12 -28.18 -29.84 2.20
C GLN C 12 -27.96 -31.20 2.89
N ASN C 13 -26.81 -31.80 2.66
CA ASN C 13 -26.44 -33.04 3.33
C ASN C 13 -26.51 -32.90 4.86
N ILE C 14 -25.93 -31.83 5.39
CA ILE C 14 -26.02 -31.54 6.83
C ILE C 14 -27.47 -31.41 7.31
N ALA C 15 -28.35 -30.79 6.54
CA ALA C 15 -29.71 -30.62 6.96
C ALA C 15 -30.62 -31.87 6.78
N ASP C 16 -30.41 -32.65 5.74
CA ASP C 16 -31.11 -33.90 5.61
C ASP C 16 -30.87 -34.78 6.87
N ALA C 17 -29.65 -35.27 7.08
CA ALA C 17 -29.18 -35.66 8.39
C ALA C 17 -29.73 -36.92 9.02
N ALA C 18 -28.83 -37.79 9.45
CA ALA C 18 -29.13 -38.73 10.48
C ALA C 18 -29.42 -37.80 11.66
N THR C 19 -30.71 -37.61 11.95
CA THR C 19 -31.27 -36.49 12.69
C THR C 19 -31.58 -36.86 14.10
N ILE C 20 -31.83 -35.88 14.94
CA ILE C 20 -32.34 -36.21 16.25
C ILE C 20 -32.86 -35.00 17.00
N ASP C 21 -33.64 -35.24 18.03
CA ASP C 21 -34.13 -34.17 18.91
C ASP C 21 -33.22 -34.17 20.07
N SER C 22 -32.51 -33.07 20.23
CA SER C 22 -31.69 -32.74 21.40
C SER C 22 -32.52 -32.14 22.56
N THR C 23 -33.69 -31.60 22.26
CA THR C 23 -34.51 -30.96 23.29
C THR C 23 -35.09 -31.95 24.32
N GLN C 24 -35.03 -33.25 23.99
CA GLN C 24 -35.60 -34.28 24.86
C GLN C 24 -34.56 -34.93 25.78
N TYR C 25 -33.31 -34.50 25.66
CA TYR C 25 -32.24 -35.02 26.52
C TYR C 25 -31.70 -33.90 27.42
N PRO C 26 -31.01 -34.27 28.52
CA PRO C 26 -30.33 -33.35 29.45
C PRO C 26 -29.07 -32.68 28.89
N PRO C 27 -28.82 -31.42 29.29
CA PRO C 27 -27.74 -30.60 28.74
C PRO C 27 -26.40 -31.30 28.74
N GLU C 28 -26.00 -31.89 29.86
CA GLU C 28 -24.71 -32.57 29.95
C GLU C 28 -24.58 -33.69 28.94
N VAL C 29 -25.67 -34.41 28.73
CA VAL C 29 -25.64 -35.51 27.77
C VAL C 29 -25.60 -34.94 26.35
N VAL C 30 -26.31 -33.83 26.11
CA VAL C 30 -26.27 -33.19 24.78
C VAL C 30 -24.82 -32.80 24.46
N ARG C 31 -24.17 -32.15 25.43
CA ARG C 31 -22.78 -31.76 25.30
C ARG C 31 -21.88 -32.95 25.06
N LYS C 32 -22.13 -34.05 25.78
CA LYS C 32 -21.26 -35.21 25.68
C LYS C 32 -21.41 -35.88 24.29
N ALA C 33 -22.64 -35.98 23.82
CA ALA C 33 -22.89 -36.49 22.48
C ALA C 33 -22.28 -35.57 21.43
N GLU C 34 -22.32 -34.27 21.67
CA GLU C 34 -21.75 -33.28 20.76
C GLU C 34 -20.23 -33.46 20.62
N ALA C 35 -19.57 -33.51 21.77
CA ALA C 35 -18.13 -33.74 21.81
C ALA C 35 -17.80 -35.04 21.10
N ALA C 36 -18.62 -36.06 21.34
CA ALA C 36 -18.43 -37.34 20.69
C ALA C 36 -18.54 -37.21 19.17
N SER C 37 -19.52 -36.44 18.73
CA SER C 37 -19.78 -36.22 17.32
C SER C 37 -18.56 -35.57 16.67
N ILE C 38 -17.88 -34.71 17.42
CA ILE C 38 -16.64 -34.14 16.87
C ILE C 38 -15.48 -35.13 16.86
N ILE C 39 -15.23 -35.77 18.00
CA ILE C 39 -14.06 -36.63 18.16
C ILE C 39 -14.06 -37.86 17.25
N ASP C 40 -15.22 -38.49 17.06
CA ASP C 40 -15.30 -39.73 16.28
C ASP C 40 -15.40 -39.51 14.77
N ASP C 41 -15.58 -38.24 14.38
CA ASP C 41 -15.62 -37.86 12.97
C ASP C 41 -14.23 -38.03 12.35
N PRO C 42 -14.16 -38.77 11.22
CA PRO C 42 -12.86 -39.10 10.61
C PRO C 42 -12.19 -37.88 9.99
N LYS C 43 -12.98 -36.84 9.82
CA LYS C 43 -12.57 -35.59 9.17
C LYS C 43 -12.20 -34.46 10.15
N ALA C 44 -12.40 -34.69 11.45
CA ALA C 44 -12.22 -33.64 12.45
C ALA C 44 -10.81 -33.05 12.47
N LEU C 45 -9.82 -33.87 12.14
CA LEU C 45 -8.42 -33.43 12.18
C LEU C 45 -7.80 -33.23 10.82
N GLU C 46 -8.44 -33.74 9.78
CA GLU C 46 -7.88 -33.66 8.43
C GLU C 46 -7.86 -32.23 7.92
N GLY C 47 -6.68 -31.75 7.52
CA GLY C 47 -6.55 -30.40 7.00
C GLY C 47 -6.70 -29.32 8.07
N LEU C 48 -6.66 -29.73 9.33
CA LEU C 48 -6.67 -28.78 10.45
C LEU C 48 -5.34 -28.04 10.55
N PRO C 49 -5.39 -26.70 10.49
CA PRO C 49 -4.10 -26.01 10.58
C PRO C 49 -3.41 -26.26 11.91
N ASP C 50 -2.09 -26.32 11.90
CA ASP C 50 -1.35 -26.37 13.15
C ASP C 50 -1.15 -24.96 13.65
N VAL C 51 -1.35 -24.80 14.95
CA VAL C 51 -1.31 -23.49 15.57
C VAL C 51 -0.53 -23.56 16.88
N TYR C 52 -0.05 -22.39 17.31
CA TYR C 52 0.48 -22.20 18.65
C TYR C 52 -0.69 -22.03 19.60
N LEU C 53 -0.74 -22.86 20.64
CA LEU C 53 -1.82 -22.75 21.61
C LEU C 53 -1.28 -22.57 23.02
N GLU C 54 -1.88 -21.61 23.71
CA GLU C 54 -1.48 -21.21 25.04
C GLU C 54 -2.75 -21.09 25.85
N GLU C 55 -2.72 -21.53 27.11
CA GLU C 55 -3.87 -21.41 28.00
C GLU C 55 -3.59 -20.36 29.08
N LYS C 56 -4.57 -19.51 29.35
CA LYS C 56 -4.33 -18.45 30.32
C LYS C 56 -5.53 -18.44 31.27
N THR C 57 -5.28 -18.39 32.58
CA THR C 57 -6.39 -18.35 33.54
C THR C 57 -6.55 -16.98 34.16
N ILE C 58 -7.75 -16.41 34.07
CA ILE C 58 -7.99 -15.15 34.77
C ILE C 58 -8.93 -15.31 35.97
N ASN C 59 -8.59 -14.59 37.03
CA ASN C 59 -9.34 -14.60 38.28
C ASN C 59 -10.34 -13.47 38.33
N ARG C 60 -11.62 -13.82 38.43
CA ARG C 60 -12.64 -12.80 38.58
C ARG C 60 -12.67 -12.34 40.05
N LYS C 61 -13.41 -11.27 40.33
CA LYS C 61 -13.44 -10.72 41.68
C LYS C 61 -14.16 -11.68 42.63
N ASN C 62 -15.06 -12.48 42.07
CA ASN C 62 -15.89 -13.34 42.89
C ASN C 62 -15.18 -14.64 43.18
N GLY C 63 -13.94 -14.74 42.69
CA GLY C 63 -13.10 -15.89 42.98
C GLY C 63 -13.20 -17.05 41.99
N SER C 64 -14.05 -16.89 40.98
CA SER C 64 -14.17 -17.91 39.94
C SER C 64 -13.10 -17.60 38.88
N LYS C 65 -12.82 -18.58 38.04
CA LYS C 65 -11.77 -18.48 37.06
C LYS C 65 -12.34 -18.58 35.65
N ILE C 66 -11.86 -17.75 34.74
CA ILE C 66 -12.20 -17.91 33.34
C ILE C 66 -10.97 -18.45 32.61
N GLU C 67 -11.15 -19.59 31.93
CA GLU C 67 -10.09 -20.16 31.10
C GLU C 67 -10.14 -19.61 29.69
N LEU C 68 -9.00 -19.05 29.28
CA LEU C 68 -8.79 -18.52 27.94
C LEU C 68 -7.92 -19.46 27.14
N THR C 69 -8.36 -19.82 25.94
CA THR C 69 -7.52 -20.58 25.03
C THR C 69 -7.09 -19.65 23.92
N ILE C 70 -5.80 -19.41 23.87
CA ILE C 70 -5.26 -18.45 22.94
C ILE C 70 -4.49 -19.17 21.86
N THR C 71 -4.93 -18.99 20.62
CA THR C 71 -4.23 -19.59 19.50
C THR C 71 -3.61 -18.48 18.66
N ARG C 72 -2.40 -18.75 18.14
CA ARG C 72 -1.75 -17.85 17.18
C ARG C 72 -1.07 -18.65 16.09
N PRO C 73 -0.70 -17.98 14.99
CA PRO C 73 0.04 -18.76 13.98
C PRO C 73 1.39 -19.22 14.49
N LEU C 74 1.91 -20.31 13.94
CA LEU C 74 3.23 -20.80 14.29
C LEU C 74 4.29 -19.75 14.02
N ASP C 75 5.37 -19.80 14.79
CA ASP C 75 6.49 -18.85 14.70
C ASP C 75 6.10 -17.41 14.96
N THR C 76 5.21 -17.15 15.91
CA THR C 76 4.85 -15.76 16.22
C THR C 76 5.11 -15.45 17.69
N GLU C 77 5.99 -16.26 18.30
CA GLU C 77 6.31 -16.19 19.72
C GLU C 77 6.76 -14.81 20.14
N ASN C 78 7.56 -14.19 19.30
CA ASN C 78 8.11 -12.89 19.65
C ASN C 78 7.61 -11.80 18.73
N GLN C 79 6.46 -12.03 18.13
CA GLN C 79 5.87 -11.06 17.23
C GLN C 79 4.58 -10.54 17.86
N VAL C 80 4.33 -9.24 17.75
CA VAL C 80 3.09 -8.66 18.30
C VAL C 80 1.94 -8.69 17.29
N LEU C 81 0.84 -9.32 17.69
CA LEU C 81 -0.31 -9.60 16.81
C LEU C 81 -1.58 -8.88 17.22
N PRO C 82 -2.51 -8.67 16.28
CA PRO C 82 -3.84 -8.20 16.69
C PRO C 82 -4.62 -9.27 17.49
N PRO C 83 -5.35 -8.86 18.54
CA PRO C 83 -6.14 -9.82 19.31
C PRO C 83 -7.60 -9.87 18.89
N ILE C 84 -8.09 -11.08 18.66
CA ILE C 84 -9.51 -11.29 18.41
C ILE C 84 -10.09 -12.03 19.60
N VAL C 85 -11.01 -11.42 20.32
CA VAL C 85 -11.66 -12.11 21.43
C VAL C 85 -12.94 -12.78 20.93
N PHE C 86 -12.98 -14.10 21.05
CA PHE C 86 -14.00 -14.88 20.38
C PHE C 86 -14.95 -15.58 21.36
N PHE C 87 -16.25 -15.44 21.06
CA PHE C 87 -17.35 -16.05 21.78
C PHE C 87 -18.13 -17.04 20.91
N HIS C 88 -18.04 -18.30 21.31
CA HIS C 88 -18.56 -19.39 20.51
C HIS C 88 -20.06 -19.49 20.68
N GLY C 89 -20.71 -20.16 19.73
CA GLY C 89 -22.14 -20.39 19.77
C GLY C 89 -22.45 -21.68 20.49
N GLY C 90 -23.73 -22.02 20.51
CA GLY C 90 -24.24 -23.20 21.18
C GLY C 90 -25.42 -22.87 22.08
N GLY C 91 -26.04 -21.72 21.82
CA GLY C 91 -27.25 -21.30 22.53
C GLY C 91 -27.05 -21.02 24.00
N TRP C 92 -25.81 -20.68 24.37
CA TRP C 92 -25.44 -20.43 25.76
C TRP C 92 -25.51 -21.70 26.60
N VAL C 93 -25.73 -22.84 25.96
CA VAL C 93 -25.96 -24.10 26.68
C VAL C 93 -24.95 -25.17 26.29
N VAL C 94 -24.58 -25.21 25.01
CA VAL C 94 -23.57 -26.14 24.52
C VAL C 94 -22.45 -25.40 23.78
N GLY C 95 -21.61 -26.16 23.06
CA GLY C 95 -20.48 -25.60 22.36
C GLY C 95 -19.22 -25.59 23.20
N SER C 96 -18.07 -25.64 22.53
CA SER C 96 -16.78 -25.75 23.22
C SER C 96 -15.63 -25.33 22.30
N LYS C 97 -14.41 -25.34 22.86
CA LYS C 97 -13.22 -25.09 22.06
C LYS C 97 -13.06 -26.19 21.04
N LEU C 98 -13.72 -27.32 21.28
CA LEU C 98 -13.69 -28.48 20.37
C LEU C 98 -14.66 -28.32 19.20
N THR C 99 -15.89 -27.88 19.47
CA THR C 99 -16.85 -27.72 18.39
C THR C 99 -16.40 -26.63 17.43
N HIS C 100 -15.71 -25.63 17.96
CA HIS C 100 -15.30 -24.50 17.16
C HIS C 100 -13.80 -24.53 16.82
N ARG C 101 -13.16 -25.65 17.09
CA ARG C 101 -11.73 -25.78 16.81
C ARG C 101 -11.41 -25.49 15.35
N ARG C 102 -12.19 -26.05 14.42
CA ARG C 102 -11.96 -25.86 12.98
C ARG C 102 -12.01 -24.36 12.63
N THR C 103 -13.13 -23.74 12.99
CA THR C 103 -13.34 -22.32 12.76
C THR C 103 -12.25 -21.44 13.40
N VAL C 104 -11.91 -21.72 14.65
CA VAL C 104 -10.93 -20.91 15.36
C VAL C 104 -9.53 -21.04 14.80
N TYR C 105 -9.14 -22.26 14.48
CA TYR C 105 -7.81 -22.47 13.93
C TYR C 105 -7.69 -21.80 12.54
N GLU C 106 -8.73 -21.96 11.72
CA GLU C 106 -8.73 -21.34 10.39
C GLU C 106 -8.67 -19.83 10.51
N LEU C 107 -9.47 -19.26 11.40
CA LEU C 107 -9.45 -17.82 11.61
C LEU C 107 -8.05 -17.38 12.05
N THR C 108 -7.49 -18.11 13.00
CA THR C 108 -6.16 -17.81 13.51
C THR C 108 -5.14 -17.71 12.37
N VAL C 109 -5.07 -18.73 11.52
CA VAL C 109 -4.00 -18.73 10.53
C VAL C 109 -4.30 -17.85 9.32
N ARG C 110 -5.58 -17.57 9.05
CA ARG C 110 -5.93 -16.68 7.93
C ARG C 110 -5.74 -15.20 8.28
N ALA C 111 -6.12 -14.84 9.49
CA ALA C 111 -6.04 -13.45 9.93
C ALA C 111 -4.67 -13.14 10.48
N ARG C 112 -3.92 -14.20 10.79
CA ARG C 112 -2.63 -14.09 11.45
C ARG C 112 -2.73 -13.22 12.70
N ALA C 113 -3.68 -13.56 13.56
CA ALA C 113 -3.98 -12.80 14.74
C ALA C 113 -3.95 -13.78 15.92
N ALA C 114 -3.92 -13.25 17.14
CA ALA C 114 -4.14 -14.10 18.30
C ALA C 114 -5.64 -14.20 18.57
N VAL C 115 -6.19 -15.39 18.40
CA VAL C 115 -7.59 -15.57 18.73
C VAL C 115 -7.71 -16.03 20.17
N ILE C 116 -8.39 -15.23 20.97
CA ILE C 116 -8.56 -15.47 22.40
C ILE C 116 -9.98 -16.00 22.65
N PHE C 117 -10.05 -17.31 22.85
CA PHE C 117 -11.30 -18.05 23.01
C PHE C 117 -11.69 -18.07 24.47
N VAL C 118 -12.83 -17.47 24.79
CA VAL C 118 -13.29 -17.40 26.16
C VAL C 118 -14.15 -18.60 26.50
N ASN C 119 -13.69 -19.43 27.42
CA ASN C 119 -14.49 -20.58 27.83
C ASN C 119 -15.48 -20.18 28.91
N TYR C 120 -16.54 -19.51 28.47
CA TYR C 120 -17.50 -18.90 29.38
C TYR C 120 -18.45 -19.92 29.97
N SER C 121 -19.05 -19.58 31.10
CA SER C 121 -19.89 -20.53 31.83
C SER C 121 -21.20 -20.81 31.08
N LEU C 122 -21.50 -22.10 30.91
CA LEU C 122 -22.66 -22.51 30.14
C LEU C 122 -23.91 -22.63 31.02
N SER C 123 -25.07 -22.54 30.37
CA SER C 123 -26.38 -22.70 31.01
C SER C 123 -26.86 -24.15 30.94
N PRO C 124 -27.78 -24.56 31.84
CA PRO C 124 -28.41 -23.75 32.88
C PRO C 124 -27.61 -23.68 34.18
N GLU C 125 -26.44 -24.29 34.23
CA GLU C 125 -25.63 -24.30 35.45
C GLU C 125 -25.39 -22.89 35.98
N VAL C 126 -25.24 -21.93 35.07
CA VAL C 126 -25.34 -20.52 35.43
C VAL C 126 -26.45 -19.95 34.57
N ARG C 127 -26.95 -18.78 34.91
CA ARG C 127 -27.98 -18.12 34.11
C ARG C 127 -27.47 -16.78 33.61
N PHE C 128 -28.22 -16.19 32.70
CA PHE C 128 -28.03 -14.79 32.34
C PHE C 128 -27.91 -13.97 33.63
N PRO C 129 -26.99 -13.01 33.68
CA PRO C 129 -26.01 -12.51 32.70
C PRO C 129 -24.57 -12.88 33.06
N THR C 130 -24.35 -14.09 33.56
CA THR C 130 -23.04 -14.48 34.07
C THR C 130 -21.97 -14.57 32.96
N ALA C 131 -22.31 -15.26 31.87
CA ALA C 131 -21.43 -15.38 30.72
C ALA C 131 -21.08 -14.00 30.17
N LEU C 132 -22.07 -13.11 30.07
CA LEU C 132 -21.82 -11.73 29.63
C LEU C 132 -20.76 -11.04 30.48
N GLU C 133 -20.87 -11.22 31.79
CA GLU C 133 -19.95 -10.59 32.73
C GLU C 133 -18.54 -11.17 32.58
N GLU C 134 -18.47 -12.48 32.40
CA GLU C 134 -17.19 -13.16 32.17
C GLU C 134 -16.51 -12.70 30.86
N CYS C 135 -17.30 -12.58 29.80
CA CYS C 135 -16.78 -12.18 28.50
C CYS C 135 -16.27 -10.75 28.57
N LEU C 136 -17.04 -9.90 29.24
CA LEU C 136 -16.58 -8.54 29.45
C LEU C 136 -15.28 -8.53 30.24
N ASP C 137 -15.21 -9.37 31.28
CA ASP C 137 -13.99 -9.46 32.08
C ASP C 137 -12.79 -9.86 31.22
N ALA C 138 -12.99 -10.79 30.30
CA ALA C 138 -11.93 -11.20 29.39
C ALA C 138 -11.48 -10.05 28.49
N VAL C 139 -12.44 -9.32 27.90
CA VAL C 139 -12.08 -8.17 27.04
C VAL C 139 -11.27 -7.13 27.82
N VAL C 140 -11.75 -6.81 29.02
CA VAL C 140 -11.03 -5.86 29.86
C VAL C 140 -9.62 -6.38 30.21
N TRP C 141 -9.50 -7.67 30.45
CA TRP C 141 -8.19 -8.25 30.75
C TRP C 141 -7.23 -8.07 29.58
N VAL C 142 -7.71 -8.42 28.38
CA VAL C 142 -6.90 -8.31 27.16
C VAL C 142 -6.51 -6.86 26.83
N ALA C 143 -7.42 -5.91 27.07
CA ALA C 143 -7.10 -4.52 26.73
C ALA C 143 -6.10 -3.92 27.69
N LYS C 144 -5.97 -4.50 28.88
CA LYS C 144 -5.02 -3.97 29.83
C LYS C 144 -3.61 -4.12 29.32
N GLU C 145 -2.90 -3.02 29.31
CA GLU C 145 -1.60 -2.95 28.72
C GLU C 145 -0.60 -4.00 29.14
N GLU C 146 -0.44 -4.26 30.41
CA GLU C 146 0.62 -5.17 30.75
C GLU C 146 0.27 -6.66 30.60
N ASN C 147 -1.00 -6.90 30.50
CA ASN C 147 -1.57 -8.20 30.12
C ASN C 147 -1.36 -8.43 28.61
N ALA C 148 -1.67 -7.41 27.82
CA ALA C 148 -1.46 -7.50 26.38
C ALA C 148 0.01 -7.77 26.04
N LYS C 149 0.92 -7.11 26.74
CA LYS C 149 2.37 -7.31 26.57
C LYS C 149 2.78 -8.73 26.92
N SER C 150 2.12 -9.29 27.94
CA SER C 150 2.40 -10.66 28.38
C SER C 150 1.99 -11.73 27.34
N ILE C 151 0.98 -11.47 26.51
CA ILE C 151 0.63 -12.44 25.46
C ILE C 151 0.93 -11.90 24.04
N ASN C 152 1.78 -10.88 23.96
CA ASN C 152 2.18 -10.29 22.69
C ASN C 152 1.04 -9.96 21.72
N VAL C 153 0.08 -9.17 22.20
CA VAL C 153 -0.93 -8.59 21.32
C VAL C 153 -0.99 -7.08 21.46
N ASP C 154 -1.47 -6.44 20.40
CA ASP C 154 -1.62 -4.99 20.38
C ASP C 154 -3.08 -4.64 20.65
N PRO C 155 -3.37 -4.16 21.87
CA PRO C 155 -4.73 -3.86 22.30
C PRO C 155 -5.38 -2.73 21.49
N THR C 156 -4.60 -1.94 20.73
CA THR C 156 -5.20 -0.92 19.88
C THR C 156 -5.96 -1.52 18.68
N LYS C 157 -5.89 -2.84 18.50
CA LYS C 157 -6.58 -3.49 17.38
C LYS C 157 -7.61 -4.51 17.84
N LEU C 158 -7.92 -4.49 19.14
CA LEU C 158 -8.84 -5.48 19.71
C LEU C 158 -10.22 -5.48 19.06
N VAL C 159 -10.67 -6.66 18.66
CA VAL C 159 -12.03 -6.84 18.17
C VAL C 159 -12.69 -8.05 18.82
N VAL C 160 -14.02 -8.02 18.95
CA VAL C 160 -14.75 -9.20 19.43
C VAL C 160 -15.47 -9.86 18.26
N ALA C 161 -15.64 -11.17 18.34
CA ALA C 161 -16.29 -11.91 17.28
C ALA C 161 -17.01 -13.09 17.89
N GLY C 162 -18.15 -13.44 17.32
CA GLY C 162 -18.88 -14.55 17.86
C GLY C 162 -19.96 -15.05 16.96
N ASP C 163 -20.27 -16.32 17.11
CA ASP C 163 -21.32 -16.89 16.25
C ASP C 163 -22.54 -17.24 17.07
N SER C 164 -23.74 -16.97 16.52
CA SER C 164 -25.01 -17.34 17.16
C SER C 164 -25.21 -16.66 18.52
N ALA C 165 -25.26 -17.46 19.58
CA ALA C 165 -25.29 -16.94 20.94
C ALA C 165 -24.03 -16.14 21.25
N GLY C 166 -22.92 -16.52 20.61
CA GLY C 166 -21.68 -15.78 20.69
C GLY C 166 -21.74 -14.43 20.00
N GLY C 167 -22.55 -14.33 18.94
CA GLY C 167 -22.80 -13.05 18.28
C GLY C 167 -23.58 -12.13 19.19
N ASN C 168 -24.58 -12.71 19.85
CA ASN C 168 -25.32 -12.03 20.90
C ASN C 168 -24.35 -11.47 21.92
N LEU C 169 -23.54 -12.36 22.47
CA LEU C 169 -22.56 -11.96 23.47
C LEU C 169 -21.64 -10.85 22.96
N SER C 170 -21.16 -10.92 21.71
CA SER C 170 -20.30 -9.86 21.16
C SER C 170 -21.05 -8.55 21.24
N ALA C 171 -22.25 -8.55 20.68
CA ALA C 171 -23.09 -7.34 20.62
C ALA C 171 -23.31 -6.69 21.98
N VAL C 172 -23.74 -7.53 22.92
CA VAL C 172 -24.12 -7.00 24.23
C VAL C 172 -22.90 -6.63 25.04
N VAL C 173 -21.78 -7.33 24.83
CA VAL C 173 -20.52 -6.93 25.47
C VAL C 173 -20.13 -5.56 24.99
N CYS C 174 -20.35 -5.31 23.71
CA CYS C 174 -20.10 -3.99 23.19
C CYS C 174 -20.97 -2.94 23.89
N ILE C 175 -22.26 -3.20 23.98
CA ILE C 175 -23.15 -2.25 24.67
C ILE C 175 -22.71 -2.00 26.13
N ARG C 176 -22.41 -3.09 26.82
CA ARG C 176 -21.98 -3.08 28.20
C ARG C 176 -20.71 -2.25 28.38
N ALA C 177 -19.76 -2.41 27.46
CA ALA C 177 -18.52 -1.65 27.49
C ALA C 177 -18.76 -0.17 27.24
N LYS C 178 -19.69 0.12 26.33
CA LYS C 178 -20.08 1.51 26.07
C LYS C 178 -20.61 2.14 27.35
N GLN C 179 -21.46 1.40 28.05
CA GLN C 179 -22.02 1.89 29.31
C GLN C 179 -20.97 2.19 30.36
N LEU C 180 -19.89 1.41 30.38
CA LEU C 180 -18.87 1.60 31.41
C LEU C 180 -17.85 2.67 30.99
N GLY C 181 -18.14 3.35 29.89
CA GLY C 181 -17.27 4.42 29.43
C GLY C 181 -15.95 3.89 28.92
N LEU C 182 -15.94 2.64 28.47
CA LEU C 182 -14.73 2.01 27.91
C LEU C 182 -14.69 2.09 26.39
N ASN C 183 -13.55 2.50 25.84
CA ASN C 183 -13.36 2.53 24.39
C ASN C 183 -12.25 1.57 23.95
N ILE C 184 -12.34 0.33 24.40
CA ILE C 184 -11.31 -0.68 24.23
C ILE C 184 -11.64 -1.70 23.13
N ILE C 185 -12.85 -1.65 22.58
CA ILE C 185 -13.26 -2.53 21.49
C ILE C 185 -13.29 -1.78 20.16
N LYS C 186 -12.48 -2.21 19.21
CA LYS C 186 -12.33 -1.49 17.94
C LYS C 186 -13.23 -2.02 16.85
N GLY C 187 -13.88 -3.15 17.11
CA GLY C 187 -14.71 -3.79 16.10
C GLY C 187 -15.49 -4.97 16.63
N GLN C 188 -16.64 -5.25 16.00
CA GLN C 188 -17.43 -6.41 16.39
C GLN C 188 -17.85 -7.20 15.17
N VAL C 189 -17.62 -8.51 15.20
CA VAL C 189 -18.06 -9.40 14.12
C VAL C 189 -19.15 -10.35 14.62
N LEU C 190 -20.35 -10.19 14.07
CA LEU C 190 -21.52 -10.94 14.52
C LEU C 190 -21.94 -11.94 13.44
N ILE C 191 -21.67 -13.21 13.69
CA ILE C 191 -22.02 -14.24 12.71
C ILE C 191 -23.34 -14.89 13.11
N TYR C 192 -24.34 -14.71 12.23
CA TYR C 192 -25.77 -14.98 12.48
C TYR C 192 -26.16 -15.00 13.95
N PRO C 193 -26.16 -13.82 14.58
CA PRO C 193 -26.41 -13.65 16.02
C PRO C 193 -27.86 -13.88 16.43
N VAL C 194 -28.06 -14.29 17.68
CA VAL C 194 -29.36 -14.18 18.32
C VAL C 194 -29.46 -12.77 18.84
N THR C 195 -30.53 -12.06 18.48
CA THR C 195 -30.68 -10.68 18.90
C THR C 195 -32.04 -10.42 19.58
N ASP C 196 -32.94 -11.40 19.55
CA ASP C 196 -34.30 -11.17 20.04
C ASP C 196 -34.97 -12.46 20.50
N ASP C 197 -36.17 -12.34 21.07
CA ASP C 197 -36.91 -13.52 21.57
C ASP C 197 -38.29 -13.76 20.92
N ASN C 198 -38.49 -13.22 19.71
CA ASN C 198 -39.68 -13.49 18.92
C ASN C 198 -39.52 -14.75 18.05
N PHE C 199 -40.31 -15.78 18.36
CA PHE C 199 -40.24 -17.06 17.67
C PHE C 199 -41.25 -17.17 16.54
N GLU C 200 -41.85 -16.04 16.16
CA GLU C 200 -42.81 -15.98 15.06
C GLU C 200 -42.41 -14.94 13.98
N THR C 201 -41.10 -14.66 13.82
CA THR C 201 -40.69 -13.88 12.65
C THR C 201 -40.87 -14.71 11.42
N ASP C 202 -40.76 -14.05 10.26
CA ASP C 202 -40.89 -14.68 8.95
C ASP C 202 -39.85 -15.77 8.77
N SER C 203 -38.63 -15.50 9.24
CA SER C 203 -37.59 -16.49 9.12
C SER C 203 -37.85 -17.66 10.11
N TYR C 204 -38.33 -17.34 11.30
CA TYR C 204 -38.72 -18.40 12.23
C TYR C 204 -39.82 -19.28 11.62
N LYS C 205 -40.85 -18.66 11.06
CA LYS C 205 -41.94 -19.42 10.43
C LYS C 205 -41.47 -20.30 9.27
N GLN C 206 -40.67 -19.73 8.37
CA GLN C 206 -40.26 -20.47 7.18
C GLN C 206 -39.24 -21.59 7.46
N PHE C 207 -38.36 -21.37 8.42
CA PHE C 207 -37.30 -22.36 8.60
C PHE C 207 -37.37 -23.04 9.97
N ALA C 208 -38.56 -23.01 10.59
CA ALA C 208 -38.79 -23.52 11.95
C ALA C 208 -38.29 -24.94 12.16
N GLU C 209 -38.40 -25.76 11.12
CA GLU C 209 -37.97 -27.16 11.16
C GLU C 209 -37.13 -27.49 9.93
N ASN C 210 -36.39 -28.54 10.00
CA ASN C 210 -35.74 -29.05 8.86
C ASN C 210 -34.51 -28.31 8.38
N TYR C 211 -34.10 -27.28 9.07
CA TYR C 211 -32.85 -26.62 8.67
C TYR C 211 -31.70 -26.65 9.73
N TYR C 212 -31.37 -27.83 10.22
CA TYR C 212 -30.40 -28.02 11.30
C TYR C 212 -30.76 -27.30 12.63
N LEU C 213 -30.64 -25.99 12.65
CA LEU C 213 -31.16 -25.22 13.78
C LEU C 213 -32.66 -25.01 13.68
N THR C 214 -33.41 -25.45 14.70
CA THR C 214 -34.87 -25.36 14.69
C THR C 214 -35.43 -24.36 15.71
N ARG C 215 -36.71 -24.01 15.55
CA ARG C 215 -37.40 -23.13 16.51
C ARG C 215 -37.46 -23.78 17.90
N LYS C 216 -37.73 -25.07 17.88
CA LYS C 216 -37.84 -25.88 19.09
C LYS C 216 -36.56 -25.75 19.92
N LEU C 217 -35.44 -26.01 19.25
CA LEU C 217 -34.12 -25.91 19.85
C LEU C 217 -33.86 -24.50 20.41
N MET C 218 -34.28 -23.47 19.67
CA MET C 218 -34.11 -22.08 20.12
C MET C 218 -34.88 -21.78 21.37
N VAL C 219 -36.11 -22.31 21.43
CA VAL C 219 -36.96 -22.18 22.59
C VAL C 219 -36.30 -22.80 23.81
N TRP C 220 -35.79 -24.01 23.61
CA TRP C 220 -35.04 -24.76 24.62
C TRP C 220 -33.81 -23.97 25.16
N PHE C 221 -33.00 -23.45 24.24
CA PHE C 221 -31.82 -22.63 24.59
C PHE C 221 -32.27 -21.48 25.47
N PHE C 222 -33.27 -20.75 24.98
CA PHE C 222 -33.77 -19.58 25.70
C PHE C 222 -34.27 -19.96 27.12
N ASP C 223 -34.85 -21.14 27.25
CA ASP C 223 -35.37 -21.57 28.55
C ASP C 223 -34.27 -21.93 29.54
N HIS C 224 -33.21 -22.59 29.06
CA HIS C 224 -32.09 -22.87 29.96
C HIS C 224 -31.33 -21.58 30.31
N TYR C 225 -31.21 -20.67 29.34
CA TYR C 225 -30.42 -19.45 29.51
C TYR C 225 -31.15 -18.38 30.32
N ILE C 226 -32.41 -18.13 29.98
CA ILE C 226 -33.24 -17.12 30.66
C ILE C 226 -34.66 -17.64 30.94
N PRO C 227 -34.84 -18.39 32.05
CA PRO C 227 -36.14 -18.99 32.43
C PRO C 227 -37.28 -18.00 32.62
N ASP C 228 -37.02 -16.85 33.24
CA ASP C 228 -38.08 -15.85 33.46
C ASP C 228 -38.22 -14.93 32.27
N LYS C 229 -39.31 -15.09 31.51
CA LYS C 229 -39.51 -14.32 30.28
C LYS C 229 -39.34 -12.81 30.46
N LYS C 230 -39.63 -12.33 31.67
CA LYS C 230 -39.47 -10.92 31.98
C LYS C 230 -38.02 -10.41 31.82
N ASP C 231 -37.07 -11.20 32.29
CA ASP C 231 -35.67 -10.78 32.24
C ASP C 231 -35.22 -10.69 30.78
N ARG C 232 -35.95 -11.40 29.90
CA ARG C 232 -35.67 -11.39 28.47
C ARG C 232 -35.88 -10.02 27.85
N GLN C 233 -36.42 -9.07 28.62
CA GLN C 233 -36.68 -7.74 28.10
C GLN C 233 -35.47 -6.83 28.21
N SER C 234 -34.42 -7.28 28.90
CA SER C 234 -33.18 -6.54 28.96
C SER C 234 -32.49 -6.48 27.60
N ILE C 235 -31.88 -5.35 27.28
CA ILE C 235 -31.18 -5.27 26.02
C ILE C 235 -29.89 -6.10 26.01
N PHE C 236 -29.41 -6.44 27.21
CA PHE C 236 -28.18 -7.22 27.32
C PHE C 236 -28.50 -8.67 27.10
N ALA C 237 -29.78 -8.95 26.96
CA ALA C 237 -30.25 -10.27 26.56
C ALA C 237 -30.67 -10.23 25.09
N CYS C 238 -31.53 -9.28 24.76
CA CYS C 238 -32.05 -9.15 23.39
C CYS C 238 -31.79 -7.74 22.90
N PRO C 239 -30.61 -7.51 22.32
CA PRO C 239 -30.20 -6.15 21.97
C PRO C 239 -31.06 -5.52 20.87
N LEU C 240 -31.89 -6.31 20.21
CA LEU C 240 -32.82 -5.77 19.22
C LEU C 240 -33.90 -4.92 19.91
N LYS C 241 -34.14 -5.19 21.19
CA LYS C 241 -35.13 -4.44 21.97
C LYS C 241 -34.53 -3.11 22.39
N ALA C 242 -33.25 -2.93 22.10
CA ALA C 242 -32.61 -1.67 22.43
C ALA C 242 -33.20 -0.57 21.58
N SER C 243 -33.15 0.65 22.11
CA SER C 243 -33.56 1.83 21.38
C SER C 243 -32.41 2.23 20.47
N ILE C 244 -32.71 3.04 19.47
CA ILE C 244 -31.67 3.53 18.57
C ILE C 244 -30.58 4.27 19.36
N ASP C 245 -31.00 5.05 20.35
CA ASP C 245 -30.06 5.77 21.19
C ASP C 245 -29.16 4.88 22.09
N ASP C 246 -29.69 3.76 22.58
CA ASP C 246 -28.87 2.82 23.36
C ASP C 246 -27.68 2.32 22.51
N LEU C 247 -27.93 2.30 21.21
CA LEU C 247 -27.07 1.67 20.23
C LEU C 247 -26.12 2.64 19.53
N ARG C 248 -26.18 3.92 19.90
CA ARG C 248 -25.29 4.90 19.30
C ARG C 248 -23.84 4.65 19.70
N VAL C 249 -22.90 5.14 18.90
CA VAL C 249 -21.44 5.00 19.07
C VAL C 249 -20.98 3.63 19.58
N LEU C 250 -21.40 2.59 18.88
CA LEU C 250 -20.90 1.22 19.10
C LEU C 250 -19.70 0.98 18.14
N PRO C 251 -18.87 -0.04 18.42
CA PRO C 251 -17.70 -0.30 17.55
C PRO C 251 -18.08 -0.68 16.13
N ARG C 252 -17.25 -0.28 15.16
CA ARG C 252 -17.38 -0.69 13.76
C ARG C 252 -17.81 -2.15 13.62
N ALA C 253 -18.86 -2.43 12.85
CA ALA C 253 -19.48 -3.76 12.89
C ALA C 253 -19.59 -4.45 11.53
N LEU C 254 -19.44 -5.77 11.57
CA LEU C 254 -19.78 -6.62 10.44
C LEU C 254 -20.83 -7.60 10.92
N VAL C 255 -21.98 -7.60 10.28
CA VAL C 255 -23.07 -8.52 10.61
C VAL C 255 -23.35 -9.46 9.45
N ILE C 256 -23.17 -10.75 9.68
CA ILE C 256 -23.36 -11.77 8.65
C ILE C 256 -24.53 -12.68 8.99
N THR C 257 -25.50 -12.79 8.07
CA THR C 257 -26.63 -13.70 8.29
C THR C 257 -26.73 -14.76 7.21
N ALA C 258 -27.43 -15.83 7.54
CA ALA C 258 -27.66 -16.94 6.61
C ALA C 258 -29.05 -16.82 6.03
N GLU C 259 -29.21 -17.20 4.78
CA GLU C 259 -30.53 -17.14 4.14
C GLU C 259 -31.53 -18.10 4.81
N ALA C 260 -31.15 -19.37 4.94
CA ALA C 260 -32.06 -20.38 5.48
C ALA C 260 -31.79 -20.55 6.96
N ASP C 261 -32.24 -19.57 7.74
CA ASP C 261 -31.92 -19.48 9.15
C ASP C 261 -33.07 -18.78 9.85
N VAL C 262 -33.59 -19.37 10.91
CA VAL C 262 -34.72 -18.75 11.62
C VAL C 262 -34.33 -17.42 12.23
N LEU C 263 -33.03 -17.22 12.48
CA LEU C 263 -32.54 -15.98 13.10
C LEU C 263 -32.25 -14.86 12.09
N ARG C 264 -32.47 -15.12 10.81
CA ARG C 264 -32.09 -14.16 9.77
C ARG C 264 -32.69 -12.76 9.96
N GLU C 265 -33.99 -12.75 10.18
CA GLU C 265 -34.71 -11.49 10.22
C GLU C 265 -34.26 -10.64 11.37
N GLU C 266 -34.04 -11.25 12.53
CA GLU C 266 -33.65 -10.46 13.71
C GLU C 266 -32.20 -9.97 13.58
N GLY C 267 -31.36 -10.73 12.90
CA GLY C 267 -30.01 -10.28 12.66
C GLY C 267 -30.01 -9.07 11.75
N GLU C 268 -30.68 -9.20 10.61
CA GLU C 268 -30.72 -8.10 9.65
C GLU C 268 -31.38 -6.87 10.28
N ALA C 269 -32.42 -7.12 11.08
CA ALA C 269 -33.12 -6.06 11.80
C ALA C 269 -32.19 -5.35 12.79
N TYR C 270 -31.35 -6.11 13.48
CA TYR C 270 -30.38 -5.47 14.37
C TYR C 270 -29.36 -4.65 13.59
N ALA C 271 -28.95 -5.14 12.42
CA ALA C 271 -28.03 -4.37 11.57
C ALA C 271 -28.65 -3.04 11.19
N ARG C 272 -29.93 -3.07 10.82
CA ARG C 272 -30.66 -1.85 10.51
C ARG C 272 -30.70 -0.92 11.72
N LYS C 273 -30.96 -1.43 12.91
CA LYS C 273 -30.88 -0.53 14.06
C LYS C 273 -29.50 0.09 14.24
N LEU C 274 -28.46 -0.72 14.04
CA LEU C 274 -27.07 -0.23 14.17
C LEU C 274 -26.75 0.88 13.19
N ILE C 275 -27.25 0.73 11.96
CA ILE C 275 -27.09 1.73 10.91
C ILE C 275 -27.85 3.02 11.23
N GLU C 276 -29.11 2.84 11.59
CA GLU C 276 -29.98 3.94 11.99
C GLU C 276 -29.34 4.74 13.13
N ALA C 277 -28.64 4.02 14.00
CA ALA C 277 -27.98 4.64 15.14
C ALA C 277 -26.68 5.34 14.75
N GLY C 278 -26.37 5.34 13.44
CA GLY C 278 -25.22 6.06 12.91
C GLY C 278 -23.84 5.42 13.00
N ASN C 279 -23.79 4.09 13.13
CA ASN C 279 -22.53 3.36 13.25
C ASN C 279 -21.91 2.93 11.90
N ASP C 280 -20.64 2.56 11.92
CA ASP C 280 -19.99 1.95 10.74
C ASP C 280 -20.39 0.47 10.66
N VAL C 281 -21.36 0.19 9.80
CA VAL C 281 -21.99 -1.11 9.75
C VAL C 281 -21.91 -1.72 8.36
N THR C 282 -21.47 -2.97 8.30
CA THR C 282 -21.53 -3.75 7.08
C THR C 282 -22.40 -4.98 7.36
N ALA C 283 -23.49 -5.13 6.63
CA ALA C 283 -24.38 -6.26 6.87
C ALA C 283 -24.59 -7.05 5.58
N VAL C 284 -24.31 -8.35 5.65
CA VAL C 284 -24.42 -9.18 4.46
CA VAL C 284 -24.37 -9.20 4.47
C VAL C 284 -25.18 -10.47 4.72
N ARG C 285 -26.03 -10.85 3.77
CA ARG C 285 -26.70 -12.14 3.82
C ARG C 285 -26.11 -13.13 2.82
N TYR C 286 -25.59 -14.25 3.30
CA TYR C 286 -25.10 -15.29 2.40
C TYR C 286 -26.24 -16.26 2.01
N LEU C 287 -26.35 -16.55 0.72
CA LEU C 287 -27.42 -17.37 0.16
C LEU C 287 -27.09 -18.86 0.12
N GLY C 288 -28.11 -19.70 0.24
CA GLY C 288 -27.92 -21.13 0.08
C GLY C 288 -27.23 -21.79 1.26
N ILE C 289 -27.14 -21.10 2.40
CA ILE C 289 -26.57 -21.72 3.60
C ILE C 289 -27.53 -21.75 4.77
N ILE C 290 -27.20 -22.62 5.72
CA ILE C 290 -27.93 -22.76 6.96
C ILE C 290 -27.11 -22.30 8.14
N HIS C 291 -27.79 -22.13 9.26
CA HIS C 291 -27.14 -21.90 10.54
C HIS C 291 -26.25 -23.09 10.91
N GLY C 292 -25.14 -22.81 11.58
CA GLY C 292 -24.38 -23.85 12.25
C GLY C 292 -23.18 -24.41 11.52
N ILE C 293 -22.78 -23.78 10.42
CA ILE C 293 -21.65 -24.29 9.67
C ILE C 293 -20.34 -24.04 10.41
N PHE C 294 -20.36 -23.16 11.42
CA PHE C 294 -19.16 -22.82 12.16
C PHE C 294 -18.96 -23.57 13.51
N ASN C 295 -19.84 -24.52 13.85
CA ASN C 295 -19.64 -25.33 15.08
C ASN C 295 -19.51 -26.83 14.80
N LEU C 296 -18.89 -27.16 13.67
CA LEU C 296 -18.76 -28.55 13.24
C LEU C 296 -17.31 -28.97 13.12
N ALA C 297 -17.10 -30.26 12.86
CA ALA C 297 -15.75 -30.81 12.76
C ALA C 297 -15.03 -30.33 11.50
N THR C 298 -15.82 -30.11 10.46
CA THR C 298 -15.29 -29.66 9.17
C THR C 298 -15.82 -28.25 8.88
N LEU C 299 -15.36 -27.64 7.81
CA LEU C 299 -15.83 -26.30 7.44
C LEU C 299 -16.35 -26.32 6.01
N SER C 300 -17.60 -25.88 5.82
CA SER C 300 -18.20 -25.86 4.48
C SER C 300 -17.44 -24.91 3.54
N PRO C 301 -17.56 -25.13 2.21
CA PRO C 301 -16.95 -24.18 1.26
C PRO C 301 -17.35 -22.73 1.55
N THR C 302 -18.65 -22.53 1.76
CA THR C 302 -19.12 -21.18 1.99
C THR C 302 -18.58 -20.66 3.32
N GLY C 303 -18.42 -21.54 4.31
CA GLY C 303 -17.82 -21.14 5.57
C GLY C 303 -16.43 -20.56 5.34
N SER C 304 -15.65 -21.24 4.52
CA SER C 304 -14.30 -20.80 4.17
C SER C 304 -14.34 -19.43 3.48
N GLU C 305 -15.25 -19.28 2.51
CA GLU C 305 -15.37 -17.99 1.83
C GLU C 305 -15.72 -16.86 2.81
N ILE C 306 -16.64 -17.15 3.74
CA ILE C 306 -17.05 -16.21 4.78
C ILE C 306 -15.89 -15.81 5.69
N LEU C 307 -15.05 -16.78 6.06
CA LEU C 307 -13.86 -16.47 6.83
C LEU C 307 -12.92 -15.54 6.07
N ASP C 308 -12.77 -15.77 4.76
CA ASP C 308 -11.93 -14.87 3.95
C ASP C 308 -12.48 -13.44 3.93
N HIS C 309 -13.80 -13.36 3.83
CA HIS C 309 -14.51 -12.09 3.92
C HIS C 309 -14.24 -11.37 5.27
N ILE C 310 -14.47 -12.10 6.35
CA ILE C 310 -14.21 -11.59 7.69
C ILE C 310 -12.76 -11.11 7.83
N VAL C 311 -11.80 -11.87 7.30
CA VAL C 311 -10.42 -11.45 7.38
C VAL C 311 -10.19 -10.15 6.63
N ALA C 312 -10.79 -10.02 5.44
CA ALA C 312 -10.62 -8.78 4.69
C ALA C 312 -11.12 -7.59 5.48
N TRP C 313 -12.29 -7.78 6.07
CA TRP C 313 -12.91 -6.73 6.89
C TRP C 313 -12.07 -6.37 8.12
N LEU C 314 -11.49 -7.39 8.77
CA LEU C 314 -10.59 -7.17 9.91
C LEU C 314 -9.35 -6.37 9.50
N GLN C 315 -8.79 -6.71 8.35
CA GLN C 315 -7.61 -6.01 7.86
C GLN C 315 -7.94 -4.55 7.61
N LYS C 316 -9.11 -4.27 7.01
CA LYS C 316 -9.54 -2.87 6.89
C LYS C 316 -9.72 -2.20 8.25
N THR C 317 -10.39 -2.86 9.19
CA THR C 317 -10.54 -2.32 10.54
C THR C 317 -9.21 -1.89 11.17
N TRP C 318 -8.25 -2.80 11.11
CA TRP C 318 -6.95 -2.56 11.69
C TRP C 318 -6.19 -1.45 10.93
N LYS C 319 -6.36 -1.36 9.62
CA LYS C 319 -5.75 -0.25 8.85
C LYS C 319 -6.34 1.09 9.28
N LEU C 320 -7.65 1.12 9.48
CA LEU C 320 -8.34 2.32 9.97
C LEU C 320 -7.85 2.74 11.33
N GLU C 321 -7.70 1.80 12.27
CA GLU C 321 -7.28 2.19 13.61
C GLU C 321 -5.87 2.80 13.64
N HIS C 322 -4.96 2.23 12.86
CA HIS C 322 -3.58 2.72 12.80
C HIS C 322 -3.41 3.81 11.74
N HIS C 323 -4.48 4.58 11.51
CA HIS C 323 -4.52 5.62 10.47
C HIS C 323 -3.75 6.90 10.81
N HIS C 324 -3.89 7.41 12.04
CA HIS C 324 -3.19 8.63 12.42
C HIS C 324 -1.71 8.36 12.68
N HIS C 325 -1.30 7.12 12.34
CA HIS C 325 0.07 6.61 12.48
C HIS C 325 0.48 6.51 13.94
N PRO D 3 -39.23 -5.06 7.18
CA PRO D 3 -38.46 -5.25 5.95
C PRO D 3 -38.62 -4.16 4.92
N THR D 4 -39.07 -2.98 5.34
CA THR D 4 -38.86 -1.79 4.55
C THR D 4 -37.38 -1.48 4.72
N VAL D 5 -36.69 -1.40 3.61
CA VAL D 5 -35.26 -1.34 3.66
C VAL D 5 -34.74 -0.10 4.36
N LYS D 6 -33.75 -0.26 5.20
CA LYS D 6 -33.03 0.89 5.68
C LYS D 6 -31.77 1.06 4.85
N LEU D 7 -31.63 2.21 4.26
CA LEU D 7 -30.42 2.48 3.49
C LEU D 7 -29.31 3.16 4.27
N LYS D 8 -28.08 2.92 3.84
CA LYS D 8 -26.94 3.71 4.29
C LYS D 8 -26.99 5.07 3.57
N PRO D 9 -26.49 6.14 4.22
CA PRO D 9 -26.57 7.55 3.80
C PRO D 9 -26.22 7.83 2.34
N TYR D 10 -25.04 7.39 1.91
CA TYR D 10 -24.52 7.63 0.57
C TYR D 10 -25.50 7.10 -0.49
N CYS D 11 -25.99 5.88 -0.28
CA CYS D 11 -26.92 5.25 -1.20
C CYS D 11 -28.28 5.97 -1.23
N GLN D 12 -28.72 6.46 -0.08
CA GLN D 12 -29.95 7.25 -0.02
C GLN D 12 -29.85 8.55 -0.83
N ASN D 13 -28.80 9.32 -0.54
CA ASN D 13 -28.52 10.56 -1.27
C ASN D 13 -28.39 10.39 -2.77
N ILE D 14 -27.57 9.44 -3.21
CA ILE D 14 -27.45 9.13 -4.63
C ILE D 14 -28.79 8.70 -5.26
N ALA D 15 -29.53 7.84 -4.57
CA ALA D 15 -30.81 7.35 -5.09
C ALA D 15 -31.85 8.45 -5.31
N ASP D 16 -32.03 9.31 -4.31
CA ASP D 16 -33.04 10.37 -4.41
C ASP D 16 -32.54 11.59 -5.20
N ALA D 17 -31.22 11.73 -5.32
CA ALA D 17 -30.63 12.84 -6.09
C ALA D 17 -30.89 12.62 -7.56
N ALA D 18 -31.17 11.36 -7.93
CA ALA D 18 -31.49 11.00 -9.30
C ALA D 18 -32.74 11.77 -9.72
N THR D 19 -32.55 12.76 -10.58
CA THR D 19 -33.61 13.71 -10.90
C THR D 19 -33.75 13.87 -12.42
N ILE D 20 -32.63 13.84 -13.14
CA ILE D 20 -32.69 13.95 -14.59
C ILE D 20 -33.25 12.67 -15.18
N ASP D 21 -34.22 12.81 -16.09
CA ASP D 21 -34.77 11.66 -16.79
C ASP D 21 -33.91 11.40 -18.01
N SER D 22 -33.11 10.34 -17.98
CA SER D 22 -32.25 10.01 -19.12
C SER D 22 -33.07 9.43 -20.27
N THR D 23 -34.24 8.90 -19.95
CA THR D 23 -35.08 8.23 -20.95
C THR D 23 -35.68 9.17 -21.99
N GLN D 24 -35.65 10.48 -21.72
CA GLN D 24 -36.25 11.48 -22.62
C GLN D 24 -35.25 12.10 -23.59
N TYR D 25 -33.97 11.73 -23.45
CA TYR D 25 -32.92 12.29 -24.29
C TYR D 25 -32.24 11.27 -25.18
N PRO D 26 -31.62 11.75 -26.26
CA PRO D 26 -30.82 10.82 -27.06
C PRO D 26 -29.62 10.42 -26.22
N PRO D 27 -29.16 9.17 -26.40
CA PRO D 27 -28.04 8.63 -25.62
C PRO D 27 -26.81 9.55 -25.63
N GLU D 28 -26.44 10.11 -26.78
CA GLU D 28 -25.24 10.97 -26.85
C GLU D 28 -25.28 12.12 -25.85
N VAL D 29 -26.46 12.69 -25.67
CA VAL D 29 -26.61 13.81 -24.73
C VAL D 29 -26.48 13.28 -23.30
N VAL D 30 -27.08 12.12 -23.06
CA VAL D 30 -27.02 11.47 -21.76
C VAL D 30 -25.56 11.21 -21.35
N ARG D 31 -24.79 10.63 -22.26
CA ARG D 31 -23.38 10.34 -22.08
C ARG D 31 -22.58 11.59 -21.79
N LYS D 32 -22.86 12.67 -22.53
CA LYS D 32 -22.16 13.93 -22.30
C LYS D 32 -22.43 14.50 -20.92
N ALA D 33 -23.70 14.49 -20.53
CA ALA D 33 -24.06 14.99 -19.21
C ALA D 33 -23.44 14.13 -18.10
N GLU D 34 -23.36 12.83 -18.32
CA GLU D 34 -22.75 11.91 -17.37
C GLU D 34 -21.24 12.20 -17.20
N ALA D 35 -20.53 12.30 -18.33
CA ALA D 35 -19.10 12.64 -18.32
C ALA D 35 -18.88 13.96 -17.59
N ALA D 36 -19.71 14.94 -17.90
CA ALA D 36 -19.61 16.24 -17.24
C ALA D 36 -19.84 16.10 -15.73
N SER D 37 -20.79 15.26 -15.31
CA SER D 37 -21.03 15.06 -13.88
C SER D 37 -19.82 14.44 -13.18
N ILE D 38 -19.06 13.59 -13.87
CA ILE D 38 -17.81 13.10 -13.28
C ILE D 38 -16.76 14.22 -13.20
N ILE D 39 -16.55 14.92 -14.31
CA ILE D 39 -15.51 15.95 -14.38
C ILE D 39 -15.72 17.13 -13.42
N ASP D 40 -16.97 17.54 -13.27
CA ASP D 40 -17.31 18.73 -12.48
C ASP D 40 -17.42 18.46 -10.98
N ASP D 41 -17.45 17.17 -10.63
CA ASP D 41 -17.50 16.78 -9.24
C ASP D 41 -16.21 17.20 -8.56
N PRO D 42 -16.31 17.94 -7.43
CA PRO D 42 -15.11 18.45 -6.74
C PRO D 42 -14.32 17.35 -6.04
N LYS D 43 -14.94 16.18 -5.92
CA LYS D 43 -14.36 15.06 -5.19
C LYS D 43 -13.76 13.99 -6.10
N ALA D 44 -13.91 14.16 -7.41
CA ALA D 44 -13.58 13.08 -8.36
C ALA D 44 -12.14 12.60 -8.28
N LEU D 45 -11.21 13.47 -7.91
CA LEU D 45 -9.78 13.14 -7.89
C LEU D 45 -9.28 12.90 -6.49
N GLU D 46 -10.09 13.27 -5.52
CA GLU D 46 -9.73 13.14 -4.13
C GLU D 46 -9.55 11.67 -3.69
N GLY D 47 -8.35 11.37 -3.19
CA GLY D 47 -8.02 10.04 -2.71
C GLY D 47 -7.91 9.00 -3.81
N LEU D 48 -7.87 9.47 -5.06
CA LEU D 48 -7.74 8.60 -6.21
C LEU D 48 -6.35 7.97 -6.27
N PRO D 49 -6.29 6.63 -6.32
CA PRO D 49 -4.99 5.96 -6.40
C PRO D 49 -4.28 6.28 -7.71
N ASP D 50 -2.95 6.31 -7.67
CA ASP D 50 -2.13 6.49 -8.87
C ASP D 50 -1.92 5.15 -9.58
N VAL D 51 -2.12 5.12 -10.89
CA VAL D 51 -1.94 3.87 -11.59
C VAL D 51 -1.16 4.12 -12.88
N TYR D 52 -0.49 3.07 -13.34
CA TYR D 52 0.09 3.03 -14.66
C TYR D 52 -1.02 2.64 -15.61
N LEU D 53 -1.32 3.50 -16.57
CA LEU D 53 -2.40 3.25 -17.53
C LEU D 53 -1.83 3.15 -18.95
N GLU D 54 -2.35 2.20 -19.71
CA GLU D 54 -1.95 1.96 -21.09
C GLU D 54 -3.18 1.76 -21.97
N GLU D 55 -3.18 2.38 -23.15
CA GLU D 55 -4.28 2.17 -24.10
C GLU D 55 -3.83 1.25 -25.23
N LYS D 56 -4.56 0.16 -25.42
CA LYS D 56 -4.19 -0.90 -26.35
C LYS D 56 -5.37 -1.26 -27.23
N THR D 57 -5.16 -1.31 -28.54
CA THR D 57 -6.19 -1.75 -29.48
C THR D 57 -5.76 -3.14 -29.95
N ILE D 58 -6.67 -4.12 -29.90
CA ILE D 58 -6.32 -5.49 -30.31
C ILE D 58 -6.86 -5.96 -31.66
N ASN D 59 -6.19 -6.97 -32.23
CA ASN D 59 -6.67 -7.66 -33.44
C ASN D 59 -7.44 -8.93 -33.09
N ARG D 60 -8.76 -8.84 -33.19
CA ARG D 60 -9.67 -9.96 -32.97
C ARG D 60 -9.87 -10.76 -34.25
N LYS D 61 -10.92 -11.59 -34.26
CA LYS D 61 -11.22 -12.47 -35.37
C LYS D 61 -11.68 -11.78 -36.67
N ASN D 62 -12.31 -10.61 -36.62
CA ASN D 62 -13.05 -10.26 -37.83
C ASN D 62 -12.31 -9.55 -39.00
N GLY D 63 -11.56 -8.45 -38.85
CA GLY D 63 -10.91 -7.99 -37.65
C GLY D 63 -11.21 -6.58 -37.15
N SER D 64 -10.59 -6.28 -36.01
CA SER D 64 -11.18 -5.46 -34.95
C SER D 64 -10.98 -3.96 -34.77
N LYS D 65 -11.97 -3.39 -34.10
CA LYS D 65 -11.83 -2.14 -33.38
C LYS D 65 -12.31 -2.32 -31.93
N ILE D 66 -11.51 -2.96 -31.09
CA ILE D 66 -11.78 -2.96 -29.65
C ILE D 66 -10.74 -2.10 -28.92
N GLU D 67 -11.23 -1.12 -28.17
CA GLU D 67 -10.35 -0.33 -27.31
C GLU D 67 -10.26 -0.99 -25.91
N LEU D 68 -9.03 -1.29 -25.49
CA LEU D 68 -8.74 -1.75 -24.14
C LEU D 68 -7.98 -0.69 -23.35
N THR D 69 -8.44 -0.44 -22.13
CA THR D 69 -7.74 0.42 -21.19
C THR D 69 -7.20 -0.43 -20.05
N ILE D 70 -5.88 -0.53 -19.96
CA ILE D 70 -5.25 -1.42 -19.00
C ILE D 70 -4.66 -0.60 -17.86
N THR D 71 -5.05 -0.89 -16.63
CA THR D 71 -4.43 -0.20 -15.51
C THR D 71 -3.69 -1.21 -14.64
N ARG D 72 -2.51 -0.84 -14.16
CA ARG D 72 -1.78 -1.67 -13.22
C ARG D 72 -1.17 -0.75 -12.18
N PRO D 73 -0.78 -1.31 -11.02
CA PRO D 73 -0.10 -0.47 -10.02
C PRO D 73 1.26 0.00 -10.54
N LEU D 74 1.73 1.15 -10.04
CA LEU D 74 3.06 1.65 -10.37
C LEU D 74 4.12 0.68 -9.91
N ASP D 75 5.27 0.69 -10.57
CA ASP D 75 6.38 -0.20 -10.18
C ASP D 75 6.00 -1.70 -10.26
N THR D 76 5.29 -2.07 -11.32
CA THR D 76 5.03 -3.48 -11.60
C THR D 76 5.47 -3.76 -13.04
N GLU D 77 6.37 -2.93 -13.58
CA GLU D 77 6.77 -3.03 -15.00
C GLU D 77 7.30 -4.39 -15.44
N ASN D 78 8.04 -5.05 -14.56
CA ASN D 78 8.59 -6.36 -14.87
C ASN D 78 7.90 -7.46 -14.05
N GLN D 79 6.69 -7.19 -13.60
CA GLN D 79 5.94 -8.22 -12.87
C GLN D 79 4.82 -8.74 -13.72
N VAL D 80 4.61 -10.05 -13.65
CA VAL D 80 3.48 -10.67 -14.32
C VAL D 80 2.35 -10.69 -13.30
N LEU D 81 1.22 -10.06 -13.64
CA LEU D 81 0.13 -9.87 -12.72
C LEU D 81 -1.10 -10.68 -13.15
N PRO D 82 -2.02 -10.97 -12.21
CA PRO D 82 -3.28 -11.58 -12.64
C PRO D 82 -4.13 -10.60 -13.46
N PRO D 83 -4.77 -11.07 -14.54
CA PRO D 83 -5.62 -10.17 -15.32
C PRO D 83 -7.08 -10.21 -14.90
N ILE D 84 -7.64 -9.03 -14.71
CA ILE D 84 -9.05 -8.91 -14.50
C ILE D 84 -9.66 -8.23 -15.71
N VAL D 85 -10.44 -8.97 -16.49
CA VAL D 85 -11.14 -8.35 -17.63
C VAL D 85 -12.48 -7.81 -17.16
N PHE D 86 -12.66 -6.50 -17.30
CA PHE D 86 -13.76 -5.78 -16.66
C PHE D 86 -14.78 -5.17 -17.63
N PHE D 87 -16.07 -5.37 -17.33
CA PHE D 87 -17.18 -4.80 -18.09
C PHE D 87 -18.05 -3.86 -17.25
N HIS D 88 -18.05 -2.59 -17.65
CA HIS D 88 -18.70 -1.56 -16.84
C HIS D 88 -20.19 -1.60 -17.07
N GLY D 89 -20.95 -1.03 -16.14
CA GLY D 89 -22.39 -0.95 -16.27
C GLY D 89 -22.78 0.31 -16.99
N GLY D 90 -24.08 0.56 -17.03
CA GLY D 90 -24.63 1.70 -17.74
C GLY D 90 -25.74 1.30 -18.66
N GLY D 91 -26.32 0.12 -18.41
CA GLY D 91 -27.47 -0.34 -19.16
C GLY D 91 -27.20 -0.57 -20.64
N TRP D 92 -25.94 -0.83 -20.97
CA TRP D 92 -25.49 -1.06 -22.35
C TRP D 92 -25.57 0.18 -23.25
N VAL D 93 -25.89 1.33 -22.65
CA VAL D 93 -26.13 2.53 -23.40
C VAL D 93 -25.20 3.66 -22.97
N VAL D 94 -24.90 3.72 -21.67
CA VAL D 94 -23.98 4.73 -21.13
C VAL D 94 -22.82 4.11 -20.33
N GLY D 95 -22.07 4.96 -19.63
CA GLY D 95 -20.94 4.50 -18.84
C GLY D 95 -19.63 4.48 -19.63
N SER D 96 -18.52 4.71 -18.92
CA SER D 96 -17.20 4.84 -19.55
C SER D 96 -16.08 4.57 -18.55
N LYS D 97 -14.85 4.59 -19.06
CA LYS D 97 -13.65 4.45 -18.23
C LYS D 97 -13.55 5.57 -17.22
N LEU D 98 -14.31 6.63 -17.49
CA LEU D 98 -14.40 7.77 -16.59
C LEU D 98 -15.42 7.54 -15.45
N THR D 99 -16.62 7.06 -15.77
CA THR D 99 -17.61 6.83 -14.71
C THR D 99 -17.12 5.74 -13.75
N HIS D 100 -16.36 4.80 -14.27
CA HIS D 100 -15.86 3.67 -13.49
C HIS D 100 -14.37 3.80 -13.09
N ARG D 101 -13.80 4.99 -13.31
CA ARG D 101 -12.40 5.23 -13.00
C ARG D 101 -12.08 4.96 -11.54
N ARG D 102 -12.91 5.47 -10.63
CA ARG D 102 -12.70 5.29 -9.19
C ARG D 102 -12.64 3.80 -8.85
N THR D 103 -13.65 3.09 -9.30
CA THR D 103 -13.77 1.65 -9.07
C THR D 103 -12.60 0.86 -9.64
N VAL D 104 -12.26 1.15 -10.88
CA VAL D 104 -11.22 0.42 -11.59
C VAL D 104 -9.85 0.68 -10.97
N TYR D 105 -9.56 1.94 -10.65
CA TYR D 105 -8.28 2.29 -10.06
C TYR D 105 -8.12 1.62 -8.68
N GLU D 106 -9.17 1.70 -7.85
CA GLU D 106 -9.15 1.05 -6.53
C GLU D 106 -8.97 -0.46 -6.64
N LEU D 107 -9.71 -1.08 -7.55
CA LEU D 107 -9.58 -2.52 -7.78
C LEU D 107 -8.15 -2.86 -8.19
N THR D 108 -7.61 -2.06 -9.12
CA THR D 108 -6.26 -2.24 -9.60
C THR D 108 -5.24 -2.28 -8.48
N VAL D 109 -5.24 -1.26 -7.61
CA VAL D 109 -4.16 -1.24 -6.62
C VAL D 109 -4.44 -2.14 -5.39
N ARG D 110 -5.72 -2.40 -5.09
CA ARG D 110 -6.02 -3.27 -3.96
C ARG D 110 -5.74 -4.71 -4.30
N ALA D 111 -6.10 -5.11 -5.53
CA ALA D 111 -5.91 -6.50 -5.93
C ALA D 111 -4.51 -6.72 -6.48
N ARG D 112 -3.80 -5.63 -6.76
CA ARG D 112 -2.49 -5.68 -7.41
C ARG D 112 -2.59 -6.54 -8.67
N ALA D 113 -3.53 -6.12 -9.50
CA ALA D 113 -3.87 -6.82 -10.73
C ALA D 113 -3.81 -5.84 -11.91
N ALA D 114 -3.71 -6.40 -13.11
CA ALA D 114 -3.91 -5.65 -14.33
C ALA D 114 -5.39 -5.68 -14.65
N VAL D 115 -6.04 -4.53 -14.58
CA VAL D 115 -7.44 -4.46 -14.93
C VAL D 115 -7.54 -4.07 -16.40
N ILE D 116 -8.14 -4.96 -17.18
CA ILE D 116 -8.27 -4.73 -18.61
C ILE D 116 -9.70 -4.35 -18.87
N PHE D 117 -9.91 -3.04 -19.01
CA PHE D 117 -11.22 -2.43 -19.14
C PHE D 117 -11.60 -2.42 -20.61
N VAL D 118 -12.68 -3.15 -20.92
CA VAL D 118 -13.13 -3.27 -22.30
C VAL D 118 -14.10 -2.15 -22.67
N ASN D 119 -13.64 -1.26 -23.55
CA ASN D 119 -14.48 -0.19 -24.05
C ASN D 119 -15.31 -0.72 -25.22
N TYR D 120 -16.39 -1.42 -24.87
CA TYR D 120 -17.26 -2.06 -25.85
C TYR D 120 -18.22 -1.05 -26.48
N SER D 121 -18.75 -1.40 -27.66
CA SER D 121 -19.61 -0.50 -28.41
C SER D 121 -20.95 -0.31 -27.69
N LEU D 122 -21.39 0.94 -27.50
CA LEU D 122 -22.64 1.16 -26.78
C LEU D 122 -23.86 1.16 -27.72
N SER D 123 -25.03 0.89 -27.13
CA SER D 123 -26.30 0.91 -27.82
C SER D 123 -26.90 2.30 -27.69
N PRO D 124 -27.84 2.67 -28.59
CA PRO D 124 -28.47 1.90 -29.66
C PRO D 124 -27.71 1.92 -30.97
N GLU D 125 -26.58 2.63 -31.01
CA GLU D 125 -25.73 2.71 -32.20
C GLU D 125 -25.37 1.31 -32.64
N VAL D 126 -25.19 0.42 -31.67
CA VAL D 126 -25.13 -1.00 -31.97
C VAL D 126 -26.19 -1.67 -31.13
N ARG D 127 -26.55 -2.90 -31.48
CA ARG D 127 -27.55 -3.63 -30.72
C ARG D 127 -26.94 -4.88 -30.16
N PHE D 128 -27.65 -5.52 -29.24
CA PHE D 128 -27.35 -6.88 -28.87
C PHE D 128 -27.26 -7.66 -30.18
N PRO D 129 -26.28 -8.56 -30.31
CA PRO D 129 -25.24 -8.98 -29.36
C PRO D 129 -23.80 -8.54 -29.70
N THR D 130 -23.58 -7.32 -30.18
CA THR D 130 -22.23 -6.93 -30.59
C THR D 130 -21.26 -6.81 -29.41
N ALA D 131 -21.70 -6.13 -28.35
CA ALA D 131 -20.87 -5.91 -27.16
C ALA D 131 -20.38 -7.23 -26.59
N LEU D 132 -21.28 -8.20 -26.53
CA LEU D 132 -20.94 -9.55 -26.07
C LEU D 132 -19.80 -10.18 -26.87
N GLU D 133 -19.84 -10.09 -28.20
CA GLU D 133 -18.75 -10.64 -29.01
C GLU D 133 -17.44 -9.85 -28.81
N GLU D 134 -17.56 -8.53 -28.65
CA GLU D 134 -16.38 -7.72 -28.33
C GLU D 134 -15.74 -8.17 -27.00
N CYS D 135 -16.56 -8.38 -25.97
CA CYS D 135 -16.05 -8.78 -24.65
C CYS D 135 -15.43 -10.19 -24.69
N LEU D 136 -16.11 -11.11 -25.36
CA LEU D 136 -15.56 -12.45 -25.54
C LEU D 136 -14.23 -12.44 -26.28
N ASP D 137 -14.16 -11.70 -27.39
CA ASP D 137 -12.91 -11.58 -28.16
C ASP D 137 -11.78 -10.99 -27.30
N ALA D 138 -12.09 -10.02 -26.45
CA ALA D 138 -11.08 -9.47 -25.54
C ALA D 138 -10.55 -10.56 -24.60
N VAL D 139 -11.47 -11.32 -24.00
CA VAL D 139 -11.04 -12.41 -23.12
C VAL D 139 -10.17 -13.46 -23.86
N VAL D 140 -10.60 -13.85 -25.06
CA VAL D 140 -9.86 -14.81 -25.88
C VAL D 140 -8.46 -14.25 -26.22
N TRP D 141 -8.41 -12.94 -26.45
CA TRP D 141 -7.14 -12.29 -26.75
C TRP D 141 -6.18 -12.40 -25.57
N VAL D 142 -6.63 -11.97 -24.39
CA VAL D 142 -5.76 -11.99 -23.20
C VAL D 142 -5.33 -13.40 -22.82
N ALA D 143 -6.23 -14.37 -23.02
CA ALA D 143 -5.95 -15.75 -22.61
C ALA D 143 -4.85 -16.38 -23.44
N LYS D 144 -4.60 -15.82 -24.63
CA LYS D 144 -3.58 -16.35 -25.51
C LYS D 144 -2.19 -16.00 -24.97
N GLU D 145 -1.33 -17.00 -24.92
CA GLU D 145 -0.05 -16.92 -24.23
C GLU D 145 0.84 -15.75 -24.65
N GLU D 146 1.21 -15.66 -25.92
CA GLU D 146 2.15 -14.63 -26.34
C GLU D 146 1.60 -13.20 -26.14
N ASN D 147 0.28 -13.05 -26.23
CA ASN D 147 -0.36 -11.79 -25.92
C ASN D 147 -0.24 -11.42 -24.45
N ALA D 148 -0.61 -12.37 -23.60
CA ALA D 148 -0.58 -12.15 -22.17
C ALA D 148 0.81 -11.78 -21.77
N LYS D 149 1.78 -12.47 -22.37
CA LYS D 149 3.18 -12.19 -22.15
C LYS D 149 3.52 -10.78 -22.63
N SER D 150 2.92 -10.35 -23.73
CA SER D 150 3.18 -8.99 -24.23
C SER D 150 2.68 -7.91 -23.29
N ILE D 151 1.63 -8.17 -22.52
CA ILE D 151 1.18 -7.15 -21.53
C ILE D 151 1.45 -7.54 -20.08
N ASN D 152 2.37 -8.47 -19.87
CA ASN D 152 2.76 -8.95 -18.54
C ASN D 152 1.62 -9.34 -17.61
N VAL D 153 0.75 -10.21 -18.09
CA VAL D 153 -0.27 -10.83 -17.26
C VAL D 153 -0.18 -12.34 -17.34
N ASP D 154 -0.68 -13.00 -16.31
CA ASP D 154 -0.70 -14.46 -16.20
C ASP D 154 -2.08 -14.99 -16.56
N PRO D 155 -2.23 -15.54 -17.77
CA PRO D 155 -3.55 -15.97 -18.25
C PRO D 155 -4.15 -17.13 -17.45
N THR D 156 -3.32 -17.86 -16.73
CA THR D 156 -3.84 -18.95 -15.91
C THR D 156 -4.67 -18.39 -14.75
N LYS D 157 -4.70 -17.07 -14.63
CA LYS D 157 -5.47 -16.44 -13.56
C LYS D 157 -6.55 -15.48 -14.04
N LEU D 158 -6.86 -15.53 -15.34
CA LEU D 158 -7.87 -14.63 -15.90
C LEU D 158 -9.24 -14.81 -15.23
N VAL D 159 -9.83 -13.68 -14.81
CA VAL D 159 -11.21 -13.64 -14.35
C VAL D 159 -11.95 -12.49 -15.02
N VAL D 160 -13.27 -12.62 -15.16
CA VAL D 160 -14.10 -11.53 -15.66
C VAL D 160 -14.89 -10.91 -14.53
N ALA D 161 -15.19 -9.62 -14.66
CA ALA D 161 -15.90 -8.94 -13.61
C ALA D 161 -16.64 -7.76 -14.19
N GLY D 162 -17.80 -7.44 -13.66
CA GLY D 162 -18.57 -6.34 -14.21
C GLY D 162 -19.75 -5.89 -13.37
N ASP D 163 -20.20 -4.67 -13.58
CA ASP D 163 -21.34 -4.22 -12.76
C ASP D 163 -22.62 -4.01 -13.58
N SER D 164 -23.75 -4.48 -13.05
CA SER D 164 -25.06 -4.19 -13.63
C SER D 164 -25.17 -4.80 -15.05
N ALA D 165 -25.23 -3.94 -16.07
CA ALA D 165 -25.17 -4.42 -17.46
C ALA D 165 -23.85 -5.14 -17.75
N GLY D 166 -22.79 -4.70 -17.06
CA GLY D 166 -21.51 -5.37 -17.07
C GLY D 166 -21.52 -6.72 -16.36
N GLY D 167 -22.38 -6.87 -15.35
CA GLY D 167 -22.55 -8.17 -14.71
C GLY D 167 -23.17 -9.16 -15.69
N ASN D 168 -24.21 -8.68 -16.38
CA ASN D 168 -24.82 -9.44 -17.46
C ASN D 168 -23.75 -9.90 -18.42
N LEU D 169 -22.96 -8.95 -18.92
CA LEU D 169 -21.89 -9.27 -19.86
C LEU D 169 -20.94 -10.33 -19.32
N SER D 170 -20.53 -10.18 -18.07
CA SER D 170 -19.63 -11.16 -17.47
C SER D 170 -20.25 -12.57 -17.53
N ALA D 171 -21.49 -12.67 -17.05
CA ALA D 171 -22.22 -13.95 -17.00
C ALA D 171 -22.34 -14.62 -18.38
N VAL D 172 -22.81 -13.84 -19.37
CA VAL D 172 -23.11 -14.43 -20.68
C VAL D 172 -21.82 -14.72 -21.43
N VAL D 173 -20.78 -13.93 -21.17
CA VAL D 173 -19.46 -14.19 -21.76
C VAL D 173 -18.96 -15.54 -21.27
N CYS D 174 -19.23 -15.82 -20.00
CA CYS D 174 -18.88 -17.15 -19.48
C CYS D 174 -19.64 -18.28 -20.18
N ILE D 175 -20.96 -18.15 -20.26
CA ILE D 175 -21.78 -19.18 -20.94
C ILE D 175 -21.29 -19.41 -22.37
N ARG D 176 -21.05 -18.30 -23.05
CA ARG D 176 -20.58 -18.28 -24.43
C ARG D 176 -19.24 -19.01 -24.60
N ALA D 177 -18.30 -18.72 -23.71
CA ALA D 177 -16.98 -19.35 -23.73
C ALA D 177 -17.09 -20.84 -23.43
N LYS D 178 -18.03 -21.20 -22.58
CA LYS D 178 -18.31 -22.60 -22.29
C LYS D 178 -18.75 -23.29 -23.58
N GLN D 179 -19.70 -22.67 -24.25
CA GLN D 179 -20.25 -23.22 -25.49
C GLN D 179 -19.20 -23.36 -26.59
N LEU D 180 -18.17 -22.52 -26.56
CA LEU D 180 -17.11 -22.64 -27.55
C LEU D 180 -16.05 -23.61 -27.07
N GLY D 181 -16.31 -24.26 -25.94
CA GLY D 181 -15.37 -25.21 -25.37
C GLY D 181 -14.07 -24.61 -24.88
N LEU D 182 -14.11 -23.33 -24.51
CA LEU D 182 -12.92 -22.66 -24.03
C LEU D 182 -12.82 -22.83 -22.52
N ASN D 183 -11.61 -23.11 -22.04
CA ASN D 183 -11.38 -23.27 -20.62
C ASN D 183 -10.47 -22.16 -20.13
N ILE D 184 -10.83 -20.93 -20.50
CA ILE D 184 -9.93 -19.81 -20.26
C ILE D 184 -10.35 -18.82 -19.17
N ILE D 185 -11.60 -18.91 -18.69
CA ILE D 185 -12.04 -18.01 -17.62
C ILE D 185 -12.07 -18.74 -16.27
N LYS D 186 -11.29 -18.24 -15.31
CA LYS D 186 -11.11 -18.90 -14.02
C LYS D 186 -12.06 -18.41 -12.95
N GLY D 187 -12.79 -17.33 -13.23
CA GLY D 187 -13.67 -16.79 -12.23
C GLY D 187 -14.50 -15.66 -12.79
N GLN D 188 -15.69 -15.45 -12.22
CA GLN D 188 -16.59 -14.38 -12.63
C GLN D 188 -17.14 -13.62 -11.42
N VAL D 189 -17.09 -12.30 -11.49
CA VAL D 189 -17.65 -11.45 -10.45
C VAL D 189 -18.83 -10.63 -10.96
N LEU D 190 -20.01 -10.92 -10.42
CA LEU D 190 -21.26 -10.31 -10.86
C LEU D 190 -21.78 -9.34 -9.82
N ILE D 191 -21.62 -8.07 -10.10
CA ILE D 191 -22.03 -7.03 -9.20
C ILE D 191 -23.38 -6.51 -9.65
N TYR D 192 -24.37 -6.75 -8.82
CA TYR D 192 -25.74 -6.51 -9.11
C TYR D 192 -26.13 -6.59 -10.58
N PRO D 193 -25.98 -7.75 -11.16
CA PRO D 193 -26.15 -7.93 -12.60
C PRO D 193 -27.62 -7.91 -13.04
N VAL D 194 -27.85 -7.53 -14.30
CA VAL D 194 -29.12 -7.75 -14.99
C VAL D 194 -29.09 -9.16 -15.57
N THR D 195 -30.10 -9.96 -15.26
CA THR D 195 -30.17 -11.35 -15.73
C THR D 195 -31.50 -11.66 -16.40
N ASP D 196 -32.45 -10.72 -16.34
CA ASP D 196 -33.79 -10.95 -16.86
C ASP D 196 -34.56 -9.66 -17.27
N ASP D 197 -35.72 -9.86 -17.92
CA ASP D 197 -36.56 -8.75 -18.39
C ASP D 197 -37.97 -8.75 -17.80
N ASN D 198 -38.14 -9.43 -16.67
CA ASN D 198 -39.39 -9.37 -15.96
C ASN D 198 -39.38 -8.12 -15.09
N PHE D 199 -40.19 -7.14 -15.47
CA PHE D 199 -40.19 -5.85 -14.80
C PHE D 199 -41.26 -5.83 -13.74
N GLU D 200 -41.76 -7.02 -13.41
CA GLU D 200 -42.76 -7.13 -12.37
C GLU D 200 -42.38 -8.18 -11.29
N THR D 201 -41.08 -8.40 -11.08
CA THR D 201 -40.65 -9.15 -9.90
C THR D 201 -40.91 -8.31 -8.67
N ASP D 202 -40.81 -8.95 -7.51
CA ASP D 202 -41.11 -8.29 -6.24
C ASP D 202 -40.22 -7.08 -5.97
N SER D 203 -38.94 -7.20 -6.29
CA SER D 203 -38.03 -6.08 -6.03
C SER D 203 -38.31 -4.96 -7.03
N TYR D 204 -38.64 -5.35 -8.26
CA TYR D 204 -39.05 -4.36 -9.26
C TYR D 204 -40.25 -3.56 -8.76
N LYS D 205 -41.26 -4.25 -8.25
CA LYS D 205 -42.44 -3.59 -7.69
C LYS D 205 -42.13 -2.72 -6.48
N GLN D 206 -41.31 -3.23 -5.57
CA GLN D 206 -41.07 -2.51 -4.32
C GLN D 206 -40.24 -1.23 -4.54
N PHE D 207 -39.28 -1.28 -5.48
CA PHE D 207 -38.34 -0.16 -5.63
C PHE D 207 -38.41 0.50 -7.00
N ALA D 208 -39.54 0.37 -7.68
CA ALA D 208 -39.67 0.82 -9.08
C ALA D 208 -39.26 2.27 -9.31
N GLU D 209 -39.50 3.10 -8.29
CA GLU D 209 -39.21 4.52 -8.38
C GLU D 209 -38.42 4.93 -7.14
N ASN D 210 -37.85 6.14 -7.19
CA ASN D 210 -37.19 6.76 -6.04
C ASN D 210 -35.86 6.14 -5.64
N TYR D 211 -35.22 5.44 -6.57
CA TYR D 211 -33.79 5.16 -6.43
C TYR D 211 -33.15 5.58 -7.76
N TYR D 212 -31.84 5.43 -7.93
CA TYR D 212 -31.27 5.80 -9.23
C TYR D 212 -31.78 4.89 -10.34
N LEU D 213 -31.59 3.59 -10.17
CA LEU D 213 -32.09 2.66 -11.17
C LEU D 213 -33.59 2.43 -10.96
N THR D 214 -34.39 2.87 -11.93
CA THR D 214 -35.85 2.77 -11.89
C THR D 214 -36.32 1.78 -12.94
N ARG D 215 -37.60 1.40 -12.87
CA ARG D 215 -38.17 0.50 -13.89
C ARG D 215 -38.16 1.14 -15.28
N LYS D 216 -38.55 2.40 -15.37
CA LYS D 216 -38.51 3.11 -16.66
C LYS D 216 -37.12 3.10 -17.28
N LEU D 217 -36.12 3.43 -16.48
CA LEU D 217 -34.74 3.46 -16.92
C LEU D 217 -34.33 2.10 -17.48
N MET D 218 -34.73 1.02 -16.82
CA MET D 218 -34.45 -0.34 -17.28
C MET D 218 -35.13 -0.71 -18.59
N VAL D 219 -36.39 -0.29 -18.74
CA VAL D 219 -37.14 -0.54 -19.98
C VAL D 219 -36.44 0.18 -21.13
N TRP D 220 -36.08 1.42 -20.88
CA TRP D 220 -35.33 2.24 -21.82
C TRP D 220 -34.00 1.57 -22.24
N PHE D 221 -33.26 1.07 -21.26
CA PHE D 221 -32.03 0.34 -21.55
C PHE D 221 -32.29 -0.87 -22.43
N PHE D 222 -33.24 -1.71 -22.02
CA PHE D 222 -33.54 -2.92 -22.79
C PHE D 222 -34.01 -2.59 -24.21
N ASP D 223 -34.74 -1.48 -24.34
CA ASP D 223 -35.28 -1.05 -25.62
C ASP D 223 -34.18 -0.61 -26.56
N HIS D 224 -33.17 0.08 -26.04
CA HIS D 224 -32.03 0.42 -26.89
C HIS D 224 -31.21 -0.81 -27.22
N TYR D 225 -31.03 -1.68 -26.23
CA TYR D 225 -30.14 -2.84 -26.34
C TYR D 225 -30.74 -3.98 -27.17
N ILE D 226 -32.00 -4.32 -26.87
CA ILE D 226 -32.72 -5.38 -27.56
C ILE D 226 -34.09 -4.90 -27.96
N PRO D 227 -34.16 -4.25 -29.13
CA PRO D 227 -35.43 -3.72 -29.66
C PRO D 227 -36.47 -4.82 -29.87
N ASP D 228 -36.05 -5.97 -30.39
CA ASP D 228 -36.95 -7.06 -30.69
C ASP D 228 -37.15 -8.04 -29.52
N LYS D 229 -38.36 -8.03 -28.94
CA LYS D 229 -38.68 -8.85 -27.77
C LYS D 229 -38.33 -10.33 -27.96
N LYS D 230 -38.38 -10.77 -29.21
CA LYS D 230 -38.02 -12.14 -29.53
C LYS D 230 -36.61 -12.42 -29.05
N ASP D 231 -35.70 -11.51 -29.38
CA ASP D 231 -34.30 -11.65 -29.02
C ASP D 231 -34.08 -11.59 -27.51
N ARG D 232 -35.02 -10.98 -26.78
CA ARG D 232 -34.91 -10.93 -25.33
C ARG D 232 -35.04 -12.34 -24.73
N GLN D 233 -35.39 -13.33 -25.53
CA GLN D 233 -35.47 -14.70 -25.01
C GLN D 233 -34.16 -15.48 -25.07
N SER D 234 -33.15 -14.91 -25.72
CA SER D 234 -31.85 -15.56 -25.79
C SER D 234 -31.22 -15.63 -24.39
N ILE D 235 -30.49 -16.70 -24.10
CA ILE D 235 -29.81 -16.82 -22.81
C ILE D 235 -28.59 -15.90 -22.77
N PHE D 236 -28.19 -15.40 -23.93
CA PHE D 236 -27.07 -14.49 -24.00
C PHE D 236 -27.55 -13.07 -23.75
N ALA D 237 -28.87 -12.90 -23.65
CA ALA D 237 -29.46 -11.63 -23.27
C ALA D 237 -29.96 -11.66 -21.82
N CYS D 238 -30.70 -12.72 -21.51
CA CYS D 238 -31.25 -12.94 -20.17
C CYS D 238 -30.82 -14.32 -19.71
N PRO D 239 -29.63 -14.42 -19.10
CA PRO D 239 -29.06 -15.74 -18.79
C PRO D 239 -29.85 -16.49 -17.71
N LEU D 240 -30.74 -15.78 -17.02
CA LEU D 240 -31.64 -16.42 -16.08
C LEU D 240 -32.54 -17.41 -16.82
N LYS D 241 -32.69 -17.23 -18.14
CA LYS D 241 -33.50 -18.11 -18.98
C LYS D 241 -32.79 -19.39 -19.41
N ALA D 242 -31.51 -19.49 -19.10
CA ALA D 242 -30.75 -20.71 -19.41
C ALA D 242 -31.24 -21.90 -18.59
N SER D 243 -31.01 -23.11 -19.11
CA SER D 243 -31.36 -24.32 -18.36
C SER D 243 -30.27 -24.64 -17.35
N ILE D 244 -30.57 -25.53 -16.41
CA ILE D 244 -29.60 -25.96 -15.42
C ILE D 244 -28.38 -26.59 -16.10
N ASP D 245 -28.62 -27.43 -17.11
CA ASP D 245 -27.53 -28.06 -17.87
C ASP D 245 -26.72 -27.06 -18.72
N ASP D 246 -27.39 -26.02 -19.23
CA ASP D 246 -26.70 -24.94 -19.91
C ASP D 246 -25.71 -24.23 -18.97
N LEU D 247 -26.03 -24.21 -17.68
CA LEU D 247 -25.30 -23.38 -16.72
C LEU D 247 -24.26 -24.23 -16.00
N ARG D 248 -24.17 -25.50 -16.39
CA ARG D 248 -23.20 -26.43 -15.79
C ARG D 248 -21.75 -26.08 -16.06
N VAL D 249 -20.88 -26.56 -15.16
CA VAL D 249 -19.42 -26.41 -15.20
C VAL D 249 -18.99 -25.03 -15.73
N LEU D 250 -19.57 -23.99 -15.15
CA LEU D 250 -19.17 -22.60 -15.40
C LEU D 250 -18.09 -22.16 -14.39
N PRO D 251 -17.41 -21.03 -14.65
CA PRO D 251 -16.34 -20.64 -13.72
C PRO D 251 -16.83 -20.26 -12.31
N ARG D 252 -15.99 -20.56 -11.33
CA ARG D 252 -16.17 -20.11 -9.93
C ARG D 252 -16.71 -18.68 -9.83
N ALA D 253 -17.81 -18.47 -9.10
CA ALA D 253 -18.57 -17.23 -9.20
C ALA D 253 -18.73 -16.49 -7.87
N LEU D 254 -18.77 -15.15 -7.94
CA LEU D 254 -19.19 -14.33 -6.81
C LEU D 254 -20.33 -13.43 -7.25
N VAL D 255 -21.51 -13.56 -6.66
CA VAL D 255 -22.65 -12.73 -7.03
C VAL D 255 -23.07 -11.81 -5.91
N ILE D 256 -22.99 -10.51 -6.17
CA ILE D 256 -23.32 -9.53 -5.15
C ILE D 256 -24.59 -8.81 -5.54
N THR D 257 -25.57 -8.81 -4.63
CA THR D 257 -26.80 -8.11 -4.92
C THR D 257 -27.04 -7.02 -3.90
N ALA D 258 -27.83 -6.03 -4.30
CA ALA D 258 -28.21 -4.94 -3.44
C ALA D 258 -29.62 -5.19 -2.94
N GLU D 259 -29.84 -4.94 -1.66
CA GLU D 259 -31.14 -5.18 -1.06
C GLU D 259 -32.22 -4.26 -1.66
N ALA D 260 -31.90 -2.97 -1.78
CA ALA D 260 -32.86 -2.01 -2.30
C ALA D 260 -32.62 -1.72 -3.78
N ASP D 261 -32.96 -2.69 -4.62
CA ASP D 261 -32.61 -2.67 -6.03
C ASP D 261 -33.62 -3.52 -6.80
N VAL D 262 -34.16 -3.00 -7.90
CA VAL D 262 -35.17 -3.75 -8.68
C VAL D 262 -34.58 -5.05 -9.23
N LEU D 263 -33.28 -5.10 -9.38
CA LEU D 263 -32.63 -6.29 -9.93
C LEU D 263 -32.31 -7.34 -8.88
N ARG D 264 -32.65 -7.08 -7.62
CA ARG D 264 -32.25 -8.00 -6.55
C ARG D 264 -32.66 -9.45 -6.80
N GLU D 265 -33.95 -9.64 -7.09
CA GLU D 265 -34.51 -10.98 -7.24
C GLU D 265 -33.95 -11.75 -8.42
N GLU D 266 -33.76 -11.09 -9.56
CA GLU D 266 -33.30 -11.83 -10.72
C GLU D 266 -31.85 -12.24 -10.52
N GLY D 267 -31.07 -11.38 -9.86
CA GLY D 267 -29.69 -11.69 -9.56
C GLY D 267 -29.55 -12.87 -8.61
N GLU D 268 -30.32 -12.83 -7.52
CA GLU D 268 -30.30 -13.94 -6.56
C GLU D 268 -30.82 -15.24 -7.19
N ALA D 269 -31.85 -15.15 -8.04
CA ALA D 269 -32.37 -16.31 -8.74
C ALA D 269 -31.33 -16.90 -9.67
N TYR D 270 -30.57 -16.03 -10.34
CA TYR D 270 -29.52 -16.55 -11.20
C TYR D 270 -28.46 -17.27 -10.37
N ALA D 271 -28.15 -16.72 -9.20
CA ALA D 271 -27.20 -17.39 -8.32
C ALA D 271 -27.72 -18.80 -7.92
N ARG D 272 -29.00 -18.88 -7.57
CA ARG D 272 -29.63 -20.16 -7.26
C ARG D 272 -29.51 -21.16 -8.40
N LYS D 273 -29.77 -20.70 -9.63
CA LYS D 273 -29.57 -21.59 -10.76
C LYS D 273 -28.13 -22.06 -10.83
N LEU D 274 -27.15 -21.15 -10.63
CA LEU D 274 -25.75 -21.56 -10.69
C LEU D 274 -25.41 -22.61 -9.63
N ILE D 275 -26.02 -22.49 -8.46
CA ILE D 275 -25.87 -23.53 -7.43
C ILE D 275 -26.45 -24.84 -7.91
N GLU D 276 -27.69 -24.81 -8.44
CA GLU D 276 -28.31 -26.04 -8.94
C GLU D 276 -27.40 -26.73 -9.93
N ALA D 277 -26.68 -25.96 -10.73
CA ALA D 277 -25.82 -26.55 -11.77
C ALA D 277 -24.48 -27.07 -11.21
N GLY D 278 -24.31 -27.00 -9.90
CA GLY D 278 -23.14 -27.61 -9.29
C GLY D 278 -21.84 -26.84 -9.37
N ASN D 279 -21.94 -25.53 -9.60
CA ASN D 279 -20.74 -24.68 -9.65
C ASN D 279 -20.31 -24.15 -8.28
N ASP D 280 -19.06 -23.68 -8.17
CA ASP D 280 -18.62 -22.98 -6.96
C ASP D 280 -19.14 -21.55 -6.93
N VAL D 281 -20.23 -21.34 -6.20
CA VAL D 281 -20.93 -20.06 -6.22
C VAL D 281 -21.01 -19.45 -4.83
N THR D 282 -20.56 -18.21 -4.69
CA THR D 282 -20.72 -17.47 -3.45
C THR D 282 -21.68 -16.33 -3.73
N ALA D 283 -22.83 -16.32 -3.07
CA ALA D 283 -23.84 -15.30 -3.36
C ALA D 283 -24.16 -14.52 -2.12
N VAL D 284 -24.04 -13.20 -2.22
CA VAL D 284 -24.22 -12.35 -1.05
C VAL D 284 -25.11 -11.19 -1.40
N ARG D 285 -26.06 -10.92 -0.51
CA ARG D 285 -26.88 -9.71 -0.61
C ARG D 285 -26.37 -8.70 0.40
N TYR D 286 -25.97 -7.52 -0.06
CA TYR D 286 -25.57 -6.47 0.87
C TYR D 286 -26.77 -5.63 1.28
N LEU D 287 -26.90 -5.42 2.59
CA LEU D 287 -28.03 -4.69 3.15
C LEU D 287 -27.82 -3.19 3.24
N GLY D 288 -28.91 -2.45 3.07
CA GLY D 288 -28.91 -1.01 3.19
C GLY D 288 -28.29 -0.24 2.04
N ILE D 289 -28.08 -0.90 0.89
CA ILE D 289 -27.51 -0.21 -0.24
C ILE D 289 -28.43 -0.14 -1.44
N ILE D 290 -28.12 0.77 -2.36
CA ILE D 290 -28.85 0.87 -3.62
C ILE D 290 -27.95 0.43 -4.76
N HIS D 291 -28.57 0.16 -5.90
CA HIS D 291 -27.86 -0.04 -7.15
C HIS D 291 -27.14 1.27 -7.52
N GLY D 292 -25.97 1.18 -8.17
CA GLY D 292 -25.32 2.38 -8.65
C GLY D 292 -24.14 2.90 -7.86
N ILE D 293 -23.50 2.04 -7.08
CA ILE D 293 -22.37 2.44 -6.26
C ILE D 293 -21.06 2.60 -7.04
N PHE D 294 -20.93 1.84 -8.11
CA PHE D 294 -19.63 1.70 -8.74
C PHE D 294 -19.41 2.52 -10.01
N ASN D 295 -20.36 3.39 -10.35
CA ASN D 295 -20.19 4.26 -11.51
C ASN D 295 -20.26 5.75 -11.20
N LEU D 296 -19.69 6.14 -10.07
CA LEU D 296 -19.71 7.53 -9.65
C LEU D 296 -18.29 8.05 -9.50
N ALA D 297 -18.16 9.36 -9.28
CA ALA D 297 -16.86 10.02 -9.14
C ALA D 297 -16.21 9.64 -7.82
N THR D 298 -17.07 9.36 -6.84
CA THR D 298 -16.64 8.97 -5.50
C THR D 298 -17.06 7.54 -5.18
N LEU D 299 -16.55 7.01 -4.07
CA LEU D 299 -16.89 5.66 -3.66
C LEU D 299 -17.37 5.68 -2.21
N SER D 300 -18.58 5.17 -1.98
CA SER D 300 -19.14 5.08 -0.62
C SER D 300 -18.37 4.12 0.25
N PRO D 301 -18.45 4.30 1.58
CA PRO D 301 -17.83 3.35 2.51
C PRO D 301 -18.25 1.91 2.25
N THR D 302 -19.53 1.67 2.03
CA THR D 302 -19.95 0.30 1.76
C THR D 302 -19.41 -0.18 0.42
N GLY D 303 -19.34 0.70 -0.56
CA GLY D 303 -18.69 0.35 -1.81
C GLY D 303 -17.26 -0.11 -1.58
N SER D 304 -16.53 0.60 -0.72
CA SER D 304 -15.15 0.24 -0.39
C SER D 304 -15.11 -1.12 0.32
N GLU D 305 -16.05 -1.35 1.24
CA GLU D 305 -16.11 -2.63 1.93
C GLU D 305 -16.31 -3.77 0.92
N ILE D 306 -17.22 -3.51 -0.01
CA ILE D 306 -17.53 -4.47 -1.06
C ILE D 306 -16.31 -4.76 -1.91
N LEU D 307 -15.55 -3.73 -2.28
CA LEU D 307 -14.32 -3.96 -3.04
C LEU D 307 -13.30 -4.81 -2.26
N ASP D 308 -13.17 -4.57 -0.96
CA ASP D 308 -12.31 -5.41 -0.12
C ASP D 308 -12.77 -6.89 -0.12
N HIS D 309 -14.08 -7.09 -0.08
CA HIS D 309 -14.66 -8.44 -0.17
C HIS D 309 -14.29 -9.11 -1.50
N ILE D 310 -14.55 -8.40 -2.58
CA ILE D 310 -14.20 -8.91 -3.91
C ILE D 310 -12.71 -9.24 -4.02
N VAL D 311 -11.85 -8.38 -3.49
CA VAL D 311 -10.41 -8.64 -3.56
C VAL D 311 -10.01 -9.90 -2.75
N ALA D 312 -10.56 -10.05 -1.55
CA ALA D 312 -10.27 -11.26 -0.79
C ALA D 312 -10.73 -12.50 -1.57
N TRP D 313 -11.90 -12.42 -2.19
CA TRP D 313 -12.42 -13.54 -3.00
C TRP D 313 -11.52 -13.84 -4.21
N LEU D 314 -11.05 -12.80 -4.89
CA LEU D 314 -10.10 -12.97 -5.99
C LEU D 314 -8.80 -13.62 -5.54
N GLN D 315 -8.28 -13.16 -4.40
CA GLN D 315 -7.04 -13.73 -3.87
C GLN D 315 -7.21 -15.21 -3.61
N LYS D 316 -8.36 -15.58 -3.05
CA LYS D 316 -8.64 -17.00 -2.87
C LYS D 316 -8.71 -17.77 -4.21
N THR D 317 -9.45 -17.22 -5.17
CA THR D 317 -9.54 -17.83 -6.51
C THR D 317 -8.16 -18.09 -7.11
N TRP D 318 -7.29 -17.08 -7.06
CA TRP D 318 -5.93 -17.21 -7.60
C TRP D 318 -5.12 -18.22 -6.82
N LYS D 319 -5.33 -18.32 -5.50
CA LYS D 319 -4.64 -19.39 -4.76
C LYS D 319 -5.09 -20.77 -5.22
N LEU D 320 -6.40 -20.91 -5.44
CA LEU D 320 -6.98 -22.17 -5.95
C LEU D 320 -6.39 -22.53 -7.31
N GLU D 321 -6.31 -21.55 -8.22
CA GLU D 321 -5.75 -21.81 -9.53
C GLU D 321 -4.27 -22.15 -9.45
N HIS D 322 -3.59 -21.55 -8.48
CA HIS D 322 -2.15 -21.74 -8.39
C HIS D 322 -1.82 -23.13 -7.88
N HIS D 323 -2.51 -23.56 -6.83
CA HIS D 323 -2.33 -24.92 -6.34
C HIS D 323 -2.93 -25.99 -7.27
N HIS D 324 -3.61 -25.57 -8.34
CA HIS D 324 -4.17 -26.52 -9.30
C HIS D 324 -3.06 -27.07 -10.19
#